data_5F92
#
_entry.id   5F92
#
_cell.length_a   180.139
_cell.length_b   96.993
_cell.length_c   124.129
_cell.angle_alpha   90.00
_cell.angle_beta   103.38
_cell.angle_gamma   90.00
#
_symmetry.space_group_name_H-M   'C 1 2 1'
#
loop_
_entity.id
_entity.type
_entity.pdbx_description
1 polymer 'Fumarate hydratase class II'
2 non-polymer 'FORMIC ACID'
3 non-polymer 'CHLORIDE ION'
4 non-polymer 'TETRAETHYLENE GLYCOL'
5 water water
#
_entity_poly.entity_id   1
_entity_poly.type   'polypeptide(L)'
_entity_poly.pdbx_seq_one_letter_code
;MHHHHHHSSGVDLGTENLYFQSAVDADSANYRIEHDTMGEVRVPAKALWRAQTQRAVENFPISGRGLERTQIRALGLLKG
ACAQVNSDLGLLAPEKADAIIAAAAEIADGQHDDQFPIDVFQTGSGTSSNMNTNEVIASIAAKGGVTLHPNDDVNMSQSS
NDTFPTATHIAATEAAVAHLIPALQQLHDALAAKALDWHTVVKSGRTHLMDAVPVTLGQEFSGYARQIEAGIERVRACLP
RLGELAIGGTAVGTGLNAPDDFGVRVVAVLVAQTGLSELRTAANSFEAQAARDGLVEASGALRTIAVSLTKIANDIRWMG
SGPLTGLAEIQLPDLQPGSSIMPGKVNPVLPEAVTQVAAQVIGNDAAIAWGGANGAFELNVYIPMMARNILESFKLLTNV
SRLFAQRCIAGLTANVEHLRRLAESSPSIVTPLNSAIGYEEAAAVAKQALKERKTIRQTVIDRGLIGDRLSIEDLDRRLD
VLAMAKAEQLDSDRL
;
_entity_poly.pdbx_strand_id   A,B,C,D
#
# COMPACT_ATOMS: atom_id res chain seq x y z
N TYR A 31 -23.26 0.05 -39.09
CA TYR A 31 -24.05 -0.05 -37.88
C TYR A 31 -25.40 -0.70 -38.10
N ARG A 32 -25.71 -1.74 -37.32
CA ARG A 32 -27.04 -2.35 -37.33
C ARG A 32 -27.84 -1.94 -36.08
N ILE A 33 -29.17 -2.07 -36.16
CA ILE A 33 -30.05 -1.67 -35.07
C ILE A 33 -30.57 -2.90 -34.33
N GLU A 34 -30.68 -2.81 -33.01
CA GLU A 34 -31.27 -3.89 -32.21
C GLU A 34 -32.22 -3.32 -31.15
N HIS A 35 -32.96 -4.19 -30.50
CA HIS A 35 -33.95 -3.75 -29.51
C HIS A 35 -34.00 -4.65 -28.29
N ASP A 36 -33.65 -4.08 -27.14
CA ASP A 36 -33.81 -4.77 -25.87
C ASP A 36 -35.07 -4.27 -25.19
N THR A 37 -35.33 -4.74 -23.96
CA THR A 37 -36.50 -4.32 -23.21
C THR A 37 -36.14 -3.36 -22.08
N MET A 38 -36.31 -2.07 -22.32
CA MET A 38 -36.82 -1.55 -23.58
C MET A 38 -35.94 -0.45 -24.16
N GLY A 39 -35.84 -0.41 -25.47
CA GLY A 39 -35.09 0.63 -26.16
C GLY A 39 -34.50 0.16 -27.48
N GLU A 40 -34.01 1.10 -28.27
CA GLU A 40 -33.29 0.79 -29.51
C GLU A 40 -31.80 1.12 -29.34
N VAL A 41 -30.94 0.18 -29.73
CA VAL A 41 -29.50 0.38 -29.60
C VAL A 41 -28.79 0.12 -30.93
N ARG A 42 -27.84 0.97 -31.27
CA ARG A 42 -27.04 0.78 -32.48
C ARG A 42 -25.77 0.00 -32.13
N VAL A 43 -25.51 -1.11 -32.83
CA VAL A 43 -24.21 -1.76 -32.68
C VAL A 43 -23.48 -1.78 -34.01
N PRO A 44 -22.14 -1.69 -33.96
CA PRO A 44 -21.31 -1.76 -35.18
C PRO A 44 -21.56 -3.02 -36.03
N ALA A 45 -21.63 -2.84 -37.33
CA ALA A 45 -21.96 -3.91 -38.27
C ALA A 45 -21.10 -5.17 -38.08
N LYS A 46 -19.79 -4.98 -37.94
CA LYS A 46 -18.86 -6.10 -37.77
C LYS A 46 -18.87 -6.72 -36.34
N ALA A 47 -19.60 -6.10 -35.41
CA ALA A 47 -19.63 -6.58 -34.03
C ALA A 47 -20.42 -7.88 -33.88
N LEU A 48 -19.83 -8.83 -33.16
CA LEU A 48 -20.50 -10.08 -32.83
C LEU A 48 -21.24 -9.98 -31.51
N TRP A 49 -21.02 -8.89 -30.76
CA TRP A 49 -21.78 -8.72 -29.53
C TRP A 49 -23.16 -8.18 -29.88
N ARG A 50 -24.05 -8.14 -28.89
CA ARG A 50 -25.40 -7.68 -29.14
C ARG A 50 -25.81 -6.55 -28.16
N ALA A 51 -27.09 -6.49 -27.83
CA ALA A 51 -27.64 -5.29 -27.18
C ALA A 51 -27.14 -5.07 -25.75
N GLN A 52 -27.06 -6.13 -24.97
CA GLN A 52 -26.62 -5.97 -23.59
C GLN A 52 -25.17 -5.51 -23.51
N THR A 53 -24.35 -5.99 -24.43
CA THR A 53 -22.97 -5.57 -24.48
C THR A 53 -22.90 -4.09 -24.88
N GLN A 54 -23.67 -3.70 -25.89
CA GLN A 54 -23.68 -2.31 -26.33
C GLN A 54 -24.16 -1.35 -25.22
N ARG A 55 -25.17 -1.74 -24.45
CA ARG A 55 -25.59 -0.96 -23.29
C ARG A 55 -24.47 -0.79 -22.25
N ALA A 56 -23.70 -1.85 -22.04
CA ALA A 56 -22.58 -1.79 -21.12
C ALA A 56 -21.47 -0.88 -21.66
N VAL A 57 -21.29 -0.90 -22.99
CA VAL A 57 -20.33 0.01 -23.64
C VAL A 57 -20.71 1.44 -23.31
N GLU A 58 -22.01 1.73 -23.38
CA GLU A 58 -22.53 3.06 -23.11
C GLU A 58 -22.55 3.43 -21.64
N ASN A 59 -22.72 2.42 -20.79
CA ASN A 59 -22.77 2.64 -19.35
C ASN A 59 -21.43 2.89 -18.68
N PHE A 60 -20.35 2.29 -19.18
CA PHE A 60 -19.09 2.37 -18.46
C PHE A 60 -17.90 2.93 -19.28
N PRO A 61 -18.04 4.13 -19.86
CA PRO A 61 -16.86 4.70 -20.54
C PRO A 61 -15.88 5.35 -19.55
N ILE A 62 -15.04 4.52 -18.94
CA ILE A 62 -14.29 4.93 -17.75
C ILE A 62 -12.79 4.89 -17.98
N SER A 63 -12.27 3.72 -18.35
CA SER A 63 -10.83 3.56 -18.58
C SER A 63 -10.49 3.38 -20.05
N GLY A 64 -11.46 2.99 -20.87
CA GLY A 64 -11.17 2.66 -22.26
C GLY A 64 -10.39 1.37 -22.46
N ARG A 65 -10.20 0.60 -21.40
CA ARG A 65 -9.47 -0.67 -21.47
C ARG A 65 -10.45 -1.79 -21.08
N GLY A 66 -10.48 -2.85 -21.89
CA GLY A 66 -11.35 -3.99 -21.67
C GLY A 66 -10.58 -5.20 -21.17
N LEU A 67 -11.20 -6.38 -21.24
CA LEU A 67 -10.55 -7.60 -20.77
C LEU A 67 -9.31 -7.94 -21.60
N GLU A 68 -8.34 -8.56 -20.95
CA GLU A 68 -7.17 -9.03 -21.66
C GLU A 68 -7.43 -10.37 -22.34
N ARG A 69 -6.52 -10.71 -23.25
CA ARG A 69 -6.54 -11.97 -23.96
C ARG A 69 -6.77 -13.17 -23.00
N THR A 70 -6.13 -13.18 -21.84
CA THR A 70 -6.18 -14.39 -21.01
C THR A 70 -7.57 -14.57 -20.36
N GLN A 71 -8.22 -13.47 -19.98
CA GLN A 71 -9.57 -13.54 -19.42
C GLN A 71 -10.58 -13.93 -20.49
N ILE A 72 -10.40 -13.36 -21.68
CA ILE A 72 -11.26 -13.69 -22.80
C ILE A 72 -11.14 -15.17 -23.13
N ARG A 73 -9.91 -15.67 -23.19
CA ARG A 73 -9.68 -17.10 -23.41
C ARG A 73 -10.41 -17.96 -22.38
N ALA A 74 -10.26 -17.58 -21.10
CA ALA A 74 -10.85 -18.38 -20.02
C ALA A 74 -12.38 -18.36 -20.07
N LEU A 75 -12.98 -17.23 -20.47
CA LEU A 75 -14.43 -17.17 -20.63
C LEU A 75 -14.86 -18.15 -21.74
N GLY A 76 -14.12 -18.17 -22.85
CA GLY A 76 -14.35 -19.15 -23.90
C GLY A 76 -14.20 -20.59 -23.41
N LEU A 77 -13.13 -20.89 -22.70
CA LEU A 77 -12.95 -22.23 -22.13
C LEU A 77 -14.14 -22.62 -21.23
N LEU A 78 -14.56 -21.71 -20.37
CA LEU A 78 -15.64 -22.01 -19.44
C LEU A 78 -16.95 -22.28 -20.18
N LYS A 79 -17.30 -21.43 -21.15
CA LYS A 79 -18.57 -21.62 -21.86
C LYS A 79 -18.62 -22.92 -22.65
N GLY A 80 -17.51 -23.33 -23.25
CA GLY A 80 -17.46 -24.61 -23.92
C GLY A 80 -17.67 -25.78 -22.98
N ALA A 81 -16.98 -25.75 -21.84
CA ALA A 81 -17.09 -26.81 -20.85
C ALA A 81 -18.52 -26.88 -20.28
N CYS A 82 -19.13 -25.73 -20.02
CA CYS A 82 -20.51 -25.70 -19.51
C CYS A 82 -21.49 -26.31 -20.53
N ALA A 83 -21.33 -26.00 -21.81
CA ALA A 83 -22.18 -26.58 -22.86
C ALA A 83 -21.97 -28.10 -22.95
N GLN A 84 -20.71 -28.51 -22.88
CA GLN A 84 -20.38 -29.95 -22.86
C GLN A 84 -21.16 -30.69 -21.76
N VAL A 85 -21.11 -30.14 -20.55
CA VAL A 85 -21.77 -30.75 -19.41
C VAL A 85 -23.30 -30.69 -19.52
N ASN A 86 -23.83 -29.56 -19.98
CA ASN A 86 -25.27 -29.47 -20.16
C ASN A 86 -25.76 -30.49 -21.21
N SER A 87 -24.99 -30.67 -22.30
CA SER A 87 -25.25 -31.71 -23.29
C SER A 87 -25.19 -33.11 -22.65
N ASP A 88 -24.08 -33.39 -21.95
CA ASP A 88 -23.90 -34.67 -21.24
C ASP A 88 -25.07 -35.01 -20.33
N LEU A 89 -25.63 -34.01 -19.66
CA LEU A 89 -26.69 -34.29 -18.70
C LEU A 89 -28.08 -34.27 -19.35
N GLY A 90 -28.13 -34.11 -20.67
CA GLY A 90 -29.40 -34.11 -21.39
C GLY A 90 -30.25 -32.85 -21.21
N LEU A 91 -29.63 -31.75 -20.82
CA LEU A 91 -30.37 -30.52 -20.54
C LEU A 91 -30.34 -29.58 -21.74
N LEU A 92 -29.40 -29.82 -22.63
CA LEU A 92 -29.15 -28.97 -23.78
C LEU A 92 -29.04 -29.84 -25.01
N ALA A 93 -29.86 -29.51 -26.02
CA ALA A 93 -29.82 -30.22 -27.30
C ALA A 93 -28.41 -30.24 -27.89
N PRO A 94 -27.95 -31.43 -28.31
CA PRO A 94 -26.59 -31.65 -28.83
C PRO A 94 -26.18 -30.70 -29.96
N GLU A 95 -27.11 -30.36 -30.84
CA GLU A 95 -26.79 -29.44 -31.94
C GLU A 95 -26.46 -28.04 -31.41
N LYS A 96 -27.22 -27.61 -30.41
CA LYS A 96 -26.97 -26.33 -29.74
C LYS A 96 -25.65 -26.40 -28.98
N ALA A 97 -25.45 -27.48 -28.24
CA ALA A 97 -24.20 -27.65 -27.50
C ALA A 97 -22.99 -27.64 -28.43
N ASP A 98 -23.08 -28.36 -29.55
CA ASP A 98 -21.96 -28.41 -30.49
C ASP A 98 -21.61 -27.05 -31.05
N ALA A 99 -22.62 -26.21 -31.26
CA ALA A 99 -22.38 -24.88 -31.81
C ALA A 99 -21.69 -24.00 -30.76
N ILE A 100 -22.12 -24.11 -29.51
CA ILE A 100 -21.48 -23.34 -28.43
C ILE A 100 -20.03 -23.77 -28.29
N ILE A 101 -19.81 -25.10 -28.24
CA ILE A 101 -18.47 -25.64 -28.12
C ILE A 101 -17.57 -25.15 -29.27
N ALA A 102 -18.08 -25.13 -30.50
CA ALA A 102 -17.25 -24.65 -31.62
C ALA A 102 -16.93 -23.16 -31.47
N ALA A 103 -17.96 -22.37 -31.17
CA ALA A 103 -17.80 -20.92 -30.97
C ALA A 103 -16.83 -20.63 -29.83
N ALA A 104 -17.08 -21.25 -28.68
CA ALA A 104 -16.25 -21.07 -27.50
C ALA A 104 -14.79 -21.43 -27.80
N ALA A 105 -14.59 -22.45 -28.64
CA ALA A 105 -13.23 -22.82 -29.02
C ALA A 105 -12.54 -21.70 -29.80
N GLU A 106 -13.29 -21.01 -30.64
CA GLU A 106 -12.73 -19.90 -31.41
C GLU A 106 -12.29 -18.76 -30.46
N ILE A 107 -13.14 -18.43 -29.48
CA ILE A 107 -12.81 -17.42 -28.49
C ILE A 107 -11.59 -17.82 -27.66
N ALA A 108 -11.56 -19.07 -27.20
CA ALA A 108 -10.43 -19.57 -26.41
C ALA A 108 -9.14 -19.57 -27.19
N ASP A 109 -9.25 -19.68 -28.51
CA ASP A 109 -8.09 -19.69 -29.42
C ASP A 109 -7.65 -18.26 -29.77
N GLY A 110 -8.33 -17.27 -29.21
CA GLY A 110 -7.94 -15.87 -29.39
C GLY A 110 -8.33 -15.28 -30.72
N GLN A 111 -9.38 -15.81 -31.34
CA GLN A 111 -9.84 -15.29 -32.63
C GLN A 111 -10.81 -14.11 -32.55
N HIS A 112 -11.28 -13.81 -31.34
CA HIS A 112 -12.34 -12.81 -31.20
C HIS A 112 -12.05 -11.80 -30.10
N ASP A 113 -10.77 -11.54 -29.85
CA ASP A 113 -10.37 -10.63 -28.79
C ASP A 113 -10.92 -9.22 -28.98
N ASP A 114 -11.25 -8.88 -30.23
CA ASP A 114 -11.77 -7.55 -30.58
C ASP A 114 -13.29 -7.49 -30.40
N GLN A 115 -13.88 -8.57 -29.90
CA GLN A 115 -15.33 -8.60 -29.75
C GLN A 115 -15.76 -8.38 -28.31
N PHE A 116 -14.83 -7.90 -27.49
CA PHE A 116 -15.08 -7.71 -26.05
C PHE A 116 -14.75 -6.26 -25.64
N PRO A 117 -15.67 -5.34 -25.94
CA PRO A 117 -15.43 -3.89 -25.83
C PRO A 117 -15.71 -3.30 -24.44
N ILE A 118 -16.22 -4.10 -23.53
CA ILE A 118 -16.69 -3.55 -22.25
C ILE A 118 -15.51 -3.17 -21.34
N ASP A 119 -15.64 -2.02 -20.69
CA ASP A 119 -14.65 -1.54 -19.73
C ASP A 119 -14.38 -2.53 -18.61
N VAL A 120 -13.13 -2.61 -18.15
CA VAL A 120 -12.81 -3.30 -16.90
C VAL A 120 -13.71 -2.81 -15.76
N PHE A 121 -13.93 -1.48 -15.70
CA PHE A 121 -14.70 -0.91 -14.60
C PHE A 121 -16.20 -0.98 -14.86
N GLN A 122 -16.73 -2.19 -14.69
CA GLN A 122 -18.11 -2.51 -15.01
C GLN A 122 -18.78 -3.03 -13.75
N THR A 123 -20.02 -3.49 -13.85
CA THR A 123 -20.71 -4.09 -12.70
C THR A 123 -19.79 -5.10 -12.01
N GLY A 124 -19.76 -5.11 -10.68
CA GLY A 124 -18.65 -5.74 -9.96
C GLY A 124 -18.64 -7.26 -9.93
N SER A 125 -19.71 -7.87 -10.42
CA SER A 125 -19.80 -9.31 -10.54
C SER A 125 -19.15 -9.75 -11.84
N GLY A 126 -18.91 -8.79 -12.74
CA GLY A 126 -18.46 -9.13 -14.08
C GLY A 126 -19.59 -9.69 -14.95
N THR A 127 -20.83 -9.48 -14.53
CA THR A 127 -21.97 -9.96 -15.30
C THR A 127 -22.00 -9.38 -16.73
N SER A 128 -21.52 -8.16 -16.93
CA SER A 128 -21.55 -7.57 -18.28
C SER A 128 -20.65 -8.33 -19.24
N SER A 129 -19.44 -8.72 -18.78
CA SER A 129 -18.56 -9.50 -19.63
C SER A 129 -19.06 -10.93 -19.81
N ASN A 130 -19.73 -11.46 -18.79
CA ASN A 130 -20.38 -12.76 -18.96
C ASN A 130 -21.39 -12.73 -20.12
N MET A 131 -22.27 -11.73 -20.09
CA MET A 131 -23.27 -11.56 -21.15
C MET A 131 -22.62 -11.30 -22.50
N ASN A 132 -21.50 -10.56 -22.49
CA ASN A 132 -20.73 -10.27 -23.71
C ASN A 132 -20.28 -11.59 -24.36
N THR A 133 -19.85 -12.54 -23.53
CA THR A 133 -19.44 -13.84 -24.03
C THR A 133 -20.64 -14.59 -24.61
N ASN A 134 -21.75 -14.58 -23.90
CA ASN A 134 -22.96 -15.31 -24.31
C ASN A 134 -23.46 -14.75 -25.65
N GLU A 135 -23.41 -13.43 -25.78
CA GLU A 135 -23.91 -12.79 -26.99
C GLU A 135 -23.02 -13.11 -28.17
N VAL A 136 -21.70 -13.03 -27.96
CA VAL A 136 -20.76 -13.25 -29.05
C VAL A 136 -20.83 -14.72 -29.53
N ILE A 137 -20.94 -15.65 -28.60
CA ILE A 137 -21.11 -17.05 -28.95
C ILE A 137 -22.39 -17.26 -29.77
N ALA A 138 -23.49 -16.62 -29.39
CA ALA A 138 -24.72 -16.76 -30.16
C ALA A 138 -24.59 -16.19 -31.59
N SER A 139 -23.86 -15.08 -31.76
CA SER A 139 -23.66 -14.51 -33.10
C SER A 139 -22.73 -15.38 -33.96
N ILE A 140 -21.74 -16.00 -33.34
CA ILE A 140 -20.87 -16.90 -34.10
C ILE A 140 -21.68 -18.11 -34.56
N ALA A 141 -22.50 -18.65 -33.67
CA ALA A 141 -23.30 -19.84 -33.99
C ALA A 141 -24.32 -19.54 -35.08
N ALA A 142 -24.87 -18.33 -35.05
CA ALA A 142 -25.85 -17.89 -36.04
C ALA A 142 -25.25 -17.97 -37.43
N LYS A 143 -23.99 -17.59 -37.57
CA LYS A 143 -23.31 -17.62 -38.87
C LYS A 143 -23.23 -19.03 -39.44
N GLY A 144 -23.33 -20.04 -38.56
CA GLY A 144 -23.36 -21.43 -39.00
C GLY A 144 -24.76 -22.01 -39.03
N GLY A 145 -25.78 -21.18 -38.89
CA GLY A 145 -27.16 -21.62 -39.03
C GLY A 145 -27.78 -22.20 -37.77
N VAL A 146 -27.18 -21.95 -36.61
CA VAL A 146 -27.76 -22.44 -35.37
C VAL A 146 -28.21 -21.28 -34.47
N THR A 147 -29.48 -21.28 -34.08
CA THR A 147 -30.03 -20.26 -33.19
C THR A 147 -29.79 -20.60 -31.72
N LEU A 148 -29.08 -19.71 -31.03
CA LEU A 148 -28.81 -19.86 -29.60
C LEU A 148 -29.36 -18.67 -28.85
N HIS A 149 -30.05 -18.94 -27.75
CA HIS A 149 -30.43 -17.86 -26.84
C HIS A 149 -29.28 -17.57 -25.86
N PRO A 150 -28.74 -16.34 -25.88
CA PRO A 150 -27.56 -16.04 -25.04
C PRO A 150 -27.77 -16.46 -23.60
N ASN A 151 -28.91 -16.12 -23.00
CA ASN A 151 -29.13 -16.51 -21.63
C ASN A 151 -29.59 -17.95 -21.48
N ASP A 152 -30.62 -18.36 -22.22
CA ASP A 152 -31.24 -19.66 -21.95
C ASP A 152 -30.39 -20.83 -22.38
N ASP A 153 -29.60 -20.65 -23.45
CA ASP A 153 -28.72 -21.72 -23.91
C ASP A 153 -27.27 -21.54 -23.45
N VAL A 154 -26.66 -20.39 -23.76
CA VAL A 154 -25.21 -20.24 -23.50
C VAL A 154 -24.94 -20.07 -22.01
N ASN A 155 -25.91 -19.52 -21.27
CA ASN A 155 -25.79 -19.35 -19.82
C ASN A 155 -26.53 -20.42 -19.04
N MET A 156 -26.93 -21.51 -19.70
CA MET A 156 -27.69 -22.54 -19.00
C MET A 156 -26.89 -23.15 -17.83
N SER A 157 -27.56 -23.25 -16.66
CA SER A 157 -27.07 -23.81 -15.40
C SER A 157 -26.08 -22.88 -14.71
N GLN A 158 -25.93 -21.67 -15.23
CA GLN A 158 -24.93 -20.73 -14.72
C GLN A 158 -25.61 -19.51 -14.18
N SER A 159 -24.88 -18.69 -13.44
CA SER A 159 -25.54 -17.48 -13.02
C SER A 159 -24.70 -16.30 -13.42
N SER A 160 -25.17 -15.11 -13.08
CA SER A 160 -24.42 -13.93 -13.42
C SER A 160 -23.24 -13.71 -12.47
N ASN A 161 -23.06 -14.63 -11.49
CA ASN A 161 -22.15 -14.51 -10.34
C ASN A 161 -21.09 -15.59 -10.10
N ASP A 162 -21.26 -16.79 -10.65
CA ASP A 162 -20.26 -17.83 -10.43
C ASP A 162 -19.41 -18.03 -11.69
N THR A 163 -19.79 -17.36 -12.77
CA THR A 163 -19.07 -17.51 -14.04
C THR A 163 -17.83 -16.64 -14.17
N PHE A 164 -17.95 -15.33 -14.01
CA PHE A 164 -16.80 -14.44 -14.22
C PHE A 164 -15.64 -14.75 -13.25
N PRO A 165 -15.92 -14.98 -11.94
CA PRO A 165 -14.80 -15.34 -11.07
C PRO A 165 -14.18 -16.72 -11.39
N THR A 166 -14.99 -17.68 -11.87
CA THR A 166 -14.43 -18.92 -12.37
C THR A 166 -13.44 -18.68 -13.51
N ALA A 167 -13.84 -17.86 -14.47
CA ALA A 167 -12.98 -17.54 -15.59
C ALA A 167 -11.68 -16.84 -15.09
N THR A 168 -11.83 -15.99 -14.08
CA THR A 168 -10.70 -15.26 -13.52
C THR A 168 -9.68 -16.22 -12.91
N HIS A 169 -10.17 -17.19 -12.15
CA HIS A 169 -9.28 -18.17 -11.53
C HIS A 169 -8.68 -19.17 -12.53
N ILE A 170 -9.43 -19.52 -13.58
CA ILE A 170 -8.84 -20.31 -14.68
C ILE A 170 -7.66 -19.55 -15.32
N ALA A 171 -7.92 -18.30 -15.68
CA ALA A 171 -6.88 -17.50 -16.31
C ALA A 171 -5.66 -17.32 -15.40
N ALA A 172 -5.89 -17.09 -14.11
CA ALA A 172 -4.81 -16.85 -13.16
C ALA A 172 -4.01 -18.13 -12.91
N THR A 173 -4.71 -19.26 -12.84
CA THR A 173 -4.05 -20.55 -12.66
C THR A 173 -3.22 -20.89 -13.88
N GLU A 174 -3.80 -20.73 -15.06
CA GLU A 174 -3.04 -20.93 -16.29
C GLU A 174 -1.85 -19.98 -16.39
N ALA A 175 -2.05 -18.70 -16.04
CA ALA A 175 -0.94 -17.74 -16.05
C ALA A 175 0.20 -18.22 -15.15
N ALA A 176 -0.14 -18.72 -13.97
CA ALA A 176 0.88 -19.19 -13.03
C ALA A 176 1.63 -20.41 -13.55
N VAL A 177 0.87 -21.42 -13.97
CA VAL A 177 1.44 -22.73 -14.25
C VAL A 177 2.09 -22.80 -15.63
N ALA A 178 1.42 -22.26 -16.63
CA ALA A 178 1.89 -22.40 -18.00
C ALA A 178 2.86 -21.29 -18.42
N HIS A 179 2.84 -20.14 -17.76
CA HIS A 179 3.66 -19.02 -18.22
C HIS A 179 4.61 -18.45 -17.18
N LEU A 180 4.14 -18.09 -15.98
CA LEU A 180 5.06 -17.46 -15.03
C LEU A 180 6.10 -18.45 -14.50
N ILE A 181 5.69 -19.65 -14.09
CA ILE A 181 6.66 -20.53 -13.46
C ILE A 181 7.76 -20.92 -14.48
N PRO A 182 7.40 -21.24 -15.72
CA PRO A 182 8.49 -21.46 -16.68
C PRO A 182 9.42 -20.24 -16.92
N ALA A 183 8.87 -19.04 -16.95
CA ALA A 183 9.73 -17.85 -17.13
C ALA A 183 10.67 -17.65 -15.94
N LEU A 184 10.15 -17.82 -14.72
CA LEU A 184 10.98 -17.76 -13.53
C LEU A 184 12.06 -18.85 -13.56
N GLN A 185 11.70 -20.06 -14.00
CA GLN A 185 12.70 -21.13 -14.10
C GLN A 185 13.79 -20.76 -15.09
N GLN A 186 13.40 -20.14 -16.19
CA GLN A 186 14.38 -19.67 -17.15
C GLN A 186 15.32 -18.62 -16.51
N LEU A 187 14.75 -17.71 -15.73
CA LEU A 187 15.59 -16.71 -15.05
C LEU A 187 16.43 -17.38 -13.98
N HIS A 188 15.83 -18.29 -13.21
CA HIS A 188 16.62 -19.01 -12.22
C HIS A 188 17.83 -19.68 -12.86
N ASP A 189 17.59 -20.34 -13.97
CA ASP A 189 18.64 -21.11 -14.63
C ASP A 189 19.76 -20.21 -15.17
N ALA A 190 19.40 -19.03 -15.68
CA ALA A 190 20.38 -18.04 -16.13
C ALA A 190 21.25 -17.53 -14.99
N LEU A 191 20.62 -17.21 -13.85
CA LEU A 191 21.36 -16.77 -12.67
C LEU A 191 22.29 -17.87 -12.14
N ALA A 192 21.77 -19.09 -12.11
CA ALA A 192 22.53 -20.25 -11.61
C ALA A 192 23.74 -20.57 -12.49
N ALA A 193 23.56 -20.41 -13.79
CA ALA A 193 24.66 -20.64 -14.73
C ALA A 193 25.78 -19.62 -14.54
N LYS A 194 25.40 -18.37 -14.29
CA LYS A 194 26.38 -17.33 -13.95
C LYS A 194 27.09 -17.61 -12.65
N ALA A 195 26.33 -18.08 -11.67
CA ALA A 195 26.88 -18.41 -10.37
C ALA A 195 27.97 -19.47 -10.53
N LEU A 196 27.74 -20.42 -11.43
CA LEU A 196 28.71 -21.47 -11.71
C LEU A 196 29.92 -20.90 -12.46
N ASP A 197 29.69 -20.14 -13.53
CA ASP A 197 30.79 -19.51 -14.28
C ASP A 197 31.70 -18.68 -13.36
N TRP A 198 31.10 -18.03 -12.37
CA TRP A 198 31.80 -17.06 -11.54
C TRP A 198 32.16 -17.60 -10.16
N HIS A 199 32.20 -18.92 -10.05
CA HIS A 199 32.44 -19.61 -8.79
C HIS A 199 33.69 -19.13 -8.04
N THR A 200 34.74 -18.80 -8.79
CA THR A 200 36.01 -18.40 -8.18
C THR A 200 36.35 -16.93 -8.43
N VAL A 201 35.40 -16.17 -8.97
CA VAL A 201 35.63 -14.75 -9.20
C VAL A 201 35.52 -13.97 -7.87
N VAL A 202 36.64 -13.82 -7.18
CA VAL A 202 36.63 -13.25 -5.84
C VAL A 202 36.50 -11.72 -5.91
N LYS A 203 35.90 -11.14 -4.87
CA LYS A 203 35.66 -9.70 -4.80
C LYS A 203 35.38 -9.38 -3.35
N SER A 204 35.31 -8.09 -3.05
CA SER A 204 34.97 -7.66 -1.70
C SER A 204 33.46 -7.70 -1.46
N GLY A 205 33.06 -8.21 -0.29
CA GLY A 205 31.69 -8.07 0.17
C GLY A 205 31.38 -6.60 0.45
N ARG A 206 30.09 -6.26 0.45
CA ARG A 206 29.63 -4.94 0.91
C ARG A 206 28.48 -5.13 1.90
N THR A 207 28.61 -4.51 3.08
CA THR A 207 27.52 -4.49 4.05
C THR A 207 27.35 -3.06 4.50
N HIS A 208 26.10 -2.60 4.52
CA HIS A 208 25.79 -1.19 4.77
C HIS A 208 26.38 -0.30 3.70
N LEU A 209 26.70 -0.86 2.53
CA LEU A 209 27.47 -0.20 1.44
C LEU A 209 28.95 0.02 1.77
N MET A 210 29.43 -0.56 2.85
CA MET A 210 30.82 -0.37 3.26
C MET A 210 31.66 -1.62 3.00
N ASP A 211 32.97 -1.42 2.80
CA ASP A 211 33.89 -2.53 2.52
C ASP A 211 33.72 -3.65 3.52
N ALA A 212 33.68 -4.89 3.03
CA ALA A 212 33.58 -6.05 3.90
C ALA A 212 34.51 -7.17 3.40
N VAL A 213 34.54 -8.26 4.15
CA VAL A 213 35.38 -9.41 3.80
C VAL A 213 34.96 -10.09 2.49
N PRO A 214 35.87 -10.87 1.89
CA PRO A 214 35.62 -11.33 0.53
C PRO A 214 34.44 -12.29 0.34
N VAL A 215 33.85 -12.23 -0.85
CA VAL A 215 32.84 -13.17 -1.31
C VAL A 215 33.25 -13.52 -2.72
N THR A 216 32.49 -14.38 -3.40
CA THR A 216 32.67 -14.45 -4.84
C THR A 216 31.42 -13.93 -5.54
N LEU A 217 31.60 -13.46 -6.77
CA LEU A 217 30.46 -13.09 -7.62
C LEU A 217 29.50 -14.29 -7.76
N GLY A 218 30.04 -15.50 -7.87
CA GLY A 218 29.22 -16.70 -7.94
C GLY A 218 28.34 -16.90 -6.71
N GLN A 219 28.87 -16.65 -5.53
CA GLN A 219 28.07 -16.77 -4.30
C GLN A 219 26.90 -15.78 -4.29
N GLU A 220 27.15 -14.57 -4.76
CA GLU A 220 26.09 -13.55 -4.79
C GLU A 220 24.99 -13.96 -5.76
N PHE A 221 25.40 -14.42 -6.94
CA PHE A 221 24.43 -14.91 -7.90
C PHE A 221 23.75 -16.19 -7.49
N SER A 222 24.38 -17.03 -6.68
CA SER A 222 23.66 -18.20 -6.17
C SER A 222 22.56 -17.71 -5.20
N GLY A 223 22.84 -16.61 -4.50
CA GLY A 223 21.82 -15.94 -3.69
C GLY A 223 20.61 -15.43 -4.48
N TYR A 224 20.88 -14.71 -5.59
CA TYR A 224 19.81 -14.30 -6.52
C TYR A 224 19.02 -15.49 -7.04
N ALA A 225 19.73 -16.56 -7.42
CA ALA A 225 19.06 -17.75 -7.95
C ALA A 225 18.10 -18.33 -6.90
N ARG A 226 18.55 -18.41 -5.64
CA ARG A 226 17.70 -18.92 -4.55
C ARG A 226 16.43 -18.05 -4.39
N GLN A 227 16.57 -16.74 -4.52
CA GLN A 227 15.41 -15.85 -4.41
C GLN A 227 14.35 -16.20 -5.47
N ILE A 228 14.79 -16.46 -6.71
CA ILE A 228 13.86 -16.82 -7.78
C ILE A 228 13.31 -18.23 -7.59
N GLU A 229 14.16 -19.15 -7.14
CA GLU A 229 13.69 -20.49 -6.82
C GLU A 229 12.64 -20.47 -5.70
N ALA A 230 12.89 -19.66 -4.67
CA ALA A 230 11.91 -19.47 -3.60
C ALA A 230 10.63 -18.82 -4.15
N GLY A 231 10.80 -17.90 -5.11
CA GLY A 231 9.65 -17.31 -5.80
C GLY A 231 8.75 -18.37 -6.45
N ILE A 232 9.38 -19.31 -7.16
CA ILE A 232 8.62 -20.42 -7.77
C ILE A 232 7.90 -21.25 -6.69
N GLU A 233 8.59 -21.53 -5.59
CA GLU A 233 7.98 -22.24 -4.46
C GLU A 233 6.79 -21.45 -3.90
N ARG A 234 6.89 -20.12 -3.90
CA ARG A 234 5.80 -19.29 -3.37
C ARG A 234 4.59 -19.39 -4.29
N VAL A 235 4.82 -19.35 -5.59
CA VAL A 235 3.70 -19.47 -6.52
C VAL A 235 3.10 -20.88 -6.40
N ARG A 236 3.94 -21.92 -6.37
CA ARG A 236 3.43 -23.29 -6.25
CA ARG A 236 3.39 -23.27 -6.28
C ARG A 236 2.57 -23.43 -5.00
N ALA A 237 2.98 -22.77 -3.92
CA ALA A 237 2.28 -22.93 -2.64
C ALA A 237 0.89 -22.30 -2.63
N CYS A 238 0.64 -21.33 -3.50
CA CYS A 238 -0.69 -20.72 -3.56
C CYS A 238 -1.67 -21.50 -4.45
N LEU A 239 -1.17 -22.38 -5.33
CA LEU A 239 -2.03 -23.05 -6.30
C LEU A 239 -3.21 -23.87 -5.77
N PRO A 240 -3.04 -24.57 -4.62
CA PRO A 240 -4.22 -25.30 -4.10
C PRO A 240 -5.45 -24.42 -3.89
N ARG A 241 -5.26 -23.12 -3.64
CA ARG A 241 -6.41 -22.23 -3.45
C ARG A 241 -6.64 -21.32 -4.65
N LEU A 242 -5.59 -20.98 -5.38
CA LEU A 242 -5.78 -20.19 -6.60
C LEU A 242 -6.64 -20.96 -7.62
N GLY A 243 -6.45 -22.28 -7.69
CA GLY A 243 -7.13 -23.10 -8.68
C GLY A 243 -8.58 -23.43 -8.36
N GLU A 244 -9.07 -22.99 -7.20
CA GLU A 244 -10.47 -23.24 -6.83
C GLU A 244 -11.42 -22.43 -7.70
N LEU A 245 -12.44 -23.09 -8.22
CA LEU A 245 -13.42 -22.47 -9.12
C LEU A 245 -14.81 -22.47 -8.51
N ALA A 246 -15.53 -21.38 -8.70
CA ALA A 246 -16.84 -21.23 -8.11
C ALA A 246 -17.98 -21.88 -8.94
N ILE A 247 -17.67 -22.37 -10.14
CA ILE A 247 -18.72 -22.75 -11.09
C ILE A 247 -19.64 -23.82 -10.48
N GLY A 248 -20.94 -23.62 -10.65
CA GLY A 248 -21.91 -24.51 -10.05
C GLY A 248 -22.59 -23.94 -8.81
N GLY A 249 -22.03 -22.88 -8.24
CA GLY A 249 -22.59 -22.29 -7.03
C GLY A 249 -23.77 -21.38 -7.34
N THR A 250 -23.94 -21.09 -8.64
CA THR A 250 -24.94 -20.15 -9.18
C THR A 250 -25.03 -18.87 -8.37
N ALA A 251 -26.24 -18.34 -8.12
CA ALA A 251 -26.31 -16.90 -7.76
C ALA A 251 -25.72 -16.55 -6.39
N VAL A 252 -25.89 -17.43 -5.40
CA VAL A 252 -25.47 -17.14 -4.02
C VAL A 252 -24.53 -18.18 -3.40
N GLY A 253 -24.19 -19.23 -4.14
CA GLY A 253 -23.31 -20.27 -3.63
C GLY A 253 -24.04 -21.57 -3.32
N THR A 254 -25.37 -21.53 -3.37
CA THR A 254 -26.20 -22.73 -3.07
C THR A 254 -26.36 -23.73 -4.20
N GLY A 255 -26.06 -23.31 -5.42
CA GLY A 255 -26.22 -24.20 -6.57
C GLY A 255 -27.66 -24.31 -7.06
N LEU A 256 -28.56 -23.53 -6.48
CA LEU A 256 -29.94 -23.46 -6.96
C LEU A 256 -29.99 -23.18 -8.47
N ASN A 257 -30.82 -23.95 -9.18
CA ASN A 257 -30.99 -23.86 -10.65
C ASN A 257 -29.80 -24.39 -11.43
N ALA A 258 -28.94 -25.16 -10.77
CA ALA A 258 -27.92 -25.94 -11.49
C ALA A 258 -28.03 -27.39 -11.05
N PRO A 259 -27.55 -28.32 -11.88
CA PRO A 259 -27.40 -29.71 -11.45
C PRO A 259 -26.48 -29.80 -10.24
N ASP A 260 -26.77 -30.72 -9.32
CA ASP A 260 -26.01 -30.82 -8.08
C ASP A 260 -24.53 -31.10 -8.31
N ASP A 261 -24.22 -31.74 -9.42
CA ASP A 261 -22.82 -32.11 -9.71
C ASP A 261 -22.25 -31.26 -10.85
N PHE A 262 -22.87 -30.12 -11.13
CA PHE A 262 -22.45 -29.29 -12.26
C PHE A 262 -21.00 -28.86 -12.10
N GLY A 263 -20.65 -28.38 -10.91
CA GLY A 263 -19.28 -27.98 -10.60
C GLY A 263 -18.24 -29.05 -10.88
N VAL A 264 -18.42 -30.24 -10.31
CA VAL A 264 -17.38 -31.22 -10.49
C VAL A 264 -17.32 -31.69 -11.94
N ARG A 265 -18.47 -31.73 -12.62
CA ARG A 265 -18.46 -32.11 -14.03
C ARG A 265 -17.77 -31.08 -14.92
N VAL A 266 -18.06 -29.81 -14.69
CA VAL A 266 -17.45 -28.77 -15.51
C VAL A 266 -15.92 -28.70 -15.29
N VAL A 267 -15.52 -28.78 -14.02
CA VAL A 267 -14.11 -28.78 -13.68
C VAL A 267 -13.40 -29.99 -14.32
N ALA A 268 -14.03 -31.16 -14.27
CA ALA A 268 -13.44 -32.32 -14.94
C ALA A 268 -13.21 -32.10 -16.43
N VAL A 269 -14.19 -31.51 -17.13
CA VAL A 269 -14.01 -31.21 -18.56
C VAL A 269 -12.86 -30.21 -18.76
N LEU A 270 -12.85 -29.14 -17.98
CA LEU A 270 -11.77 -28.16 -18.10
C LEU A 270 -10.39 -28.81 -17.88
N VAL A 271 -10.28 -29.68 -16.87
CA VAL A 271 -8.99 -30.35 -16.61
C VAL A 271 -8.61 -31.25 -17.78
N ALA A 272 -9.59 -32.01 -18.29
CA ALA A 272 -9.32 -32.94 -19.39
C ALA A 272 -8.88 -32.21 -20.63
N GLN A 273 -9.53 -31.08 -20.90
CA GLN A 273 -9.23 -30.30 -22.10
C GLN A 273 -7.95 -29.46 -22.02
N THR A 274 -7.72 -28.80 -20.89
CA THR A 274 -6.58 -27.90 -20.73
C THR A 274 -5.30 -28.59 -20.23
N GLY A 275 -5.45 -29.70 -19.54
CA GLY A 275 -4.34 -30.33 -18.86
C GLY A 275 -3.95 -29.63 -17.56
N LEU A 276 -4.70 -28.60 -17.18
CA LEU A 276 -4.42 -27.85 -15.94
C LEU A 276 -4.98 -28.58 -14.73
N SER A 277 -4.22 -29.50 -14.17
CA SER A 277 -4.75 -30.34 -13.10
C SER A 277 -4.95 -29.55 -11.80
N GLU A 278 -4.42 -28.32 -11.74
CA GLU A 278 -4.54 -27.50 -10.54
C GLU A 278 -5.97 -26.96 -10.37
N LEU A 279 -6.75 -26.96 -11.44
CA LEU A 279 -8.15 -26.52 -11.34
C LEU A 279 -8.94 -27.51 -10.52
N ARG A 280 -9.78 -26.99 -9.63
CA ARG A 280 -10.56 -27.83 -8.73
C ARG A 280 -11.81 -27.10 -8.30
N THR A 281 -12.81 -27.85 -7.89
CA THR A 281 -14.03 -27.25 -7.37
C THR A 281 -13.71 -26.63 -6.00
N ALA A 282 -14.41 -25.57 -5.61
CA ALA A 282 -14.04 -24.89 -4.38
C ALA A 282 -14.30 -25.75 -3.15
N ALA A 283 -13.45 -25.62 -2.14
CA ALA A 283 -13.63 -26.34 -0.87
C ALA A 283 -14.96 -25.94 -0.22
N ASN A 284 -15.32 -24.67 -0.32
CA ASN A 284 -16.60 -24.20 0.24
C ASN A 284 -17.23 -23.24 -0.75
N SER A 285 -18.43 -23.56 -1.21
CA SER A 285 -19.03 -22.83 -2.32
C SER A 285 -19.40 -21.37 -1.99
N PHE A 286 -19.56 -21.07 -0.70
N PHE A 286 -19.60 -21.08 -0.70
CA PHE A 286 -19.92 -19.71 -0.30
CA PHE A 286 -19.94 -19.73 -0.28
C PHE A 286 -18.69 -18.84 -0.22
C PHE A 286 -18.69 -18.86 -0.23
N GLU A 287 -17.63 -19.38 0.38
CA GLU A 287 -16.35 -18.70 0.41
C GLU A 287 -15.86 -18.35 -1.00
N ALA A 288 -16.14 -19.22 -1.97
CA ALA A 288 -15.66 -19.03 -3.36
C ALA A 288 -16.43 -17.95 -4.12
N GLN A 289 -17.52 -17.44 -3.56
CA GLN A 289 -18.24 -16.36 -4.20
C GLN A 289 -18.30 -15.11 -3.32
N ALA A 290 -18.38 -15.33 -2.01
CA ALA A 290 -18.37 -14.19 -1.06
C ALA A 290 -17.01 -13.47 -1.01
N ALA A 291 -15.95 -14.16 -1.43
CA ALA A 291 -14.60 -13.62 -1.32
C ALA A 291 -13.79 -14.04 -2.55
N ARG A 292 -12.68 -13.33 -2.76
CA ARG A 292 -11.71 -13.65 -3.79
C ARG A 292 -10.36 -13.76 -3.11
N ASP A 293 -10.34 -14.41 -1.96
CA ASP A 293 -9.13 -14.45 -1.13
C ASP A 293 -7.97 -15.17 -1.83
N GLY A 294 -8.30 -16.12 -2.72
CA GLY A 294 -7.29 -16.81 -3.50
C GLY A 294 -6.48 -15.89 -4.41
N LEU A 295 -7.13 -14.83 -4.91
CA LEU A 295 -6.41 -13.84 -5.73
C LEU A 295 -5.52 -12.96 -4.85
N VAL A 296 -6.00 -12.64 -3.65
CA VAL A 296 -5.20 -11.85 -2.71
C VAL A 296 -3.98 -12.64 -2.30
N GLU A 297 -4.18 -13.92 -2.00
CA GLU A 297 -3.08 -14.80 -1.61
C GLU A 297 -2.06 -14.85 -2.74
N ALA A 298 -2.53 -15.03 -3.98
CA ALA A 298 -1.62 -15.19 -5.12
C ALA A 298 -0.87 -13.89 -5.39
N SER A 299 -1.54 -12.76 -5.22
CA SER A 299 -0.87 -11.46 -5.45
C SER A 299 0.28 -11.28 -4.45
N GLY A 300 0.11 -11.83 -3.24
CA GLY A 300 1.17 -11.80 -2.24
C GLY A 300 2.43 -12.48 -2.72
N ALA A 301 2.28 -13.63 -3.37
CA ALA A 301 3.44 -14.33 -3.94
C ALA A 301 4.08 -13.51 -5.06
N LEU A 302 3.26 -12.90 -5.92
CA LEU A 302 3.80 -12.04 -6.99
C LEU A 302 4.55 -10.82 -6.43
N ARG A 303 3.99 -10.26 -5.38
CA ARG A 303 4.55 -9.10 -4.69
C ARG A 303 5.92 -9.46 -4.06
N THR A 304 6.04 -10.66 -3.49
CA THR A 304 7.30 -11.10 -2.93
C THR A 304 8.31 -11.30 -4.09
N ILE A 305 7.85 -11.85 -5.21
CA ILE A 305 8.75 -11.99 -6.35
C ILE A 305 9.21 -10.59 -6.83
N ALA A 306 8.30 -9.62 -6.83
CA ALA A 306 8.70 -8.24 -7.19
C ALA A 306 9.74 -7.67 -6.24
N VAL A 307 9.61 -7.97 -4.96
CA VAL A 307 10.57 -7.53 -3.93
C VAL A 307 11.93 -8.20 -4.20
N SER A 308 11.93 -9.50 -4.52
CA SER A 308 13.20 -10.16 -4.85
C SER A 308 13.84 -9.60 -6.10
N LEU A 309 13.01 -9.40 -7.14
CA LEU A 309 13.54 -8.91 -8.40
C LEU A 309 14.12 -7.52 -8.24
N THR A 310 13.52 -6.71 -7.36
CA THR A 310 14.01 -5.36 -7.10
C THR A 310 15.44 -5.42 -6.54
N LYS A 311 15.66 -6.32 -5.59
CA LYS A 311 16.99 -6.50 -5.00
C LYS A 311 18.02 -6.95 -6.05
N ILE A 312 17.64 -7.95 -6.84
CA ILE A 312 18.54 -8.52 -7.85
C ILE A 312 18.90 -7.48 -8.91
N ALA A 313 17.88 -6.82 -9.45
CA ALA A 313 18.10 -5.84 -10.50
C ALA A 313 18.89 -4.63 -10.00
N ASN A 314 18.64 -4.18 -8.78
N ASN A 314 18.60 -4.20 -8.78
CA ASN A 314 19.37 -3.01 -8.28
CA ASN A 314 19.33 -3.08 -8.19
C ASN A 314 20.83 -3.30 -7.93
C ASN A 314 20.81 -3.39 -8.07
N ASP A 315 21.12 -4.51 -7.43
CA ASP A 315 22.50 -4.96 -7.29
C ASP A 315 23.18 -5.03 -8.65
N ILE A 316 22.49 -5.55 -9.64
CA ILE A 316 23.13 -5.73 -10.93
C ILE A 316 23.41 -4.38 -11.61
N ARG A 317 22.48 -3.42 -11.54
CA ARG A 317 22.82 -2.14 -12.16
C ARG A 317 23.89 -1.44 -11.32
N TRP A 318 23.92 -1.63 -10.00
CA TRP A 318 25.03 -1.02 -9.24
C TRP A 318 26.36 -1.68 -9.59
N MET A 319 26.37 -3.00 -9.69
CA MET A 319 27.56 -3.71 -10.15
C MET A 319 28.06 -3.19 -11.51
N GLY A 320 27.13 -2.89 -12.42
CA GLY A 320 27.50 -2.40 -13.74
C GLY A 320 27.75 -0.90 -13.82
N SER A 321 27.61 -0.19 -12.71
CA SER A 321 27.72 1.27 -12.75
C SER A 321 29.13 1.75 -13.19
N GLY A 322 29.17 2.89 -13.88
CA GLY A 322 30.42 3.44 -14.36
C GLY A 322 30.22 4.07 -15.72
N PRO A 323 31.18 3.89 -16.64
CA PRO A 323 32.33 3.00 -16.52
C PRO A 323 33.46 3.47 -15.59
N LEU A 324 33.54 4.75 -15.24
CA LEU A 324 34.73 5.23 -14.53
C LEU A 324 34.48 5.88 -13.17
N THR A 325 33.24 6.23 -12.86
CA THR A 325 32.94 6.88 -11.59
C THR A 325 32.01 6.00 -10.71
N GLY A 326 31.84 4.75 -11.10
CA GLY A 326 30.97 3.84 -10.38
C GLY A 326 31.73 2.67 -9.79
N LEU A 327 31.06 1.51 -9.69
CA LEU A 327 31.64 0.31 -9.08
C LEU A 327 32.42 -0.52 -10.10
N ALA A 328 31.91 -0.53 -11.32
CA ALA A 328 32.51 -1.21 -12.48
C ALA A 328 32.89 -2.66 -12.20
N GLU A 329 32.04 -3.38 -11.49
CA GLU A 329 32.29 -4.80 -11.25
C GLU A 329 32.02 -5.67 -12.46
N ILE A 330 30.97 -5.35 -13.20
CA ILE A 330 30.58 -6.14 -14.34
C ILE A 330 30.22 -5.21 -15.47
N GLN A 331 30.03 -5.81 -16.64
CA GLN A 331 29.56 -5.11 -17.82
C GLN A 331 28.25 -5.76 -18.26
N LEU A 332 27.19 -4.96 -18.30
CA LEU A 332 25.93 -5.41 -18.89
C LEU A 332 25.98 -5.36 -20.40
N PRO A 333 25.31 -6.31 -21.08
CA PRO A 333 25.20 -6.18 -22.54
C PRO A 333 24.60 -4.84 -22.94
N ASP A 334 25.16 -4.22 -23.98
CA ASP A 334 24.56 -2.99 -24.54
C ASP A 334 23.27 -3.38 -25.24
N LEU A 335 22.19 -2.62 -25.03
CA LEU A 335 20.95 -2.93 -25.73
C LEU A 335 20.43 -1.80 -26.59
N GLN A 336 20.88 -0.57 -26.30
CA GLN A 336 20.48 0.62 -27.07
C GLN A 336 21.27 1.81 -26.60
N PRO A 337 21.39 2.86 -27.45
CA PRO A 337 22.10 4.05 -26.98
C PRO A 337 21.42 4.62 -25.72
N GLY A 338 22.23 5.08 -24.78
CA GLY A 338 21.68 5.48 -23.50
C GLY A 338 21.08 6.88 -23.45
N SER A 339 21.66 7.83 -24.17
CA SER A 339 21.27 9.22 -23.96
C SER A 339 21.14 9.99 -25.26
N SER A 340 20.03 10.72 -25.38
CA SER A 340 19.81 11.58 -26.54
C SER A 340 20.80 12.76 -26.57
N ILE A 341 21.46 13.06 -25.45
CA ILE A 341 22.36 14.21 -25.36
C ILE A 341 23.82 13.84 -25.01
N MET A 342 24.02 12.85 -24.14
CA MET A 342 25.38 12.48 -23.70
C MET A 342 25.92 11.33 -24.57
N PRO A 343 26.80 11.67 -25.53
CA PRO A 343 27.14 10.68 -26.55
C PRO A 343 27.98 9.51 -26.03
N GLY A 344 27.62 8.31 -26.48
CA GLY A 344 28.35 7.10 -26.13
C GLY A 344 27.92 6.42 -24.83
N LYS A 345 27.09 7.10 -24.05
CA LYS A 345 26.65 6.55 -22.76
C LYS A 345 25.65 5.39 -23.00
N VAL A 346 25.76 4.32 -22.22
CA VAL A 346 24.82 3.22 -22.30
C VAL A 346 24.30 2.94 -20.89
N ASN A 347 23.00 2.71 -20.78
CA ASN A 347 22.33 2.60 -19.50
C ASN A 347 21.79 1.18 -19.23
N PRO A 348 21.67 0.82 -17.94
CA PRO A 348 21.13 -0.50 -17.54
C PRO A 348 19.63 -0.57 -17.74
N VAL A 349 19.19 -0.63 -18.99
CA VAL A 349 17.78 -0.46 -19.26
C VAL A 349 16.93 -1.67 -18.86
N LEU A 350 17.51 -2.88 -18.86
CA LEU A 350 16.69 -4.02 -18.46
C LEU A 350 16.43 -4.00 -16.93
N PRO A 351 17.48 -3.73 -16.10
CA PRO A 351 17.19 -3.57 -14.67
C PRO A 351 16.19 -2.46 -14.42
N GLU A 352 16.23 -1.39 -15.20
CA GLU A 352 15.17 -0.37 -15.10
C GLU A 352 13.77 -0.90 -15.42
N ALA A 353 13.64 -1.66 -16.50
CA ALA A 353 12.34 -2.25 -16.82
C ALA A 353 11.87 -3.19 -15.68
N VAL A 354 12.79 -3.98 -15.13
CA VAL A 354 12.45 -4.90 -14.02
C VAL A 354 11.96 -4.15 -12.78
N THR A 355 12.68 -3.10 -12.38
CA THR A 355 12.29 -2.41 -11.14
C THR A 355 11.00 -1.62 -11.32
N GLN A 356 10.76 -1.12 -12.53
CA GLN A 356 9.46 -0.45 -12.79
C GLN A 356 8.32 -1.46 -12.80
N VAL A 357 8.55 -2.61 -13.40
CA VAL A 357 7.54 -3.67 -13.36
C VAL A 357 7.24 -4.04 -11.90
N ALA A 358 8.29 -4.18 -11.11
CA ALA A 358 8.12 -4.53 -9.69
C ALA A 358 7.27 -3.46 -8.98
N ALA A 359 7.51 -2.17 -9.26
CA ALA A 359 6.66 -1.14 -8.68
C ALA A 359 5.18 -1.32 -9.06
N GLN A 360 4.94 -1.67 -10.31
CA GLN A 360 3.58 -1.84 -10.80
C GLN A 360 2.88 -3.02 -10.12
N VAL A 361 3.61 -4.13 -9.94
CA VAL A 361 3.10 -5.32 -9.24
C VAL A 361 2.76 -4.96 -7.79
N ILE A 362 3.56 -4.12 -7.17
CA ILE A 362 3.30 -3.70 -5.79
C ILE A 362 2.02 -2.84 -5.72
N GLY A 363 1.88 -1.89 -6.63
CA GLY A 363 0.65 -1.11 -6.74
C GLY A 363 -0.58 -2.00 -7.01
N ASN A 364 -0.46 -2.85 -8.01
CA ASN A 364 -1.57 -3.77 -8.36
C ASN A 364 -1.96 -4.62 -7.16
N ASP A 365 -0.95 -5.06 -6.40
CA ASP A 365 -1.17 -5.87 -5.21
C ASP A 365 -2.02 -5.13 -4.17
N ALA A 366 -1.74 -3.84 -3.96
CA ALA A 366 -2.55 -3.04 -3.06
C ALA A 366 -4.01 -2.92 -3.57
N ALA A 367 -4.22 -2.76 -4.87
CA ALA A 367 -5.58 -2.63 -5.42
C ALA A 367 -6.37 -3.94 -5.20
N ILE A 368 -5.66 -5.05 -5.39
CA ILE A 368 -6.24 -6.41 -5.25
C ILE A 368 -6.71 -6.64 -3.82
N ALA A 369 -5.86 -6.30 -2.86
CA ALA A 369 -6.22 -6.51 -1.45
C ALA A 369 -7.39 -5.61 -1.06
N TRP A 370 -7.40 -4.38 -1.55
CA TRP A 370 -8.48 -3.47 -1.27
C TRP A 370 -9.81 -4.04 -1.79
N GLY A 371 -9.82 -4.48 -3.04
CA GLY A 371 -10.99 -5.16 -3.59
C GLY A 371 -11.37 -6.41 -2.78
N GLY A 372 -10.38 -7.19 -2.39
CA GLY A 372 -10.67 -8.46 -1.73
C GLY A 372 -11.39 -8.30 -0.39
N ALA A 373 -11.06 -7.22 0.32
CA ALA A 373 -11.53 -7.04 1.69
C ALA A 373 -12.95 -6.59 1.73
N ASN A 374 -13.47 -6.13 0.59
CA ASN A 374 -14.69 -5.34 0.61
C ASN A 374 -15.90 -6.02 -0.01
N GLY A 375 -15.93 -7.35 0.05
CA GLY A 375 -17.11 -8.05 -0.38
C GLY A 375 -18.23 -7.86 0.62
N ALA A 376 -19.46 -8.19 0.23
CA ALA A 376 -20.56 -8.14 1.18
C ALA A 376 -21.41 -9.38 1.03
N PHE A 377 -21.69 -10.03 2.15
CA PHE A 377 -22.61 -11.17 2.20
C PHE A 377 -22.26 -12.20 1.13
N GLU A 378 -23.16 -12.44 0.17
CA GLU A 378 -22.97 -13.58 -0.72
C GLU A 378 -22.07 -13.30 -1.93
N LEU A 379 -21.57 -12.08 -2.07
CA LEU A 379 -20.82 -11.80 -3.28
C LEU A 379 -19.77 -10.70 -3.11
N ASN A 380 -18.54 -10.99 -3.52
CA ASN A 380 -17.57 -9.92 -3.66
C ASN A 380 -17.73 -9.26 -5.03
N VAL A 381 -17.97 -7.95 -5.03
CA VAL A 381 -18.23 -7.24 -6.28
C VAL A 381 -17.07 -6.32 -6.68
N TYR A 382 -15.85 -6.83 -6.57
CA TYR A 382 -14.68 -6.14 -7.10
C TYR A 382 -13.96 -7.00 -8.13
N ILE A 383 -14.66 -7.97 -8.72
CA ILE A 383 -13.95 -9.00 -9.47
C ILE A 383 -13.26 -8.49 -10.74
N PRO A 384 -13.97 -7.68 -11.57
CA PRO A 384 -13.26 -7.21 -12.78
C PRO A 384 -11.98 -6.43 -12.48
N MET A 385 -12.03 -5.56 -11.49
CA MET A 385 -10.83 -4.79 -11.10
C MET A 385 -9.75 -5.76 -10.55
N MET A 386 -10.12 -6.71 -9.69
CA MET A 386 -9.11 -7.62 -9.13
C MET A 386 -8.50 -8.47 -10.24
N ALA A 387 -9.34 -8.91 -11.15
CA ALA A 387 -8.90 -9.73 -12.28
C ALA A 387 -7.90 -8.98 -13.15
N ARG A 388 -8.25 -7.75 -13.51
CA ARG A 388 -7.34 -6.94 -14.30
C ARG A 388 -5.95 -6.87 -13.62
N ASN A 389 -5.93 -6.58 -12.34
CA ASN A 389 -4.66 -6.37 -11.65
C ASN A 389 -3.84 -7.65 -11.46
N ILE A 390 -4.49 -8.75 -11.09
CA ILE A 390 -3.72 -9.97 -10.86
C ILE A 390 -3.19 -10.51 -12.19
N LEU A 391 -4.02 -10.47 -13.23
CA LEU A 391 -3.57 -11.00 -14.52
C LEU A 391 -2.49 -10.12 -15.16
N GLU A 392 -2.57 -8.81 -14.95
CA GLU A 392 -1.49 -7.95 -15.44
C GLU A 392 -0.20 -8.23 -14.69
N SER A 393 -0.28 -8.37 -13.36
CA SER A 393 0.93 -8.72 -12.62
C SER A 393 1.58 -10.02 -13.11
N PHE A 394 0.77 -11.06 -13.37
CA PHE A 394 1.31 -12.30 -13.93
C PHE A 394 2.04 -12.01 -15.26
N LYS A 395 1.34 -11.31 -16.16
CA LYS A 395 1.90 -10.99 -17.48
C LYS A 395 3.21 -10.19 -17.40
N LEU A 396 3.22 -9.10 -16.64
CA LEU A 396 4.44 -8.26 -16.57
C LEU A 396 5.64 -9.05 -16.02
N LEU A 397 5.42 -9.83 -14.97
CA LEU A 397 6.51 -10.61 -14.36
C LEU A 397 7.03 -11.69 -15.31
N THR A 398 6.10 -12.36 -16.00
CA THR A 398 6.46 -13.39 -16.98
C THR A 398 7.34 -12.81 -18.08
N ASN A 399 6.87 -11.74 -18.72
CA ASN A 399 7.57 -11.19 -19.85
C ASN A 399 8.89 -10.52 -19.45
N VAL A 400 8.91 -9.80 -18.33
CA VAL A 400 10.16 -9.10 -17.98
C VAL A 400 11.19 -10.09 -17.43
N SER A 401 10.74 -11.21 -16.86
CA SER A 401 11.68 -12.21 -16.36
C SER A 401 12.45 -12.88 -17.50
N ARG A 402 11.74 -13.23 -18.56
CA ARG A 402 12.37 -13.79 -19.75
C ARG A 402 13.34 -12.80 -20.39
N LEU A 403 12.93 -11.54 -20.52
CA LEU A 403 13.80 -10.52 -21.10
C LEU A 403 15.07 -10.28 -20.26
N PHE A 404 14.88 -10.21 -18.94
CA PHE A 404 15.98 -10.05 -17.99
C PHE A 404 16.98 -11.21 -18.14
N ALA A 405 16.48 -12.43 -18.20
CA ALA A 405 17.35 -13.59 -18.34
C ALA A 405 18.11 -13.55 -19.67
N GLN A 406 17.40 -13.25 -20.76
CA GLN A 406 17.98 -13.42 -22.09
C GLN A 406 18.79 -12.23 -22.58
N ARG A 407 18.33 -11.03 -22.26
CA ARG A 407 19.00 -9.82 -22.77
C ARG A 407 19.90 -9.13 -21.75
N CYS A 408 19.95 -9.65 -20.52
CA CYS A 408 20.84 -9.05 -19.56
C CYS A 408 21.70 -10.09 -18.84
N ILE A 409 21.07 -10.99 -18.08
CA ILE A 409 21.84 -11.94 -17.26
C ILE A 409 22.81 -12.79 -18.10
N ALA A 410 22.30 -13.35 -19.18
CA ALA A 410 23.08 -14.33 -19.96
C ALA A 410 24.40 -13.74 -20.46
N GLY A 411 24.40 -12.46 -20.83
CA GLY A 411 25.57 -11.85 -21.43
C GLY A 411 26.46 -11.04 -20.50
N LEU A 412 26.19 -11.05 -19.19
CA LEU A 412 27.02 -10.31 -18.24
C LEU A 412 28.46 -10.78 -18.32
N THR A 413 29.40 -9.85 -18.24
CA THR A 413 30.82 -10.23 -18.11
C THR A 413 31.43 -9.57 -16.89
N ALA A 414 32.30 -10.29 -16.20
CA ALA A 414 32.92 -9.76 -14.98
C ALA A 414 34.25 -9.11 -15.27
N ASN A 415 34.55 -8.03 -14.56
CA ASN A 415 35.88 -7.43 -14.59
C ASN A 415 36.76 -8.13 -13.54
N VAL A 416 37.26 -9.31 -13.90
CA VAL A 416 37.82 -10.24 -12.94
C VAL A 416 39.03 -9.65 -12.21
N GLU A 417 39.95 -9.05 -12.94
CA GLU A 417 41.16 -8.52 -12.31
C GLU A 417 40.89 -7.34 -11.39
N HIS A 418 40.02 -6.42 -11.81
CA HIS A 418 39.58 -5.28 -10.99
C HIS A 418 38.98 -5.75 -9.66
N LEU A 419 38.08 -6.74 -9.74
CA LEU A 419 37.45 -7.29 -8.55
C LEU A 419 38.48 -7.89 -7.58
N ARG A 420 39.43 -8.64 -8.13
CA ARG A 420 40.42 -9.30 -7.29
C ARG A 420 41.36 -8.25 -6.69
N ARG A 421 41.71 -7.24 -7.48
CA ARG A 421 42.62 -6.21 -6.98
C ARG A 421 42.01 -5.46 -5.81
N LEU A 422 40.73 -5.12 -5.90
CA LEU A 422 40.11 -4.42 -4.78
C LEU A 422 40.07 -5.32 -3.54
N ALA A 423 39.67 -6.59 -3.71
CA ALA A 423 39.66 -7.55 -2.61
C ALA A 423 41.04 -7.63 -1.91
N GLU A 424 42.09 -7.73 -2.72
CA GLU A 424 43.45 -7.92 -2.22
C GLU A 424 44.05 -6.64 -1.61
N SER A 425 43.36 -5.53 -1.81
CA SER A 425 43.81 -4.25 -1.31
C SER A 425 43.00 -3.80 -0.10
N SER A 426 42.11 -4.66 0.39
CA SER A 426 41.15 -4.21 1.40
C SER A 426 41.64 -4.32 2.83
N PRO A 427 41.44 -3.25 3.62
CA PRO A 427 41.67 -3.29 5.05
C PRO A 427 40.97 -4.48 5.73
N SER A 428 39.86 -4.95 5.16
CA SER A 428 39.15 -6.11 5.72
C SER A 428 39.97 -7.40 5.78
N ILE A 429 41.03 -7.53 4.98
CA ILE A 429 41.74 -8.80 4.96
C ILE A 429 43.02 -8.80 5.78
N VAL A 430 43.29 -7.75 6.57
CA VAL A 430 44.51 -7.77 7.39
C VAL A 430 44.33 -8.61 8.64
N THR A 431 43.10 -8.95 9.01
CA THR A 431 42.84 -9.67 10.25
C THR A 431 43.64 -10.99 10.35
N PRO A 432 43.72 -11.80 9.27
CA PRO A 432 44.55 -13.00 9.41
C PRO A 432 46.06 -12.76 9.52
N LEU A 433 46.48 -11.50 9.54
CA LEU A 433 47.89 -11.16 9.78
C LEU A 433 48.18 -11.03 11.28
N ASN A 434 47.13 -10.84 12.09
CA ASN A 434 47.27 -10.47 13.50
C ASN A 434 48.14 -11.44 14.28
N SER A 435 47.96 -12.73 14.02
CA SER A 435 48.69 -13.74 14.76
C SER A 435 50.16 -13.78 14.37
N ALA A 436 50.51 -13.09 13.29
CA ALA A 436 51.90 -13.01 12.87
C ALA A 436 52.55 -11.70 13.30
N ILE A 437 51.85 -10.58 13.11
CA ILE A 437 52.50 -9.28 13.31
C ILE A 437 51.81 -8.38 14.35
N GLY A 438 50.70 -8.84 14.91
CA GLY A 438 49.93 -8.06 15.88
C GLY A 438 48.96 -7.07 15.24
N TYR A 439 47.82 -6.84 15.89
CA TYR A 439 46.75 -6.05 15.27
C TYR A 439 47.15 -4.58 15.09
N GLU A 440 48.11 -4.10 15.89
CA GLU A 440 48.64 -2.74 15.74
C GLU A 440 49.35 -2.57 14.39
N GLU A 441 50.29 -3.45 14.10
CA GLU A 441 51.03 -3.40 12.85
C GLU A 441 50.11 -3.74 11.65
N ALA A 442 49.12 -4.56 11.90
CA ALA A 442 48.15 -4.93 10.86
C ALA A 442 47.36 -3.67 10.43
N ALA A 443 46.99 -2.85 11.41
CA ALA A 443 46.28 -1.60 11.18
C ALA A 443 47.14 -0.58 10.45
N ALA A 444 48.44 -0.57 10.74
CA ALA A 444 49.39 0.28 10.02
C ALA A 444 49.52 -0.16 8.56
N VAL A 445 49.51 -1.47 8.34
CA VAL A 445 49.55 -2.00 6.99
C VAL A 445 48.30 -1.56 6.22
N ALA A 446 47.13 -1.73 6.83
CA ALA A 446 45.85 -1.28 6.28
C ALA A 446 45.91 0.21 5.89
N LYS A 447 46.41 1.05 6.79
CA LYS A 447 46.45 2.48 6.51
C LYS A 447 47.38 2.82 5.37
N GLN A 448 48.57 2.24 5.35
CA GLN A 448 49.51 2.57 4.28
C GLN A 448 49.06 2.04 2.92
N ALA A 449 48.38 0.89 2.93
CA ALA A 449 47.88 0.29 1.70
C ALA A 449 46.85 1.20 1.02
N LEU A 450 45.95 1.75 1.82
CA LEU A 450 44.97 2.70 1.28
C LEU A 450 45.66 3.94 0.74
N LYS A 451 46.53 4.52 1.58
CA LYS A 451 47.24 5.75 1.24
C LYS A 451 48.01 5.63 -0.08
N GLU A 452 48.63 4.47 -0.31
CA GLU A 452 49.43 4.28 -1.51
C GLU A 452 48.70 3.55 -2.62
N ARG A 453 47.43 3.22 -2.38
CA ARG A 453 46.63 2.41 -3.30
C ARG A 453 47.36 1.11 -3.64
N LYS A 454 47.80 0.38 -2.63
CA LYS A 454 48.50 -0.87 -2.88
C LYS A 454 47.73 -2.07 -2.32
N THR A 455 48.07 -3.27 -2.78
CA THR A 455 47.54 -4.47 -2.15
C THR A 455 48.10 -4.57 -0.74
N ILE A 456 47.39 -5.27 0.13
CA ILE A 456 47.87 -5.55 1.46
C ILE A 456 49.21 -6.29 1.36
N ARG A 457 49.28 -7.22 0.41
CA ARG A 457 50.46 -8.05 0.20
C ARG A 457 51.70 -7.20 -0.08
N GLN A 458 51.59 -6.32 -1.06
CA GLN A 458 52.71 -5.47 -1.43
C GLN A 458 53.10 -4.54 -0.31
N THR A 459 52.10 -4.09 0.46
CA THR A 459 52.34 -3.20 1.58
C THR A 459 53.10 -3.93 2.69
N VAL A 460 52.76 -5.20 2.93
CA VAL A 460 53.48 -5.99 3.93
C VAL A 460 54.94 -6.15 3.52
N ILE A 461 55.16 -6.42 2.23
CA ILE A 461 56.51 -6.51 1.69
C ILE A 461 57.27 -5.19 1.84
N ASP A 462 56.64 -4.07 1.50
CA ASP A 462 57.29 -2.77 1.54
C ASP A 462 57.59 -2.27 2.95
N ARG A 463 56.86 -2.78 3.94
CA ARG A 463 57.14 -2.38 5.32
C ARG A 463 58.19 -3.30 5.93
N GLY A 464 58.75 -4.17 5.10
CA GLY A 464 59.86 -5.02 5.49
C GLY A 464 59.49 -6.07 6.51
N LEU A 465 58.27 -6.59 6.42
CA LEU A 465 57.77 -7.50 7.44
C LEU A 465 58.06 -8.95 7.08
N ILE A 466 58.63 -9.18 5.90
CA ILE A 466 59.03 -10.53 5.54
C ILE A 466 60.36 -10.82 6.25
N GLY A 467 60.38 -11.91 6.99
CA GLY A 467 61.54 -12.29 7.80
C GLY A 467 61.28 -13.67 8.38
N ASP A 468 61.92 -13.97 9.50
CA ASP A 468 61.74 -15.26 10.15
C ASP A 468 60.36 -15.32 10.79
N ARG A 469 59.76 -14.16 11.03
CA ARG A 469 58.44 -14.08 11.62
C ARG A 469 57.34 -14.43 10.61
N LEU A 470 57.53 -14.05 9.35
CA LEU A 470 56.53 -14.25 8.32
C LEU A 470 57.15 -14.49 6.94
N SER A 471 57.10 -15.72 6.46
CA SER A 471 57.60 -16.01 5.12
C SER A 471 56.63 -15.48 4.06
N ILE A 472 57.11 -15.36 2.83
CA ILE A 472 56.25 -14.94 1.73
C ILE A 472 55.15 -15.99 1.48
N GLU A 473 55.47 -17.26 1.74
CA GLU A 473 54.50 -18.32 1.53
C GLU A 473 53.44 -18.29 2.61
N ASP A 474 53.82 -17.91 3.82
CA ASP A 474 52.83 -17.82 4.88
C ASP A 474 51.92 -16.61 4.63
N LEU A 475 52.50 -15.55 4.09
CA LEU A 475 51.79 -14.33 3.77
C LEU A 475 50.72 -14.56 2.71
N ASP A 476 51.06 -15.32 1.68
CA ASP A 476 50.15 -15.60 0.58
C ASP A 476 49.03 -16.54 1.04
N ARG A 477 49.33 -17.37 2.04
CA ARG A 477 48.33 -18.21 2.64
C ARG A 477 47.37 -17.39 3.50
N ARG A 478 47.91 -16.51 4.33
CA ARG A 478 47.10 -15.66 5.19
C ARG A 478 46.23 -14.70 4.37
N LEU A 479 46.73 -14.28 3.21
CA LEU A 479 46.02 -13.29 2.39
C LEU A 479 45.33 -13.89 1.15
N ASP A 480 45.10 -15.20 1.18
CA ASP A 480 44.39 -15.88 0.09
C ASP A 480 42.92 -15.45 0.12
N VAL A 481 42.54 -14.45 -0.67
CA VAL A 481 41.20 -13.88 -0.52
C VAL A 481 40.13 -14.86 -1.02
N LEU A 482 40.45 -15.69 -2.01
CA LEU A 482 39.49 -16.69 -2.45
C LEU A 482 39.19 -17.71 -1.35
N ALA A 483 40.24 -18.17 -0.67
CA ALA A 483 40.04 -19.05 0.47
C ALA A 483 39.20 -18.34 1.56
N MET A 484 39.35 -17.03 1.71
CA MET A 484 38.54 -16.30 2.71
C MET A 484 37.05 -16.31 2.38
N ALA A 485 36.74 -16.39 1.09
CA ALA A 485 35.35 -16.46 0.64
C ALA A 485 34.69 -17.80 0.95
N LYS A 486 35.50 -18.81 1.28
CA LYS A 486 35.01 -20.16 1.64
C LYS A 486 34.00 -20.75 0.65
N ALA A 487 34.38 -20.81 -0.62
CA ALA A 487 33.52 -21.39 -1.64
C ALA A 487 33.75 -22.90 -1.75
N GLU A 488 32.66 -23.66 -1.84
CA GLU A 488 32.76 -25.10 -2.06
C GLU A 488 33.54 -25.39 -3.34
N GLN A 489 34.55 -26.25 -3.28
CA GLN A 489 35.26 -26.60 -4.51
C GLN A 489 34.48 -27.72 -5.21
N LEU A 490 34.61 -27.79 -6.53
CA LEU A 490 33.74 -28.64 -7.34
C LEU A 490 34.54 -29.70 -8.10
N TYR B 31 23.02 6.73 38.42
CA TYR B 31 23.95 6.95 37.33
C TYR B 31 25.34 6.42 37.66
N ARG B 32 25.96 5.74 36.69
CA ARG B 32 27.35 5.29 36.81
C ARG B 32 28.14 5.72 35.58
N ILE B 33 29.46 5.65 35.64
CA ILE B 33 30.31 6.11 34.53
C ILE B 33 31.07 4.94 33.90
N GLU B 34 31.18 4.95 32.56
CA GLU B 34 31.86 3.88 31.84
C GLU B 34 32.76 4.41 30.73
N HIS B 35 33.37 3.49 29.99
CA HIS B 35 34.19 3.83 28.84
C HIS B 35 33.99 2.81 27.72
N MET B 38 36.49 4.01 23.66
CA MET B 38 36.34 5.42 24.00
C MET B 38 35.33 5.59 25.15
N GLY B 39 35.29 6.78 25.73
CA GLY B 39 34.32 7.16 26.74
C GLY B 39 34.11 8.67 26.63
N GLU B 40 33.52 9.29 27.65
CA GLU B 40 32.99 8.59 28.81
C GLU B 40 31.45 8.63 28.75
N VAL B 41 30.80 7.55 29.19
CA VAL B 41 29.35 7.47 29.09
C VAL B 41 28.66 7.18 30.42
N ARG B 42 27.62 7.95 30.70
CA ARG B 42 26.81 7.77 31.90
C ARG B 42 25.66 6.78 31.66
N VAL B 43 25.58 5.73 32.49
CA VAL B 43 24.48 4.77 32.36
C VAL B 43 23.77 4.57 33.70
N PRO B 44 22.43 4.51 33.68
CA PRO B 44 21.59 4.33 34.87
C PRO B 44 22.08 3.22 35.81
N ALA B 45 21.95 3.46 37.11
CA ALA B 45 22.50 2.58 38.14
C ALA B 45 22.06 1.12 38.02
N LYS B 46 20.75 0.92 37.90
CA LYS B 46 20.18 -0.44 37.87
C LYS B 46 20.17 -1.06 36.48
N ALA B 47 20.76 -0.37 35.50
CA ALA B 47 20.82 -0.87 34.13
C ALA B 47 21.87 -1.97 34.00
N LEU B 48 21.51 -3.05 33.31
CA LEU B 48 22.45 -4.13 33.04
C LEU B 48 23.15 -3.95 31.71
N TRP B 49 22.68 -3.01 30.89
CA TRP B 49 23.39 -2.71 29.66
C TRP B 49 24.61 -1.87 29.95
N ARG B 50 25.51 -1.75 28.97
CA ARG B 50 26.74 -1.00 29.15
C ARG B 50 26.89 0.12 28.11
N ALA B 51 28.13 0.45 27.76
CA ALA B 51 28.39 1.72 27.06
C ALA B 51 27.85 1.79 25.64
N GLN B 52 28.02 0.71 24.89
CA GLN B 52 27.55 0.70 23.51
C GLN B 52 26.03 0.85 23.42
N THR B 53 25.33 0.21 24.33
CA THR B 53 23.89 0.35 24.38
C THR B 53 23.53 1.78 24.70
N GLN B 54 24.24 2.36 25.66
CA GLN B 54 23.96 3.73 26.06
C GLN B 54 24.25 4.69 24.90
N ARG B 55 25.29 4.43 24.12
CA ARG B 55 25.51 5.24 22.92
C ARG B 55 24.31 5.13 21.97
N ALA B 56 23.80 3.91 21.81
CA ALA B 56 22.69 3.70 20.86
C ALA B 56 21.47 4.42 21.38
N VAL B 57 21.31 4.44 22.70
CA VAL B 57 20.23 5.18 23.32
C VAL B 57 20.29 6.65 22.93
N GLU B 58 21.49 7.21 22.91
CA GLU B 58 21.67 8.62 22.61
C GLU B 58 21.64 8.88 21.11
N ASN B 59 22.08 7.93 20.31
CA ASN B 59 22.04 8.06 18.85
C ASN B 59 20.65 8.00 18.22
N PHE B 60 19.72 7.24 18.80
CA PHE B 60 18.44 7.00 18.11
C PHE B 60 17.15 7.36 18.88
N PRO B 61 17.06 8.58 19.45
CA PRO B 61 15.80 8.92 20.12
C PRO B 61 14.72 9.29 19.10
N ILE B 62 14.13 8.26 18.49
CA ILE B 62 13.29 8.45 17.33
C ILE B 62 11.83 8.13 17.61
N SER B 63 11.55 6.90 18.05
CA SER B 63 10.17 6.48 18.27
C SER B 63 9.81 6.33 19.75
N GLY B 64 10.83 6.23 20.59
CA GLY B 64 10.60 6.00 22.00
C GLY B 64 10.11 4.57 22.32
N ARG B 65 10.11 3.68 21.33
CA ARG B 65 9.66 2.29 21.49
C ARG B 65 10.82 1.34 21.14
N GLY B 66 11.09 0.36 21.99
CA GLY B 66 12.19 -0.57 21.76
C GLY B 66 11.70 -1.96 21.35
N LEU B 67 12.55 -2.98 21.48
CA LEU B 67 12.15 -4.35 21.13
C LEU B 67 11.03 -4.85 22.03
N GLU B 68 10.17 -5.69 21.46
CA GLU B 68 9.10 -6.35 22.20
C GLU B 68 9.58 -7.59 22.94
N ARG B 69 8.79 -8.05 23.89
CA ARG B 69 9.18 -9.20 24.69
C ARG B 69 9.56 -10.41 23.82
N THR B 70 8.87 -10.63 22.70
CA THR B 70 9.15 -11.81 21.87
C THR B 70 10.54 -11.74 21.22
N GLN B 71 10.98 -10.53 20.88
CA GLN B 71 12.27 -10.36 20.22
C GLN B 71 13.40 -10.51 21.20
N ILE B 72 13.18 -9.95 22.38
CA ILE B 72 14.11 -10.08 23.50
C ILE B 72 14.27 -11.54 23.85
N ARG B 73 13.14 -12.25 23.92
CA ARG B 73 13.16 -13.68 24.18
C ARG B 73 14.03 -14.41 23.17
N ALA B 74 13.81 -14.14 21.89
CA ALA B 74 14.53 -14.83 20.81
C ALA B 74 16.03 -14.55 20.86
N LEU B 75 16.41 -13.31 21.18
CA LEU B 75 17.81 -12.99 21.34
C LEU B 75 18.40 -13.83 22.49
N GLY B 76 17.65 -13.94 23.58
CA GLY B 76 18.08 -14.79 24.69
C GLY B 76 18.27 -16.25 24.29
N LEU B 77 17.27 -16.82 23.62
CA LEU B 77 17.34 -18.20 23.13
C LEU B 77 18.58 -18.36 22.26
N LEU B 78 18.77 -17.45 21.31
CA LEU B 78 19.90 -17.59 20.39
C LEU B 78 21.26 -17.53 21.11
N LYS B 79 21.39 -16.60 22.05
CA LYS B 79 22.69 -16.42 22.71
C LYS B 79 23.05 -17.64 23.55
N GLY B 80 22.04 -18.22 24.19
CA GLY B 80 22.22 -19.45 24.96
C GLY B 80 22.62 -20.61 24.07
N ALA B 81 21.97 -20.75 22.91
CA ALA B 81 22.31 -21.86 22.02
C ALA B 81 23.72 -21.68 21.44
N CYS B 82 24.12 -20.44 21.12
CA CYS B 82 25.47 -20.21 20.59
C CYS B 82 26.56 -20.58 21.60
N ALA B 83 26.34 -20.23 22.85
CA ALA B 83 27.28 -20.54 23.93
C ALA B 83 27.37 -22.04 24.12
N GLN B 84 26.23 -22.72 24.00
CA GLN B 84 26.23 -24.17 24.11
C GLN B 84 27.12 -24.78 23.02
N VAL B 85 26.94 -24.31 21.80
CA VAL B 85 27.71 -24.86 20.68
C VAL B 85 29.20 -24.51 20.75
N ASN B 86 29.54 -23.27 21.08
CA ASN B 86 30.93 -22.90 21.26
C ASN B 86 31.60 -23.74 22.38
N SER B 87 30.87 -23.97 23.47
CA SER B 87 31.33 -24.88 24.52
C SER B 87 31.56 -26.29 23.99
N ASP B 88 30.56 -26.85 23.29
CA ASP B 88 30.66 -28.20 22.70
C ASP B 88 31.88 -28.36 21.79
N LEU B 89 32.20 -27.30 21.04
CA LEU B 89 33.26 -27.38 20.04
C LEU B 89 34.62 -27.07 20.66
N GLY B 90 34.64 -26.82 21.97
CA GLY B 90 35.87 -26.53 22.69
C GLY B 90 36.43 -25.14 22.43
N LEU B 91 35.57 -24.22 22.02
CA LEU B 91 36.02 -22.88 21.65
C LEU B 91 35.87 -21.91 22.80
N LEU B 92 35.00 -22.27 23.74
CA LEU B 92 34.64 -21.39 24.83
C LEU B 92 34.69 -22.17 26.14
N ALA B 93 35.37 -21.62 27.14
CA ALA B 93 35.52 -22.30 28.44
C ALA B 93 34.18 -22.64 29.05
N PRO B 94 34.04 -23.87 29.60
CA PRO B 94 32.74 -24.33 30.09
C PRO B 94 32.09 -23.40 31.13
N GLU B 95 32.87 -22.76 31.99
CA GLU B 95 32.26 -21.93 33.04
C GLU B 95 31.74 -20.62 32.47
N LYS B 96 32.42 -20.10 31.46
CA LYS B 96 31.96 -18.91 30.75
C LYS B 96 30.66 -19.26 30.02
N ALA B 97 30.70 -20.37 29.26
CA ALA B 97 29.52 -20.84 28.55
C ALA B 97 28.35 -21.07 29.50
N ASP B 98 28.61 -21.67 30.67
CA ASP B 98 27.56 -21.92 31.65
C ASP B 98 26.91 -20.63 32.13
N ALA B 99 27.74 -19.62 32.34
CA ALA B 99 27.26 -18.33 32.81
C ALA B 99 26.41 -17.65 31.72
N ILE B 100 26.82 -17.78 30.47
CA ILE B 100 26.04 -17.21 29.38
C ILE B 100 24.69 -17.92 29.27
N ILE B 101 24.73 -19.25 29.37
CA ILE B 101 23.52 -20.06 29.22
C ILE B 101 22.53 -19.70 30.32
N ALA B 102 23.03 -19.52 31.55
CA ALA B 102 22.14 -19.13 32.65
C ALA B 102 21.56 -17.72 32.48
N ALA B 103 22.40 -16.77 32.06
CA ALA B 103 21.92 -15.40 31.86
C ALA B 103 20.91 -15.36 30.69
N ALA B 104 21.23 -16.06 29.61
CA ALA B 104 20.40 -16.05 28.41
C ALA B 104 19.02 -16.63 28.71
N ALA B 105 18.97 -17.64 29.58
CA ALA B 105 17.71 -18.27 29.96
C ALA B 105 16.83 -17.29 30.73
N GLU B 106 17.46 -16.42 31.52
CA GLU B 106 16.72 -15.38 32.26
C GLU B 106 16.10 -14.37 31.30
N ILE B 107 16.86 -14.02 30.26
CA ILE B 107 16.39 -13.10 29.24
C ILE B 107 15.23 -13.75 28.48
N ALA B 108 15.41 -15.00 28.07
CA ALA B 108 14.41 -15.75 27.33
C ALA B 108 13.13 -15.99 28.15
N ASP B 109 13.28 -16.00 29.47
CA ASP B 109 12.16 -16.21 30.39
C ASP B 109 11.43 -14.91 30.69
N GLY B 110 11.93 -13.82 30.14
CA GLY B 110 11.27 -12.54 30.29
C GLY B 110 11.58 -11.82 31.59
N GLN B 111 12.74 -12.08 32.18
CA GLN B 111 13.11 -11.44 33.44
C GLN B 111 13.81 -10.09 33.25
N HIS B 112 14.14 -9.74 32.02
CA HIS B 112 14.93 -8.54 31.81
C HIS B 112 14.41 -7.68 30.67
N ASP B 113 13.10 -7.67 30.47
CA ASP B 113 12.52 -6.94 29.35
C ASP B 113 12.75 -5.43 29.47
N ASP B 114 13.13 -4.98 30.66
CA ASP B 114 13.38 -3.56 30.91
C ASP B 114 14.86 -3.20 30.71
N GLN B 115 15.64 -4.11 30.15
CA GLN B 115 17.05 -3.86 29.96
C GLN B 115 17.42 -3.65 28.48
N PHE B 116 16.42 -3.38 27.65
CA PHE B 116 16.62 -3.24 26.22
C PHE B 116 16.02 -1.92 25.75
N PRO B 117 16.74 -0.83 25.98
CA PRO B 117 16.20 0.52 25.77
C PRO B 117 16.35 1.07 24.37
N ILE B 118 17.03 0.36 23.47
CA ILE B 118 17.35 0.96 22.18
C ILE B 118 16.12 1.06 21.29
N ASP B 119 15.97 2.19 20.60
CA ASP B 119 14.91 2.37 19.64
C ASP B 119 14.86 1.25 18.58
N VAL B 120 13.66 0.91 18.14
CA VAL B 120 13.49 0.12 16.93
C VAL B 120 14.26 0.73 15.77
N PHE B 121 14.21 2.06 15.65
CA PHE B 121 14.83 2.69 14.48
C PHE B 121 16.31 2.95 14.71
N GLN B 122 17.05 1.85 14.62
CA GLN B 122 18.48 1.79 14.91
C GLN B 122 19.20 1.35 13.65
N THR B 123 20.51 1.18 13.73
CA THR B 123 21.33 0.63 12.63
C THR B 123 20.62 -0.57 11.98
N GLY B 124 20.59 -0.63 10.65
CA GLY B 124 19.58 -1.49 10.01
C GLY B 124 19.90 -2.97 10.06
N SER B 125 21.08 -3.31 10.56
CA SER B 125 21.42 -4.72 10.80
C SER B 125 20.92 -5.22 12.13
N GLY B 126 20.49 -4.32 13.00
CA GLY B 126 20.13 -4.73 14.35
C GLY B 126 21.35 -4.98 15.23
N THR B 127 22.53 -4.56 14.77
CA THR B 127 23.75 -4.73 15.56
C THR B 127 23.69 -4.05 16.95
N SER B 128 23.02 -2.90 17.07
CA SER B 128 22.90 -2.25 18.38
C SER B 128 22.15 -3.15 19.38
N SER B 129 21.04 -3.75 18.97
CA SER B 129 20.31 -4.65 19.85
C SER B 129 21.07 -5.94 20.12
N ASN B 130 21.87 -6.37 19.15
CA ASN B 130 22.73 -7.54 19.38
C ASN B 130 23.74 -7.26 20.50
N MET B 131 24.41 -6.11 20.42
CA MET B 131 25.36 -5.71 21.47
C MET B 131 24.68 -5.48 22.83
N ASN B 132 23.48 -4.91 22.79
CA ASN B 132 22.60 -4.77 23.96
C ASN B 132 22.45 -6.12 24.67
N THR B 133 22.21 -7.16 23.88
CA THR B 133 22.04 -8.49 24.45
C THR B 133 23.36 -9.00 25.05
N ASN B 134 24.45 -8.82 24.31
CA ASN B 134 25.78 -9.23 24.76
C ASN B 134 26.19 -8.56 26.07
N GLU B 135 25.86 -7.27 26.20
CA GLU B 135 26.27 -6.47 27.35
C GLU B 135 25.45 -6.84 28.57
N VAL B 136 24.15 -7.04 28.35
CA VAL B 136 23.26 -7.41 29.45
C VAL B 136 23.62 -8.81 29.99
N ILE B 137 23.96 -9.75 29.10
CA ILE B 137 24.42 -11.07 29.54
C ILE B 137 25.71 -10.97 30.36
N ALA B 138 26.66 -10.17 29.89
CA ALA B 138 27.93 -10.02 30.59
C ALA B 138 27.71 -9.42 31.99
N SER B 139 26.82 -8.45 32.10
CA SER B 139 26.48 -7.87 33.40
C SER B 139 25.83 -8.86 34.33
N ILE B 140 24.89 -9.67 33.82
CA ILE B 140 24.20 -10.66 34.62
C ILE B 140 25.19 -11.68 35.16
N ALA B 141 26.14 -12.08 34.33
CA ALA B 141 27.15 -13.04 34.72
C ALA B 141 28.10 -12.46 35.78
N ALA B 142 28.42 -11.17 35.63
CA ALA B 142 29.29 -10.47 36.58
C ALA B 142 28.74 -10.55 38.00
N LYS B 143 27.43 -10.40 38.14
CA LYS B 143 26.78 -10.53 39.43
C LYS B 143 26.94 -11.93 40.01
N GLY B 144 27.29 -12.89 39.17
CA GLY B 144 27.52 -14.24 39.62
C GLY B 144 29.00 -14.54 39.77
N GLY B 145 29.83 -13.51 39.66
CA GLY B 145 31.26 -13.69 39.81
C GLY B 145 32.04 -14.10 38.59
N VAL B 146 31.36 -14.16 37.44
CA VAL B 146 32.00 -14.59 36.19
C VAL B 146 32.20 -13.42 35.24
N THR B 147 33.39 -13.34 34.64
CA THR B 147 33.75 -12.26 33.75
C THR B 147 33.64 -12.65 32.28
N LEU B 148 32.75 -11.98 31.55
CA LEU B 148 32.52 -12.25 30.14
C LEU B 148 32.78 -11.02 29.31
N HIS B 149 33.53 -11.18 28.23
CA HIS B 149 33.66 -10.12 27.23
C HIS B 149 32.44 -10.15 26.30
N PRO B 150 31.64 -9.05 26.27
CA PRO B 150 30.41 -9.04 25.45
C PRO B 150 30.68 -9.46 24.03
N ASN B 151 31.74 -8.94 23.42
CA ASN B 151 32.07 -9.36 22.06
C ASN B 151 32.80 -10.69 21.94
N ASP B 152 33.94 -10.82 22.60
CA ASP B 152 34.80 -11.98 22.41
C ASP B 152 34.18 -13.27 22.93
N ASP B 153 33.39 -13.18 23.98
CA ASP B 153 32.77 -14.37 24.60
C ASP B 153 31.31 -14.58 24.16
N VAL B 154 30.46 -13.61 24.46
CA VAL B 154 29.02 -13.76 24.20
C VAL B 154 28.71 -13.71 22.68
N ASN B 155 29.54 -12.99 21.91
CA ASN B 155 29.36 -12.91 20.46
C ASN B 155 30.32 -13.85 19.73
N MET B 156 30.90 -14.82 20.43
CA MET B 156 31.85 -15.71 19.77
C MET B 156 31.22 -16.49 18.60
N SER B 157 31.94 -16.58 17.48
CA SER B 157 31.50 -17.30 16.27
C SER B 157 30.35 -16.58 15.54
N GLN B 158 29.95 -15.42 16.04
CA GLN B 158 28.80 -14.72 15.50
C GLN B 158 29.23 -13.43 14.86
N SER B 159 28.31 -12.79 14.14
CA SER B 159 28.69 -11.50 13.58
C SER B 159 27.65 -10.47 13.94
N SER B 160 27.92 -9.23 13.58
CA SER B 160 26.93 -8.21 13.81
C SER B 160 25.74 -8.30 12.80
N ASN B 161 25.73 -9.33 11.93
CA ASN B 161 24.75 -9.48 10.81
C ASN B 161 23.96 -10.75 10.61
N ASP B 162 24.33 -11.86 11.25
CA ASP B 162 23.58 -13.08 11.07
C ASP B 162 22.75 -13.38 12.33
N THR B 163 22.97 -12.59 13.38
CA THR B 163 22.32 -12.82 14.66
C THR B 163 20.96 -12.13 14.79
N PHE B 164 20.89 -10.84 14.50
CA PHE B 164 19.59 -10.17 14.67
C PHE B 164 18.55 -10.75 13.70
N PRO B 165 18.92 -11.03 12.43
CA PRO B 165 17.91 -11.67 11.58
C PRO B 165 17.52 -13.05 12.04
N THR B 166 18.46 -13.80 12.63
CA THR B 166 18.14 -15.12 13.18
C THR B 166 17.11 -14.97 14.30
N ALA B 167 17.37 -14.04 15.20
CA ALA B 167 16.45 -13.84 16.32
C ALA B 167 15.07 -13.40 15.82
N THR B 168 15.04 -12.58 14.77
CA THR B 168 13.78 -12.14 14.17
C THR B 168 12.97 -13.34 13.63
N HIS B 169 13.63 -14.23 12.91
CA HIS B 169 12.93 -15.35 12.31
C HIS B 169 12.53 -16.40 13.35
N ILE B 170 13.29 -16.47 14.44
CA ILE B 170 12.89 -17.33 15.56
C ILE B 170 11.61 -16.79 16.18
N ALA B 171 11.62 -15.49 16.48
CA ALA B 171 10.46 -14.84 17.04
C ALA B 171 9.25 -14.97 16.12
N ALA B 172 9.43 -14.76 14.82
CA ALA B 172 8.28 -14.78 13.90
C ALA B 172 7.74 -16.20 13.79
N THR B 173 8.64 -17.17 13.74
CA THR B 173 8.22 -18.58 13.65
C THR B 173 7.44 -19.00 14.89
N GLU B 174 7.97 -18.68 16.07
CA GLU B 174 7.24 -18.93 17.31
C GLU B 174 5.86 -18.24 17.32
N ALA B 175 5.81 -16.98 16.95
CA ALA B 175 4.53 -16.26 16.87
C ALA B 175 3.52 -16.99 15.94
N ALA B 176 4.00 -17.48 14.80
CA ALA B 176 3.11 -18.16 13.86
C ALA B 176 2.58 -19.47 14.44
N VAL B 177 3.49 -20.29 14.95
CA VAL B 177 3.16 -21.68 15.33
C VAL B 177 2.55 -21.80 16.71
N ALA B 178 3.11 -21.06 17.66
CA ALA B 178 2.70 -21.24 19.04
C ALA B 178 1.55 -20.33 19.44
N HIS B 179 1.32 -19.28 18.68
CA HIS B 179 0.31 -18.32 19.09
C HIS B 179 -0.74 -18.06 18.02
N LEU B 180 -0.34 -17.68 16.81
CA LEU B 180 -1.35 -17.28 15.83
C LEU B 180 -2.18 -18.46 15.36
N ILE B 181 -1.55 -19.56 15.00
CA ILE B 181 -2.33 -20.67 14.45
C ILE B 181 -3.35 -21.18 15.50
N PRO B 182 -2.94 -21.40 16.77
CA PRO B 182 -3.96 -21.80 17.76
C PRO B 182 -5.10 -20.79 17.94
N ALA B 183 -4.81 -19.50 17.84
CA ALA B 183 -5.84 -18.46 17.96
C ALA B 183 -6.81 -18.50 16.77
N LEU B 184 -6.26 -18.62 15.56
CA LEU B 184 -7.07 -18.81 14.36
C LEU B 184 -7.89 -20.09 14.47
N GLN B 185 -7.29 -21.17 14.97
CA GLN B 185 -8.07 -22.41 15.09
C GLN B 185 -9.25 -22.21 16.03
N GLN B 186 -9.03 -21.46 17.09
CA GLN B 186 -10.09 -21.19 18.05
C GLN B 186 -11.23 -20.39 17.38
N LEU B 187 -10.86 -19.40 16.56
CA LEU B 187 -11.88 -18.63 15.84
C LEU B 187 -12.59 -19.48 14.80
N HIS B 188 -11.83 -20.29 14.07
CA HIS B 188 -12.42 -21.22 13.12
C HIS B 188 -13.46 -22.10 13.80
N ASP B 189 -13.10 -22.64 14.95
CA ASP B 189 -13.98 -23.60 15.62
C ASP B 189 -15.24 -22.93 16.14
N ALA B 190 -15.11 -21.68 16.59
CA ALA B 190 -16.27 -20.91 17.01
C ALA B 190 -17.18 -20.59 15.82
N LEU B 191 -16.60 -20.19 14.69
CA LEU B 191 -17.41 -19.96 13.49
C LEU B 191 -18.11 -21.26 13.03
N ALA B 192 -17.37 -22.35 13.03
CA ALA B 192 -17.87 -23.66 12.59
C ALA B 192 -19.01 -24.14 13.49
N ALA B 193 -18.88 -23.86 14.78
CA ALA B 193 -19.91 -24.26 15.76
C ALA B 193 -21.20 -23.48 15.53
N LYS B 194 -21.09 -22.20 15.19
CA LYS B 194 -22.26 -21.42 14.81
C LYS B 194 -22.87 -21.90 13.51
N ALA B 195 -22.02 -22.25 12.54
CA ALA B 195 -22.53 -22.77 11.28
C ALA B 195 -23.39 -24.02 11.52
N LEU B 196 -22.97 -24.84 12.47
CA LEU B 196 -23.68 -26.06 12.81
C LEU B 196 -24.97 -25.72 13.54
N ASP B 197 -24.91 -24.86 14.54
CA ASP B 197 -26.12 -24.43 15.27
C ASP B 197 -27.16 -23.82 14.35
N TRP B 198 -26.70 -23.14 13.29
CA TRP B 198 -27.58 -22.37 12.42
C TRP B 198 -27.82 -23.05 11.07
N HIS B 199 -27.59 -24.37 11.03
CA HIS B 199 -27.70 -25.16 9.83
C HIS B 199 -29.06 -25.01 9.12
N THR B 200 -30.13 -24.80 9.89
CA THR B 200 -31.47 -24.68 9.30
C THR B 200 -32.06 -23.28 9.39
N VAL B 201 -31.24 -22.30 9.77
CA VAL B 201 -31.76 -20.94 9.92
C VAL B 201 -31.76 -20.25 8.57
N VAL B 202 -32.85 -20.45 7.83
CA VAL B 202 -32.98 -19.90 6.48
C VAL B 202 -33.19 -18.38 6.50
N LYS B 203 -32.66 -17.72 5.48
CA LYS B 203 -32.74 -16.26 5.32
C LYS B 203 -32.60 -15.94 3.85
N SER B 204 -32.81 -14.68 3.46
CA SER B 204 -32.57 -14.27 2.08
C SER B 204 -31.09 -13.98 1.84
N GLY B 205 -30.58 -14.41 0.69
CA GLY B 205 -29.24 -14.07 0.27
C GLY B 205 -29.21 -12.59 -0.09
N ARG B 206 -28.02 -12.03 -0.19
CA ARG B 206 -27.81 -10.67 -0.65
C ARG B 206 -26.67 -10.67 -1.64
N THR B 207 -26.91 -10.16 -2.83
CA THR B 207 -25.87 -9.98 -3.82
C THR B 207 -25.94 -8.55 -4.33
N HIS B 208 -24.80 -7.86 -4.36
CA HIS B 208 -24.77 -6.42 -4.67
C HIS B 208 -25.56 -5.60 -3.63
N LEU B 209 -25.75 -6.18 -2.43
CA LEU B 209 -26.63 -5.65 -1.37
C LEU B 209 -28.13 -5.71 -1.72
N MET B 210 -28.48 -6.43 -2.78
CA MET B 210 -29.88 -6.53 -3.18
C MET B 210 -30.43 -7.91 -2.84
N ASP B 211 -31.75 -7.98 -2.65
CA ASP B 211 -32.42 -9.25 -2.33
C ASP B 211 -32.03 -10.40 -3.28
N ALA B 212 -31.74 -11.58 -2.74
CA ALA B 212 -31.40 -12.72 -3.58
C ALA B 212 -32.08 -13.98 -3.05
N VAL B 213 -31.87 -15.09 -3.73
CA VAL B 213 -32.49 -16.36 -3.31
C VAL B 213 -31.98 -16.83 -1.93
N PRO B 214 -32.73 -17.74 -1.28
CA PRO B 214 -32.44 -18.13 0.11
C PRO B 214 -31.08 -18.78 0.30
N VAL B 215 -30.50 -18.49 1.46
CA VAL B 215 -29.36 -19.20 1.99
C VAL B 215 -29.68 -19.51 3.47
N THR B 216 -28.80 -20.22 4.16
CA THR B 216 -28.91 -20.28 5.61
C THR B 216 -27.76 -19.49 6.26
N LEU B 217 -28.02 -19.03 7.48
CA LEU B 217 -26.97 -18.40 8.27
C LEU B 217 -25.80 -19.37 8.45
N GLY B 218 -26.11 -20.66 8.58
CA GLY B 218 -25.07 -21.65 8.77
C GLY B 218 -24.16 -21.76 7.56
N GLN B 219 -24.75 -21.63 6.37
CA GLN B 219 -23.95 -21.65 5.13
C GLN B 219 -22.97 -20.47 5.10
N GLU B 220 -23.48 -19.29 5.47
CA GLU B 220 -22.63 -18.09 5.48
C GLU B 220 -21.47 -18.27 6.46
N PHE B 221 -21.78 -18.77 7.65
CA PHE B 221 -20.77 -18.97 8.67
C PHE B 221 -19.81 -20.10 8.31
N SER B 222 -20.25 -21.08 7.52
CA SER B 222 -19.30 -22.08 7.06
C SER B 222 -18.33 -21.46 6.07
N GLY B 223 -18.80 -20.45 5.32
CA GLY B 223 -17.93 -19.69 4.43
C GLY B 223 -16.90 -18.93 5.26
N TYR B 224 -17.33 -18.26 6.32
CA TYR B 224 -16.39 -17.54 7.19
C TYR B 224 -15.38 -18.51 7.78
N ALA B 225 -15.87 -19.66 8.24
CA ALA B 225 -14.97 -20.66 8.81
C ALA B 225 -13.93 -21.11 7.79
N ARG B 226 -14.36 -21.37 6.55
CA ARG B 226 -13.39 -21.73 5.50
C ARG B 226 -12.31 -20.66 5.31
N GLN B 227 -12.70 -19.39 5.31
CA GLN B 227 -11.71 -18.30 5.17
C GLN B 227 -10.62 -18.35 6.25
N ILE B 228 -11.03 -18.66 7.48
CA ILE B 228 -10.06 -18.75 8.59
C ILE B 228 -9.23 -20.04 8.43
N GLU B 229 -9.87 -21.15 8.06
CA GLU B 229 -9.15 -22.40 7.83
C GLU B 229 -8.12 -22.23 6.71
N ALA B 230 -8.52 -21.53 5.65
CA ALA B 230 -7.63 -21.21 4.55
C ALA B 230 -6.49 -20.27 5.02
N GLY B 231 -6.81 -19.38 5.95
CA GLY B 231 -5.80 -18.53 6.58
C GLY B 231 -4.75 -19.35 7.29
N ILE B 232 -5.20 -20.39 8.00
CA ILE B 232 -4.24 -21.25 8.68
C ILE B 232 -3.37 -21.96 7.66
N GLU B 233 -3.97 -22.42 6.58
CA GLU B 233 -3.21 -23.05 5.50
C GLU B 233 -2.15 -22.13 4.92
N ARG B 234 -2.51 -20.85 4.78
CA ARG B 234 -1.59 -19.85 4.26
C ARG B 234 -0.39 -19.65 5.18
N VAL B 235 -0.64 -19.56 6.48
CA VAL B 235 0.46 -19.41 7.44
C VAL B 235 1.32 -20.68 7.39
N ARG B 236 0.69 -21.86 7.38
CA ARG B 236 1.45 -23.10 7.35
CA ARG B 236 1.41 -23.12 7.32
C ARG B 236 2.31 -23.18 6.08
N ALA B 237 1.79 -22.68 4.96
CA ALA B 237 2.52 -22.72 3.70
C ALA B 237 3.74 -21.81 3.67
N CYS B 238 3.78 -20.77 4.49
CA CYS B 238 4.98 -19.92 4.48
C CYS B 238 6.08 -20.41 5.44
N LEU B 239 5.75 -21.36 6.33
CA LEU B 239 6.72 -21.77 7.36
C LEU B 239 8.05 -22.39 6.86
N PRO B 240 8.04 -23.12 5.72
CA PRO B 240 9.34 -23.64 5.24
C PRO B 240 10.37 -22.54 5.02
N ARG B 241 9.95 -21.33 4.71
CA ARG B 241 10.92 -20.26 4.48
C ARG B 241 10.97 -19.28 5.64
N LEU B 242 9.85 -19.13 6.34
CA LEU B 242 9.87 -18.24 7.51
C LEU B 242 10.84 -18.77 8.56
N GLY B 243 10.87 -20.10 8.69
CA GLY B 243 11.72 -20.74 9.70
C GLY B 243 13.21 -20.83 9.37
N GLU B 244 13.61 -20.35 8.19
CA GLU B 244 15.04 -20.37 7.83
C GLU B 244 15.84 -19.35 8.65
N LEU B 245 16.99 -19.80 9.17
CA LEU B 245 17.82 -18.96 10.05
C LEU B 245 19.17 -18.68 9.41
N ALA B 246 19.68 -17.46 9.59
CA ALA B 246 20.95 -17.05 8.97
C ALA B 246 22.18 -17.49 9.80
N ILE B 247 21.96 -17.94 11.03
CA ILE B 247 23.07 -18.09 12.00
C ILE B 247 24.16 -19.01 11.40
N GLY B 248 25.41 -18.61 11.60
CA GLY B 248 26.51 -19.32 10.96
C GLY B 248 27.06 -18.64 9.71
N GLY B 249 26.30 -17.74 9.11
CA GLY B 249 26.75 -17.05 7.89
C GLY B 249 27.74 -15.91 8.15
N THR B 250 27.80 -15.49 9.41
CA THR B 250 28.67 -14.38 9.90
C THR B 250 28.51 -13.13 9.05
N ALA B 251 29.58 -12.36 8.85
CA ALA B 251 29.46 -10.98 8.35
C ALA B 251 28.80 -10.83 6.98
N VAL B 252 29.11 -11.72 6.03
CA VAL B 252 28.61 -11.55 4.64
C VAL B 252 27.92 -12.78 4.07
N GLY B 253 27.77 -13.83 4.87
CA GLY B 253 27.15 -15.06 4.40
C GLY B 253 28.10 -16.24 4.16
N THR B 254 29.41 -15.97 4.23
CA THR B 254 30.44 -16.99 3.93
C THR B 254 30.77 -17.88 5.10
N GLY B 255 30.36 -17.47 6.30
CA GLY B 255 30.69 -18.23 7.49
C GLY B 255 32.15 -18.07 7.93
N LEU B 256 32.87 -17.14 7.30
CA LEU B 256 34.21 -16.77 7.79
C LEU B 256 34.21 -16.42 9.28
N ASN B 257 35.16 -17.00 10.02
CA ASN B 257 35.31 -16.80 11.47
C ASN B 257 34.23 -17.50 12.32
N ALA B 258 33.54 -18.45 11.73
CA ALA B 258 32.70 -19.35 12.51
C ALA B 258 33.10 -20.77 12.12
N PRO B 259 32.80 -21.76 12.98
CA PRO B 259 32.92 -23.16 12.59
C PRO B 259 32.01 -23.49 11.41
N ASP B 260 32.44 -24.40 10.52
CA ASP B 260 31.69 -24.69 9.30
C ASP B 260 30.29 -25.24 9.55
N ASP B 261 30.11 -25.88 10.71
CA ASP B 261 28.81 -26.47 11.06
C ASP B 261 28.14 -25.70 12.18
N PHE B 262 28.50 -24.44 12.34
CA PHE B 262 27.96 -23.65 13.44
C PHE B 262 26.45 -23.52 13.34
N GLY B 263 25.98 -23.22 12.14
CA GLY B 263 24.56 -23.08 11.86
C GLY B 263 23.75 -24.32 12.24
N VAL B 264 24.14 -25.47 11.70
CA VAL B 264 23.34 -26.68 11.94
C VAL B 264 23.34 -27.04 13.42
N ARG B 265 24.46 -26.81 14.11
CA ARG B 265 24.54 -27.12 15.55
C ARG B 265 23.68 -26.20 16.38
N VAL B 266 23.69 -24.91 16.05
CA VAL B 266 22.87 -23.98 16.80
C VAL B 266 21.40 -24.30 16.58
N VAL B 267 21.04 -24.60 15.33
CA VAL B 267 19.65 -24.92 15.00
C VAL B 267 19.25 -26.19 15.73
N ALA B 268 20.15 -27.16 15.77
CA ALA B 268 19.83 -28.43 16.48
C ALA B 268 19.47 -28.16 17.94
N VAL B 269 20.23 -27.30 18.60
CA VAL B 269 19.95 -26.96 19.99
C VAL B 269 18.64 -26.19 20.14
N LEU B 270 18.44 -25.18 19.30
CA LEU B 270 17.18 -24.43 19.35
C LEU B 270 15.95 -25.31 19.15
N VAL B 271 15.98 -26.18 18.16
CA VAL B 271 14.83 -27.05 17.93
C VAL B 271 14.60 -28.00 19.11
N ALA B 272 15.69 -28.49 19.71
CA ALA B 272 15.55 -29.42 20.83
C ALA B 272 14.98 -28.74 22.06
N GLN B 273 15.46 -27.53 22.32
CA GLN B 273 15.05 -26.80 23.53
C GLN B 273 13.67 -26.16 23.39
N THR B 274 13.34 -25.64 22.22
CA THR B 274 12.06 -24.93 22.04
C THR B 274 10.94 -25.80 21.49
N GLY B 275 11.30 -26.87 20.80
CA GLY B 275 10.32 -27.70 20.14
C GLY B 275 9.79 -27.09 18.86
N LEU B 276 10.39 -25.99 18.44
CA LEU B 276 9.97 -25.35 17.19
C LEU B 276 10.57 -26.04 15.99
N SER B 277 9.88 -27.09 15.51
CA SER B 277 10.35 -27.92 14.41
C SER B 277 10.53 -27.21 13.08
N GLU B 278 9.87 -26.09 12.92
CA GLU B 278 10.00 -25.33 11.68
C GLU B 278 11.34 -24.62 11.51
N LEU B 279 12.10 -24.43 12.58
CA LEU B 279 13.42 -23.79 12.45
C LEU B 279 14.39 -24.68 11.65
N ARG B 280 15.13 -24.08 10.71
CA ARG B 280 16.11 -24.82 9.94
C ARG B 280 17.21 -23.85 9.50
N THR B 281 18.39 -24.40 9.18
CA THR B 281 19.41 -23.57 8.50
C THR B 281 18.92 -23.12 7.13
N ALA B 282 19.36 -21.95 6.72
CA ALA B 282 18.88 -21.39 5.46
C ALA B 282 19.32 -22.24 4.29
N ALA B 283 18.47 -22.34 3.27
CA ALA B 283 18.82 -23.07 2.05
C ALA B 283 20.05 -22.45 1.36
N ASN B 284 20.12 -21.11 1.32
CA ASN B 284 21.29 -20.44 0.75
C ASN B 284 21.70 -19.32 1.71
N SER B 285 22.95 -19.32 2.14
CA SER B 285 23.36 -18.44 3.23
C SER B 285 23.44 -16.96 2.81
N PHE B 286 23.68 -16.73 1.52
N PHE B 286 23.65 -16.71 1.53
CA PHE B 286 23.71 -15.37 1.00
CA PHE B 286 23.69 -15.33 1.05
C PHE B 286 22.29 -14.79 0.92
C PHE B 286 22.27 -14.76 0.92
N GLU B 287 21.36 -15.55 0.36
CA GLU B 287 19.95 -15.16 0.31
C GLU B 287 19.42 -14.83 1.72
N ALA B 288 19.87 -15.57 2.73
CA ALA B 288 19.37 -15.39 4.10
C ALA B 288 19.90 -14.11 4.80
N GLN B 289 20.87 -13.42 4.21
CA GLN B 289 21.36 -12.18 4.82
C GLN B 289 21.17 -10.98 3.92
N ALA B 290 21.26 -11.22 2.61
CA ALA B 290 21.05 -10.19 1.60
C ALA B 290 19.57 -9.81 1.50
N ALA B 291 18.68 -10.69 1.94
CA ALA B 291 17.26 -10.44 1.83
C ALA B 291 16.51 -10.92 3.07
N ARG B 292 15.32 -10.38 3.29
CA ARG B 292 14.41 -10.86 4.31
C ARG B 292 13.12 -11.30 3.65
N ASP B 293 13.24 -11.98 2.51
CA ASP B 293 12.06 -12.31 1.69
C ASP B 293 11.05 -13.20 2.43
N GLY B 294 11.52 -14.00 3.37
CA GLY B 294 10.62 -14.80 4.15
C GLY B 294 9.68 -14.01 5.03
N LEU B 295 10.12 -12.84 5.49
CA LEU B 295 9.24 -11.98 6.28
C LEU B 295 8.19 -11.33 5.37
N VAL B 296 8.60 -10.96 4.16
CA VAL B 296 7.69 -10.38 3.17
C VAL B 296 6.63 -11.42 2.79
N GLU B 297 7.09 -12.64 2.54
CA GLU B 297 6.18 -13.76 2.27
C GLU B 297 5.17 -13.97 3.40
N ALA B 298 5.64 -14.05 4.65
CA ALA B 298 4.76 -14.30 5.78
C ALA B 298 3.78 -13.14 6.01
N SER B 299 4.23 -11.90 5.80
CA SER B 299 3.32 -10.78 5.93
C SER B 299 2.16 -10.87 4.93
N GLY B 300 2.43 -11.38 3.73
CA GLY B 300 1.37 -11.60 2.75
C GLY B 300 0.27 -12.52 3.28
N ALA B 301 0.65 -13.59 3.96
CA ALA B 301 -0.35 -14.47 4.56
C ALA B 301 -1.14 -13.71 5.63
N LEU B 302 -0.45 -12.90 6.45
CA LEU B 302 -1.14 -12.15 7.51
C LEU B 302 -2.11 -11.14 6.90
N ARG B 303 -1.63 -10.52 5.83
CA ARG B 303 -2.43 -9.54 5.10
C ARG B 303 -3.68 -10.19 4.49
N THR B 304 -3.52 -11.41 3.93
CA THR B 304 -4.68 -12.11 3.40
C THR B 304 -5.68 -12.44 4.53
N ILE B 305 -5.15 -12.82 5.70
CA ILE B 305 -5.99 -13.08 6.86
C ILE B 305 -6.72 -11.79 7.30
N ALA B 306 -6.04 -10.65 7.24
CA ALA B 306 -6.68 -9.37 7.54
C ALA B 306 -7.81 -9.06 6.55
N VAL B 307 -7.60 -9.37 5.28
CA VAL B 307 -8.63 -9.22 4.25
C VAL B 307 -9.86 -10.12 4.57
N SER B 308 -9.62 -11.37 4.92
CA SER B 308 -10.72 -12.28 5.30
C SER B 308 -11.46 -11.77 6.53
N LEU B 309 -10.70 -11.32 7.53
CA LEU B 309 -11.32 -10.88 8.79
C LEU B 309 -12.16 -9.63 8.56
N THR B 310 -11.75 -8.80 7.61
CA THR B 310 -12.51 -7.59 7.31
C THR B 310 -13.89 -7.98 6.77
N LYS B 311 -13.91 -8.90 5.81
CA LYS B 311 -15.18 -9.43 5.28
C LYS B 311 -16.07 -9.99 6.38
N ILE B 312 -15.48 -10.84 7.21
CA ILE B 312 -16.26 -11.54 8.23
C ILE B 312 -16.84 -10.54 9.25
N ALA B 313 -15.98 -9.67 9.75
CA ALA B 313 -16.40 -8.68 10.73
C ALA B 313 -17.41 -7.69 10.18
N ASN B 314 -17.19 -7.24 8.94
N ASN B 314 -17.23 -7.24 8.94
CA ASN B 314 -18.15 -6.33 8.32
CA ASN B 314 -18.19 -6.28 8.38
C ASN B 314 -19.52 -6.99 8.22
C ASN B 314 -19.55 -6.94 8.07
N ASP B 315 -19.55 -8.22 7.68
CA ASP B 315 -20.82 -8.93 7.54
C ASP B 315 -21.52 -9.03 8.89
N ILE B 316 -20.77 -9.43 9.91
CA ILE B 316 -21.36 -9.61 11.23
C ILE B 316 -21.90 -8.29 11.83
N ARG B 317 -21.18 -7.17 11.70
CA ARG B 317 -21.78 -5.96 12.24
C ARG B 317 -22.96 -5.50 11.40
N TRP B 318 -22.96 -5.75 10.09
CA TRP B 318 -24.16 -5.43 9.30
C TRP B 318 -25.32 -6.35 9.69
N MET B 319 -25.03 -7.65 9.87
CA MET B 319 -26.11 -8.57 10.35
C MET B 319 -26.67 -8.08 11.69
N GLY B 320 -25.81 -7.49 12.52
CA GLY B 320 -26.21 -7.07 13.86
C GLY B 320 -26.79 -5.66 13.88
N SER B 321 -26.84 -5.01 12.72
CA SER B 321 -27.22 -3.60 12.65
C SER B 321 -28.66 -3.35 13.06
N GLY B 322 -28.89 -2.23 13.73
CA GLY B 322 -30.21 -1.89 14.21
C GLY B 322 -30.17 -1.16 15.53
N PRO B 323 -31.09 -1.49 16.45
CA PRO B 323 -32.06 -2.58 16.42
C PRO B 323 -33.23 -2.40 15.45
N LEU B 324 -33.60 -1.18 15.09
CA LEU B 324 -34.81 -0.98 14.30
C LEU B 324 -34.61 -0.37 12.91
N THR B 325 -33.44 0.23 12.63
CA THR B 325 -33.27 0.91 11.36
C THR B 325 -32.26 0.16 10.47
N GLY B 326 -31.83 -1.01 10.90
CA GLY B 326 -30.83 -1.80 10.18
C GLY B 326 -31.38 -3.13 9.71
N LEU B 327 -30.52 -4.15 9.68
CA LEU B 327 -30.91 -5.45 9.09
C LEU B 327 -31.50 -6.38 10.14
N ALA B 328 -31.07 -6.21 11.39
CA ALA B 328 -31.57 -6.98 12.56
C ALA B 328 -31.61 -8.49 12.38
N GLU B 329 -30.58 -9.05 11.75
CA GLU B 329 -30.58 -10.49 11.52
C GLU B 329 -30.16 -11.26 12.75
N ILE B 330 -29.20 -10.69 13.49
CA ILE B 330 -28.63 -11.35 14.65
C ILE B 330 -28.44 -10.33 15.74
N GLN B 331 -28.18 -10.81 16.94
CA GLN B 331 -27.78 -9.93 18.02
C GLN B 331 -26.39 -10.30 18.50
N LEU B 332 -25.51 -9.30 18.54
CA LEU B 332 -24.19 -9.45 19.14
C LEU B 332 -24.28 -9.34 20.66
N PRO B 333 -23.47 -10.11 21.40
CA PRO B 333 -23.40 -9.89 22.85
C PRO B 333 -23.06 -8.44 23.19
N ASP B 334 -23.77 -7.83 24.16
CA ASP B 334 -23.41 -6.51 24.69
C ASP B 334 -22.05 -6.59 25.38
N LEU B 335 -21.16 -5.63 25.15
CA LEU B 335 -19.86 -5.68 25.84
C LEU B 335 -19.59 -4.42 26.67
N GLN B 336 -20.25 -3.32 26.32
CA GLN B 336 -20.10 -2.04 27.03
C GLN B 336 -21.13 -1.05 26.50
N PRO B 337 -21.44 0.01 27.29
CA PRO B 337 -22.37 1.04 26.79
C PRO B 337 -21.86 1.65 25.48
N GLY B 338 -22.77 1.90 24.52
CA GLY B 338 -22.34 2.29 23.19
C GLY B 338 -21.90 3.75 23.08
N SER B 339 -22.55 4.63 23.83
CA SER B 339 -22.43 6.05 23.55
C SER B 339 -22.44 6.89 24.82
N SER B 340 -21.54 7.87 24.89
CA SER B 340 -21.52 8.80 26.02
C SER B 340 -22.76 9.70 26.02
N ILE B 341 -23.47 9.78 24.88
CA ILE B 341 -24.57 10.73 24.72
C ILE B 341 -25.92 10.09 24.36
N MET B 342 -25.93 9.06 23.52
CA MET B 342 -27.19 8.39 23.12
C MET B 342 -27.46 7.21 24.05
N PRO B 343 -28.36 7.39 25.03
CA PRO B 343 -28.50 6.41 26.12
C PRO B 343 -29.11 5.08 25.64
N GLY B 344 -28.59 3.96 26.15
CA GLY B 344 -29.11 2.63 25.82
C GLY B 344 -28.51 1.99 24.58
N LYS B 345 -27.96 2.80 23.69
CA LYS B 345 -27.33 2.33 22.45
C LYS B 345 -26.16 1.37 22.78
N VAL B 346 -26.01 0.30 22.00
CA VAL B 346 -24.84 -0.60 22.13
C VAL B 346 -24.25 -0.85 20.72
N ASN B 347 -22.93 -0.85 20.62
CA ASN B 347 -22.26 -0.85 19.33
C ASN B 347 -21.44 -2.10 19.11
N PRO B 348 -21.23 -2.50 17.84
CA PRO B 348 -20.47 -3.70 17.51
C PRO B 348 -18.96 -3.49 17.72
N VAL B 349 -18.55 -3.36 18.98
CA VAL B 349 -17.17 -2.94 19.25
C VAL B 349 -16.13 -4.00 18.90
N LEU B 350 -16.46 -5.30 19.00
CA LEU B 350 -15.44 -6.30 18.64
C LEU B 350 -15.18 -6.29 17.11
N PRO B 351 -16.24 -6.26 16.27
CA PRO B 351 -15.96 -6.06 14.83
C PRO B 351 -15.15 -4.82 14.52
N GLU B 352 -15.36 -3.74 15.28
CA GLU B 352 -14.59 -2.51 15.06
C GLU B 352 -13.13 -2.73 15.39
N ALA B 353 -12.86 -3.45 16.49
CA ALA B 353 -11.49 -3.74 16.86
C ALA B 353 -10.83 -4.62 15.77
N VAL B 354 -11.58 -5.62 15.29
CA VAL B 354 -11.06 -6.49 14.22
C VAL B 354 -10.74 -5.74 12.94
N THR B 355 -11.66 -4.89 12.49
CA THR B 355 -11.41 -4.17 11.24
C THR B 355 -10.30 -3.13 11.39
N GLN B 356 -10.17 -2.54 12.58
CA GLN B 356 -9.02 -1.64 12.79
C GLN B 356 -7.70 -2.38 12.84
N VAL B 357 -7.69 -3.56 13.46
CA VAL B 357 -6.47 -4.39 13.45
C VAL B 357 -6.11 -4.76 12.02
N ALA B 358 -7.10 -5.15 11.25
CA ALA B 358 -6.85 -5.51 9.86
C ALA B 358 -6.21 -4.33 9.10
N ALA B 359 -6.71 -3.11 9.29
CA ALA B 359 -6.09 -1.94 8.63
C ALA B 359 -4.62 -1.81 9.03
N GLN B 360 -4.33 -2.03 10.31
CA GLN B 360 -2.94 -1.94 10.81
C GLN B 360 -2.05 -3.01 10.18
N VAL B 361 -2.59 -4.23 10.07
CA VAL B 361 -1.83 -5.30 9.41
C VAL B 361 -1.52 -4.96 7.94
N ILE B 362 -2.49 -4.36 7.24
CA ILE B 362 -2.30 -3.94 5.85
C ILE B 362 -1.20 -2.87 5.76
N GLY B 363 -1.23 -1.92 6.68
CA GLY B 363 -0.19 -0.89 6.71
C GLY B 363 1.17 -1.45 7.06
N ASN B 364 1.23 -2.29 8.08
CA ASN B 364 2.48 -2.95 8.47
C ASN B 364 3.04 -3.76 7.29
N ASP B 365 2.14 -4.37 6.52
CA ASP B 365 2.53 -5.20 5.38
C ASP B 365 3.23 -4.36 4.29
N ALA B 366 2.74 -3.13 4.10
CA ALA B 366 3.35 -2.26 3.11
C ALA B 366 4.75 -1.84 3.59
N ALA B 367 4.89 -1.56 4.88
CA ALA B 367 6.22 -1.18 5.41
C ALA B 367 7.22 -2.33 5.28
N ILE B 368 6.74 -3.54 5.53
CA ILE B 368 7.60 -4.74 5.45
C ILE B 368 8.12 -4.94 4.04
N ALA B 369 7.23 -4.83 3.04
CA ALA B 369 7.62 -5.06 1.65
C ALA B 369 8.59 -4.00 1.20
N TRP B 370 8.34 -2.76 1.62
CA TRP B 370 9.24 -1.65 1.31
C TRP B 370 10.66 -1.93 1.85
N GLY B 371 10.76 -2.32 3.11
CA GLY B 371 12.04 -2.72 3.69
C GLY B 371 12.68 -3.90 2.97
N GLY B 372 11.86 -4.87 2.61
CA GLY B 372 12.36 -6.08 1.99
C GLY B 372 12.99 -5.85 0.64
N ALA B 373 12.45 -4.91 -0.12
CA ALA B 373 12.92 -4.72 -1.48
C ALA B 373 14.26 -3.98 -1.56
N ASN B 374 14.63 -3.33 -0.47
CA ASN B 374 15.71 -2.33 -0.54
C ASN B 374 17.05 -2.74 0.10
N GLY B 375 17.30 -4.04 0.16
CA GLY B 375 18.61 -4.51 0.57
C GLY B 375 19.68 -4.14 -0.44
N ALA B 376 20.94 -4.25 -0.06
CA ALA B 376 22.03 -4.02 -0.99
C ALA B 376 23.13 -5.05 -0.78
N PHE B 377 23.56 -5.69 -1.87
CA PHE B 377 24.66 -6.63 -1.84
C PHE B 377 24.49 -7.64 -0.72
N GLU B 378 25.42 -7.70 0.23
CA GLU B 378 25.42 -8.82 1.19
C GLU B 378 24.47 -8.64 2.39
N LEU B 379 23.78 -7.51 2.48
CA LEU B 379 22.97 -7.28 3.67
C LEU B 379 21.75 -6.40 3.42
N ASN B 380 20.56 -6.91 3.80
CA ASN B 380 19.40 -6.06 3.92
C ASN B 380 19.44 -5.31 5.26
N VAL B 381 19.43 -3.97 5.24
CA VAL B 381 19.55 -3.20 6.48
C VAL B 381 18.23 -2.49 6.83
N TYR B 382 17.15 -3.25 6.81
CA TYR B 382 15.84 -2.78 7.26
C TYR B 382 15.29 -3.75 8.30
N ILE B 383 16.17 -4.51 8.97
CA ILE B 383 15.67 -5.65 9.76
C ILE B 383 14.87 -5.21 10.99
N PRO B 384 15.38 -4.22 11.76
CA PRO B 384 14.62 -3.84 12.94
C PRO B 384 13.21 -3.33 12.62
N MET B 385 13.08 -2.51 11.58
CA MET B 385 11.77 -2.04 11.16
C MET B 385 10.87 -3.21 10.69
N MET B 386 11.42 -4.10 9.87
CA MET B 386 10.64 -5.23 9.35
C MET B 386 10.18 -6.13 10.48
N ALA B 387 11.09 -6.34 11.43
CA ALA B 387 10.81 -7.16 12.59
C ALA B 387 9.70 -6.58 13.42
N ARG B 388 9.78 -5.28 13.69
CA ARG B 388 8.72 -4.61 14.46
C ARG B 388 7.36 -4.85 13.81
N ASN B 389 7.30 -4.65 12.50
CA ASN B 389 6.01 -4.72 11.85
C ASN B 389 5.45 -6.14 11.74
N ILE B 390 6.28 -7.12 11.41
CA ILE B 390 5.77 -8.48 11.23
C ILE B 390 5.32 -9.05 12.59
N LEU B 391 6.08 -8.78 13.63
CA LEU B 391 5.76 -9.32 14.95
C LEU B 391 4.53 -8.66 15.54
N GLU B 392 4.36 -7.36 15.26
CA GLU B 392 3.16 -6.68 15.72
C GLU B 392 1.94 -7.22 14.98
N SER B 393 2.06 -7.45 13.67
CA SER B 393 0.93 -8.04 12.94
C SER B 393 0.56 -9.42 13.49
N PHE B 394 1.56 -10.26 13.79
CA PHE B 394 1.26 -11.56 14.44
C PHE B 394 0.48 -11.35 15.74
N LYS B 395 0.99 -10.44 16.56
CA LYS B 395 0.43 -10.21 17.88
C LYS B 395 -1.01 -9.69 17.81
N LEU B 396 -1.24 -8.66 17.01
CA LEU B 396 -2.59 -8.08 16.87
C LEU B 396 -3.59 -9.12 16.38
N LEU B 397 -3.24 -9.88 15.35
CA LEU B 397 -4.16 -10.89 14.78
C LEU B 397 -4.46 -12.00 15.78
N THR B 398 -3.43 -12.41 16.51
CA THR B 398 -3.57 -13.46 17.52
C THR B 398 -4.57 -12.99 18.58
N ASN B 399 -4.34 -11.79 19.11
CA ASN B 399 -5.11 -11.39 20.27
C ASN B 399 -6.54 -11.05 19.89
N VAL B 400 -6.72 -10.33 18.78
CA VAL B 400 -8.08 -9.99 18.38
C VAL B 400 -8.83 -11.23 17.88
N SER B 401 -8.15 -12.23 17.29
CA SER B 401 -8.90 -13.43 16.86
C SER B 401 -9.52 -14.16 18.06
N ARG B 402 -8.77 -14.28 19.16
CA ARG B 402 -9.32 -14.92 20.36
C ARG B 402 -10.44 -14.10 20.99
N LEU B 403 -10.28 -12.78 21.04
CA LEU B 403 -11.34 -11.93 21.60
C LEU B 403 -12.60 -11.99 20.73
N PHE B 404 -12.41 -11.97 19.41
CA PHE B 404 -13.52 -12.05 18.47
C PHE B 404 -14.29 -13.36 18.70
N ALA B 405 -13.55 -14.45 18.79
CA ALA B 405 -14.13 -15.79 19.01
C ALA B 405 -14.94 -15.85 20.30
N GLN B 406 -14.32 -15.41 21.39
CA GLN B 406 -14.87 -15.57 22.74
C GLN B 406 -15.91 -14.53 23.11
N ARG B 407 -15.66 -13.27 22.77
CA ARG B 407 -16.56 -12.20 23.22
C ARG B 407 -17.58 -11.76 22.20
N CYS B 408 -17.55 -12.35 21.01
CA CYS B 408 -18.53 -11.98 19.99
C CYS B 408 -19.15 -13.24 19.35
N ILE B 409 -18.34 -14.01 18.63
CA ILE B 409 -18.89 -15.12 17.85
C ILE B 409 -19.67 -16.11 18.73
N ALA B 410 -19.07 -16.48 19.85
CA ALA B 410 -19.62 -17.56 20.69
C ALA B 410 -21.03 -17.24 21.20
N GLY B 411 -21.30 -15.96 21.45
CA GLY B 411 -22.57 -15.54 22.00
C GLY B 411 -23.62 -14.99 21.04
N LEU B 412 -23.36 -15.05 19.73
CA LEU B 412 -24.34 -14.52 18.77
C LEU B 412 -25.66 -15.27 18.85
N THR B 413 -26.77 -14.56 18.74
CA THR B 413 -28.06 -15.23 18.60
C THR B 413 -28.78 -14.75 17.34
N ALA B 414 -29.51 -15.66 16.70
CA ALA B 414 -30.20 -15.32 15.46
C ALA B 414 -31.65 -14.96 15.68
N ASN B 415 -32.14 -13.96 14.97
CA ASN B 415 -33.57 -13.68 14.97
C ASN B 415 -34.25 -14.62 13.98
N VAL B 416 -34.42 -15.87 14.39
CA VAL B 416 -34.78 -16.94 13.47
C VAL B 416 -36.08 -16.69 12.70
N GLU B 417 -37.12 -16.30 13.41
CA GLU B 417 -38.43 -16.13 12.76
C GLU B 417 -38.45 -14.94 11.81
N HIS B 418 -37.84 -13.83 12.22
CA HIS B 418 -37.70 -12.66 11.35
C HIS B 418 -37.04 -13.00 10.01
N LEU B 419 -35.90 -13.67 10.09
CA LEU B 419 -35.16 -14.12 8.91
C LEU B 419 -36.02 -14.95 7.97
N ARG B 420 -36.73 -15.92 8.54
CA ARG B 420 -37.53 -16.82 7.74
C ARG B 420 -38.69 -16.08 7.08
N ARG B 421 -39.28 -15.13 7.80
CA ARG B 421 -40.44 -14.41 7.26
C ARG B 421 -40.00 -13.57 6.07
N LEU B 422 -38.84 -12.91 6.18
CA LEU B 422 -38.36 -12.14 5.06
C LEU B 422 -38.07 -13.04 3.85
N ALA B 423 -37.47 -14.22 4.06
CA ALA B 423 -37.21 -15.14 2.96
C ALA B 423 -38.53 -15.56 2.29
N GLU B 424 -39.54 -15.81 3.12
CA GLU B 424 -40.84 -16.30 2.63
C GLU B 424 -41.67 -15.19 2.00
N SER B 425 -41.17 -13.95 2.08
CA SER B 425 -41.84 -12.80 1.48
C SER B 425 -41.12 -12.32 0.21
N SER B 426 -40.08 -13.04 -0.18
CA SER B 426 -39.21 -12.54 -1.24
C SER B 426 -39.72 -12.83 -2.64
N PRO B 427 -39.72 -11.81 -3.52
CA PRO B 427 -39.98 -12.00 -4.94
C PRO B 427 -39.05 -13.04 -5.58
N SER B 428 -37.89 -13.29 -4.97
CA SER B 428 -36.90 -14.21 -5.53
C SER B 428 -37.33 -15.67 -5.43
N ILE B 429 -38.36 -15.95 -4.63
CA ILE B 429 -38.77 -17.35 -4.47
C ILE B 429 -40.02 -17.72 -5.28
N VAL B 430 -40.48 -16.84 -6.17
CA VAL B 430 -41.66 -17.22 -6.97
C VAL B 430 -41.34 -18.15 -8.15
N THR B 431 -40.08 -18.19 -8.56
CA THR B 431 -39.66 -19.03 -9.70
C THR B 431 -40.20 -20.47 -9.65
N PRO B 432 -40.10 -21.16 -8.49
CA PRO B 432 -40.67 -22.52 -8.52
C PRO B 432 -42.21 -22.58 -8.63
N LEU B 433 -42.88 -21.45 -8.76
CA LEU B 433 -44.32 -21.45 -9.02
C LEU B 433 -44.61 -21.53 -10.53
N ASN B 434 -43.59 -21.21 -11.34
CA ASN B 434 -43.76 -21.07 -12.79
C ASN B 434 -44.37 -22.27 -13.48
N SER B 435 -43.93 -23.47 -13.11
CA SER B 435 -44.41 -24.68 -13.76
C SER B 435 -45.82 -25.02 -13.31
N ALA B 436 -46.37 -24.24 -12.38
CA ALA B 436 -47.74 -24.43 -11.93
C ALA B 436 -48.69 -23.34 -12.43
N ILE B 437 -48.24 -22.08 -12.42
CA ILE B 437 -49.16 -20.99 -12.76
C ILE B 437 -48.63 -20.06 -13.86
N GLY B 438 -47.45 -20.34 -14.38
CA GLY B 438 -46.85 -19.50 -15.41
C GLY B 438 -46.09 -18.33 -14.84
N TYR B 439 -45.07 -17.87 -15.56
CA TYR B 439 -44.18 -16.83 -15.02
C TYR B 439 -44.86 -15.47 -14.92
N GLU B 440 -45.84 -15.22 -15.79
CA GLU B 440 -46.59 -13.96 -15.73
C GLU B 440 -47.36 -13.84 -14.43
N GLU B 441 -48.10 -14.88 -14.07
CA GLU B 441 -48.84 -14.85 -12.82
C GLU B 441 -47.91 -14.89 -11.60
N ALA B 442 -46.75 -15.55 -11.72
CA ALA B 442 -45.81 -15.57 -10.62
C ALA B 442 -45.26 -14.17 -10.36
N ALA B 443 -45.05 -13.39 -11.43
CA ALA B 443 -44.57 -12.02 -11.29
C ALA B 443 -45.63 -11.15 -10.62
N ALA B 444 -46.88 -11.42 -10.95
CA ALA B 444 -47.98 -10.70 -10.34
C ALA B 444 -48.10 -11.04 -8.84
N VAL B 445 -47.78 -12.28 -8.49
CA VAL B 445 -47.80 -12.67 -7.08
C VAL B 445 -46.73 -11.86 -6.33
N ALA B 446 -45.53 -11.86 -6.91
CA ALA B 446 -44.39 -11.11 -6.38
C ALA B 446 -44.74 -9.65 -6.14
N LYS B 447 -45.30 -9.02 -7.17
CA LYS B 447 -45.66 -7.60 -7.13
C LYS B 447 -46.65 -7.30 -6.01
N GLN B 448 -47.69 -8.11 -5.92
CA GLN B 448 -48.71 -7.93 -4.91
C GLN B 448 -48.20 -8.22 -3.49
N ALA B 449 -47.36 -9.25 -3.33
CA ALA B 449 -46.79 -9.57 -2.02
C ALA B 449 -45.99 -8.39 -1.43
N LEU B 450 -45.24 -7.69 -2.27
CA LEU B 450 -44.48 -6.52 -1.85
C LEU B 450 -45.39 -5.37 -1.45
N LYS B 451 -46.34 -5.04 -2.32
CA LYS B 451 -47.26 -3.91 -2.11
C LYS B 451 -48.04 -4.05 -0.82
N GLU B 452 -48.38 -5.28 -0.47
CA GLU B 452 -49.18 -5.58 0.73
C GLU B 452 -48.34 -6.04 1.91
N ARG B 453 -47.02 -6.10 1.71
CA ARG B 453 -46.09 -6.56 2.74
C ARG B 453 -46.51 -7.91 3.31
N LYS B 454 -46.86 -8.84 2.41
CA LYS B 454 -47.26 -10.19 2.79
C LYS B 454 -46.29 -11.24 2.25
N THR B 455 -46.41 -12.47 2.75
CA THR B 455 -45.60 -13.56 2.25
C THR B 455 -46.07 -13.93 0.84
N ILE B 456 -45.23 -14.64 0.10
CA ILE B 456 -45.60 -15.17 -1.19
C ILE B 456 -46.77 -16.15 -1.03
N ARG B 457 -46.66 -17.02 -0.05
CA ARG B 457 -47.69 -18.05 0.22
C ARG B 457 -49.06 -17.43 0.38
N GLN B 458 -49.16 -16.47 1.29
CA GLN B 458 -50.40 -15.78 1.57
C GLN B 458 -50.93 -15.08 0.33
N THR B 459 -50.05 -14.51 -0.47
CA THR B 459 -50.45 -13.82 -1.69
C THR B 459 -51.01 -14.80 -2.71
N VAL B 460 -50.41 -15.98 -2.82
CA VAL B 460 -50.89 -16.99 -3.75
C VAL B 460 -52.31 -17.37 -3.39
N ILE B 461 -52.54 -17.54 -2.09
CA ILE B 461 -53.85 -17.81 -1.54
C ILE B 461 -54.83 -16.68 -1.82
N ASP B 462 -54.44 -15.45 -1.47
CA ASP B 462 -55.31 -14.27 -1.60
C ASP B 462 -55.67 -13.93 -3.05
N ARG B 463 -55.02 -14.59 -4.00
CA ARG B 463 -55.35 -14.40 -5.41
C ARG B 463 -56.19 -15.57 -5.93
N GLY B 464 -56.57 -16.46 -5.03
CA GLY B 464 -57.45 -17.58 -5.37
C GLY B 464 -56.82 -18.62 -6.26
N LEU B 465 -55.49 -18.74 -6.18
CA LEU B 465 -54.79 -19.65 -7.07
C LEU B 465 -54.83 -21.11 -6.61
N ILE B 466 -55.29 -21.36 -5.38
CA ILE B 466 -55.38 -22.73 -4.88
C ILE B 466 -56.62 -23.43 -5.43
N GLY B 467 -56.40 -24.35 -6.36
CA GLY B 467 -57.47 -25.13 -6.95
C GLY B 467 -56.91 -26.49 -7.29
N ASP B 468 -57.32 -27.06 -8.42
CA ASP B 468 -56.84 -28.38 -8.79
C ASP B 468 -55.56 -28.32 -9.63
N ARG B 469 -55.13 -27.12 -10.00
CA ARG B 469 -53.80 -26.99 -10.61
C ARG B 469 -52.76 -26.80 -9.51
N LEU B 470 -53.21 -26.44 -8.31
CA LEU B 470 -52.30 -26.14 -7.21
C LEU B 470 -52.93 -26.31 -5.83
N SER B 471 -52.62 -27.42 -5.18
CA SER B 471 -53.07 -27.61 -3.80
C SER B 471 -52.16 -26.89 -2.81
N ILE B 472 -52.64 -26.71 -1.59
CA ILE B 472 -51.87 -26.08 -0.52
C ILE B 472 -50.57 -26.84 -0.24
N GLU B 473 -50.65 -28.17 -0.23
CA GLU B 473 -49.49 -29.04 -0.06
C GLU B 473 -48.45 -28.77 -1.13
N ASP B 474 -48.91 -28.67 -2.38
CA ASP B 474 -48.03 -28.42 -3.51
C ASP B 474 -47.38 -27.04 -3.38
N LEU B 475 -48.19 -26.04 -3.02
CA LEU B 475 -47.72 -24.67 -2.79
C LEU B 475 -46.60 -24.63 -1.73
N ASP B 476 -46.79 -25.35 -0.62
CA ASP B 476 -45.81 -25.32 0.47
C ASP B 476 -44.51 -26.05 0.13
N ARG B 477 -44.62 -27.07 -0.70
CA ARG B 477 -43.45 -27.77 -1.21
C ARG B 477 -42.66 -26.87 -2.17
N ARG B 478 -43.38 -26.12 -3.00
CA ARG B 478 -42.77 -25.27 -3.99
C ARG B 478 -42.10 -24.06 -3.33
N LEU B 479 -42.71 -23.57 -2.26
CA LEU B 479 -42.25 -22.37 -1.58
C LEU B 479 -41.44 -22.69 -0.32
N ASP B 480 -40.90 -23.90 -0.26
CA ASP B 480 -40.11 -24.34 0.89
C ASP B 480 -38.74 -23.66 0.82
N VAL B 481 -38.57 -22.57 1.57
CA VAL B 481 -37.37 -21.76 1.37
C VAL B 481 -36.14 -22.46 1.91
N LEU B 482 -36.29 -23.33 2.92
CA LEU B 482 -35.12 -24.04 3.42
C LEU B 482 -34.60 -24.99 2.35
N ALA B 483 -35.51 -25.64 1.63
CA ALA B 483 -35.12 -26.55 0.54
C ALA B 483 -34.44 -25.80 -0.60
N MET B 484 -34.87 -24.56 -0.82
CA MET B 484 -34.24 -23.71 -1.82
C MET B 484 -32.78 -23.39 -1.52
N ALA B 485 -32.44 -23.30 -0.23
CA ALA B 485 -31.06 -23.06 0.22
C ALA B 485 -30.17 -24.28 -0.02
N LYS B 486 -30.77 -25.45 -0.22
CA LYS B 486 -30.03 -26.68 -0.54
C LYS B 486 -28.92 -27.00 0.47
N ALA B 487 -29.25 -26.99 1.75
CA ALA B 487 -28.26 -27.28 2.79
C ALA B 487 -27.92 -28.77 2.78
N GLU B 488 -26.68 -29.12 3.15
CA GLU B 488 -26.31 -30.53 3.21
C GLU B 488 -27.19 -31.26 4.23
N GLN B 489 -27.63 -32.46 3.88
CA GLN B 489 -28.46 -33.24 4.78
C GLN B 489 -27.62 -34.19 5.62
N LEU B 490 -27.81 -34.15 6.94
CA LEU B 490 -27.06 -35.02 7.84
C LEU B 490 -27.67 -36.43 7.85
N ASP B 491 -26.88 -37.40 8.31
CA ASP B 491 -27.34 -38.80 8.31
C ASP B 491 -28.16 -39.11 9.57
N SER B 492 -28.84 -40.26 9.56
CA SER B 492 -29.49 -40.80 10.75
C SER B 492 -28.45 -41.41 11.70
N ASP B 493 -28.43 -40.93 12.94
CA ASP B 493 -27.45 -41.42 13.91
C ASP B 493 -28.12 -41.98 15.16
N SER C 28 -10.30 -9.23 48.16
CA SER C 28 -11.58 -8.60 48.50
C SER C 28 -11.45 -7.08 48.57
N ALA C 29 -10.39 -6.61 49.24
CA ALA C 29 -10.10 -5.17 49.32
C ALA C 29 -9.26 -4.71 48.12
N ASN C 30 -8.98 -5.63 47.20
CA ASN C 30 -8.24 -5.31 45.99
C ASN C 30 -9.09 -4.50 45.00
N TYR C 31 -10.42 -4.57 45.16
CA TYR C 31 -11.32 -3.92 44.21
C TYR C 31 -12.47 -3.16 44.86
N ARG C 32 -13.08 -2.27 44.08
CA ARG C 32 -14.30 -1.58 44.47
C ARG C 32 -15.33 -1.76 43.35
N ILE C 33 -16.58 -1.42 43.65
CA ILE C 33 -17.66 -1.59 42.69
C ILE C 33 -18.01 -0.23 42.06
N GLU C 34 -18.05 -0.18 40.73
CA GLU C 34 -18.59 1.00 40.03
C GLU C 34 -19.73 0.50 39.15
N HIS C 35 -20.52 1.39 38.56
CA HIS C 35 -21.60 0.91 37.72
C HIS C 35 -21.80 1.81 36.51
N ASP C 36 -22.37 1.24 35.45
CA ASP C 36 -22.83 2.04 34.33
C ASP C 36 -24.22 1.52 33.95
N THR C 37 -24.73 1.92 32.79
CA THR C 37 -26.09 1.53 32.43
C THR C 37 -26.19 0.05 32.05
N MET C 38 -25.06 -0.66 32.04
CA MET C 38 -25.02 -2.07 31.71
C MET C 38 -24.97 -2.92 32.98
N GLY C 39 -24.65 -2.30 34.09
CA GLY C 39 -24.55 -3.02 35.35
C GLY C 39 -23.30 -2.67 36.15
N GLU C 40 -22.93 -3.55 37.07
CA GLU C 40 -21.83 -3.29 38.00
C GLU C 40 -20.54 -3.90 37.50
N VAL C 41 -19.44 -3.24 37.83
CA VAL C 41 -18.12 -3.64 37.36
C VAL C 41 -17.10 -3.53 38.49
N ARG C 42 -16.31 -4.59 38.72
CA ARG C 42 -15.22 -4.54 39.69
C ARG C 42 -14.04 -3.76 39.10
N VAL C 43 -13.59 -2.76 39.84
CA VAL C 43 -12.54 -1.86 39.40
C VAL C 43 -11.38 -1.95 40.40
N PRO C 44 -10.12 -1.89 39.92
CA PRO C 44 -8.98 -1.88 40.85
C PRO C 44 -9.13 -0.76 41.88
N ALA C 45 -8.92 -1.09 43.16
CA ALA C 45 -9.29 -0.20 44.26
C ALA C 45 -8.72 1.21 44.11
N LYS C 46 -7.47 1.30 43.66
CA LYS C 46 -6.75 2.58 43.57
C LYS C 46 -6.92 3.31 42.22
N ALA C 47 -7.52 2.63 41.24
CA ALA C 47 -7.69 3.24 39.91
C ALA C 47 -8.61 4.46 39.91
N LEU C 48 -8.22 5.50 39.18
CA LEU C 48 -9.11 6.65 39.04
C LEU C 48 -10.19 6.47 37.98
N TRP C 49 -10.06 5.45 37.12
CA TRP C 49 -11.10 5.21 36.15
C TRP C 49 -12.26 4.46 36.79
N ARG C 50 -13.38 4.31 36.07
CA ARG C 50 -14.54 3.63 36.65
C ARG C 50 -15.07 2.49 35.77
N ALA C 51 -16.39 2.31 35.70
CA ALA C 51 -16.98 1.12 35.10
C ALA C 51 -16.69 0.96 33.59
N GLN C 52 -16.86 2.03 32.83
CA GLN C 52 -16.79 1.88 31.38
C GLN C 52 -15.34 1.68 30.92
N THR C 53 -14.39 2.27 31.64
CA THR C 53 -12.97 2.12 31.31
C THR C 53 -12.58 0.69 31.59
N GLN C 54 -13.02 0.19 32.74
CA GLN C 54 -12.67 -1.16 33.12
C GLN C 54 -13.24 -2.19 32.14
N ARG C 55 -14.46 -1.96 31.63
CA ARG C 55 -15.02 -2.88 30.64
C ARG C 55 -14.12 -2.91 29.41
N ALA C 56 -13.66 -1.72 29.01
CA ALA C 56 -12.85 -1.58 27.81
C ALA C 56 -11.46 -2.23 28.00
N VAL C 57 -10.95 -2.17 29.21
CA VAL C 57 -9.72 -2.89 29.55
C VAL C 57 -9.89 -4.39 29.29
N GLU C 58 -11.07 -4.92 29.59
CA GLU C 58 -11.30 -6.35 29.40
C GLU C 58 -11.72 -6.72 27.97
N ASN C 59 -12.32 -5.78 27.26
CA ASN C 59 -12.78 -6.02 25.90
C ASN C 59 -11.65 -5.97 24.88
N PHE C 60 -10.68 -5.09 25.11
CA PHE C 60 -9.68 -4.82 24.06
C PHE C 60 -8.20 -5.09 24.38
N PRO C 61 -7.86 -6.19 25.07
CA PRO C 61 -6.41 -6.41 25.30
C PRO C 61 -5.71 -6.94 24.03
N ILE C 62 -5.31 -6.03 23.15
CA ILE C 62 -4.92 -6.38 21.79
C ILE C 62 -3.49 -6.03 21.45
N SER C 63 -3.14 -4.75 21.58
CA SER C 63 -1.79 -4.34 21.23
C SER C 63 -0.96 -4.15 22.48
N GLY C 64 -1.61 -3.91 23.61
CA GLY C 64 -0.88 -3.66 24.85
C GLY C 64 -0.40 -2.21 24.94
N ARG C 65 -0.84 -1.36 24.03
CA ARG C 65 -0.45 0.05 24.05
C ARG C 65 -1.68 0.94 24.03
N GLY C 66 -1.65 2.01 24.83
CA GLY C 66 -2.75 2.95 24.94
C GLY C 66 -2.46 4.29 24.27
N LEU C 67 -3.23 5.31 24.61
CA LEU C 67 -3.06 6.63 23.98
C LEU C 67 -1.70 7.21 24.33
N GLU C 68 -1.13 8.00 23.41
CA GLU C 68 0.16 8.64 23.65
C GLU C 68 -0.01 9.87 24.53
N ARG C 69 1.09 10.36 25.08
CA ARG C 69 1.08 11.59 25.88
C ARG C 69 0.33 12.72 25.18
N THR C 70 0.66 12.94 23.91
CA THR C 70 0.07 14.02 23.17
C THR C 70 -1.45 13.87 23.02
N GLN C 71 -1.95 12.63 22.95
CA GLN C 71 -3.39 12.40 22.82
C GLN C 71 -4.13 12.66 24.14
N ILE C 72 -3.52 12.23 25.23
CA ILE C 72 -4.08 12.43 26.56
C ILE C 72 -4.10 13.93 26.83
N ARG C 73 -3.04 14.63 26.44
CA ARG C 73 -3.00 16.07 26.64
CA ARG C 73 -2.96 16.08 26.57
C ARG C 73 -4.14 16.77 25.89
N ALA C 74 -4.36 16.42 24.62
CA ALA C 74 -5.41 17.06 23.84
C ALA C 74 -6.80 16.73 24.39
N LEU C 75 -6.97 15.51 24.90
CA LEU C 75 -8.24 15.17 25.52
C LEU C 75 -8.47 16.00 26.79
N GLY C 76 -7.43 16.16 27.61
CA GLY C 76 -7.59 16.93 28.84
C GLY C 76 -7.89 18.38 28.54
N LEU C 77 -7.15 18.94 27.60
CA LEU C 77 -7.37 20.31 27.14
C LEU C 77 -8.80 20.53 26.64
N LEU C 78 -9.28 19.60 25.80
CA LEU C 78 -10.62 19.70 25.24
C LEU C 78 -11.70 19.65 26.31
N LYS C 79 -11.57 18.77 27.30
CA LYS C 79 -12.58 18.65 28.35
C LYS C 79 -12.66 19.90 29.21
N GLY C 80 -11.51 20.47 29.55
CA GLY C 80 -11.45 21.74 30.25
C GLY C 80 -12.15 22.84 29.45
N ALA C 81 -11.84 22.92 28.16
CA ALA C 81 -12.43 23.94 27.33
C ALA C 81 -13.97 23.79 27.21
N CYS C 82 -14.46 22.55 27.14
CA CYS C 82 -15.91 22.32 27.10
C CYS C 82 -16.58 22.78 28.40
N ALA C 83 -15.96 22.46 29.53
CA ALA C 83 -16.51 22.88 30.82
C ALA C 83 -16.53 24.40 30.95
N GLN C 84 -15.49 25.03 30.42
CA GLN C 84 -15.41 26.48 30.42
C GLN C 84 -16.60 27.07 29.68
N VAL C 85 -16.90 26.54 28.51
CA VAL C 85 -17.94 27.09 27.68
C VAL C 85 -19.31 26.76 28.29
N ASN C 86 -19.48 25.56 28.82
CA ASN C 86 -20.73 25.24 29.52
C ASN C 86 -20.93 26.16 30.73
N SER C 87 -19.85 26.46 31.44
CA SER C 87 -19.91 27.45 32.52
C SER C 87 -20.31 28.83 32.00
N ASP C 88 -19.66 29.28 30.92
CA ASP C 88 -19.92 30.60 30.35
C ASP C 88 -21.38 30.76 29.95
N LEU C 89 -22.00 29.68 29.47
CA LEU C 89 -23.35 29.72 28.95
C LEU C 89 -24.39 29.44 30.04
N GLY C 90 -23.92 29.27 31.27
CA GLY C 90 -24.79 29.05 32.41
C GLY C 90 -25.49 27.70 32.39
N LEU C 91 -24.89 26.73 31.71
CA LEU C 91 -25.48 25.39 31.58
C LEU C 91 -24.96 24.49 32.65
N LEU C 92 -23.81 24.87 33.21
CA LEU C 92 -23.12 24.06 34.19
C LEU C 92 -22.69 24.91 35.38
N ALA C 93 -22.94 24.42 36.60
CA ALA C 93 -22.69 25.20 37.81
C ALA C 93 -21.20 25.45 38.04
N PRO C 94 -20.81 26.73 38.24
CA PRO C 94 -19.40 27.16 38.31
C PRO C 94 -18.54 26.31 39.24
N GLU C 95 -19.11 25.79 40.31
CA GLU C 95 -18.38 24.94 41.21
C GLU C 95 -18.02 23.62 40.51
N LYS C 96 -18.98 23.06 39.77
CA LYS C 96 -18.74 21.83 39.02
C LYS C 96 -17.77 22.12 37.88
N ALA C 97 -18.01 23.22 37.18
CA ALA C 97 -17.15 23.58 36.05
C ALA C 97 -15.70 23.77 36.49
N ASP C 98 -15.49 24.42 37.63
CA ASP C 98 -14.14 24.67 38.12
C ASP C 98 -13.41 23.38 38.49
N ALA C 99 -14.16 22.42 39.01
CA ALA C 99 -13.60 21.13 39.38
C ALA C 99 -13.17 20.35 38.12
N ILE C 100 -14.00 20.39 37.09
CA ILE C 100 -13.64 19.74 35.82
C ILE C 100 -12.40 20.39 35.22
N ILE C 101 -12.38 21.71 35.19
CA ILE C 101 -11.26 22.46 34.62
C ILE C 101 -9.97 22.15 35.38
N ALA C 102 -10.05 22.05 36.70
CA ALA C 102 -8.90 21.71 37.54
C ALA C 102 -8.38 20.30 37.26
N ALA C 103 -9.30 19.34 37.19
CA ALA C 103 -8.93 17.95 36.96
C ALA C 103 -8.41 17.78 35.53
N ALA C 104 -9.07 18.42 34.58
CA ALA C 104 -8.66 18.34 33.18
C ALA C 104 -7.23 18.87 32.99
N ALA C 105 -6.87 19.90 33.75
CA ALA C 105 -5.52 20.46 33.64
C ALA C 105 -4.47 19.48 34.17
N GLU C 106 -4.78 18.78 35.26
CA GLU C 106 -3.91 17.72 35.76
C GLU C 106 -3.67 16.67 34.68
N ILE C 107 -4.76 16.30 34.01
CA ILE C 107 -4.71 15.29 32.95
C ILE C 107 -3.88 15.80 31.79
N ALA C 108 -4.14 17.04 31.38
CA ALA C 108 -3.41 17.67 30.28
C ALA C 108 -1.90 17.67 30.53
N ASP C 109 -1.50 17.94 31.78
CA ASP C 109 -0.09 18.08 32.13
C ASP C 109 0.66 16.76 32.31
N GLY C 110 -0.05 15.65 32.32
CA GLY C 110 0.60 14.37 32.37
C GLY C 110 0.66 13.74 33.75
N GLN C 111 -0.12 14.25 34.69
CA GLN C 111 -0.10 13.69 36.04
C GLN C 111 -0.78 12.34 36.14
N HIS C 112 -1.56 11.98 35.13
CA HIS C 112 -2.42 10.82 35.28
C HIS C 112 -2.39 9.88 34.08
N ASP C 113 -1.25 9.79 33.39
CA ASP C 113 -1.21 8.99 32.18
C ASP C 113 -1.42 7.52 32.49
N ASP C 114 -1.08 7.14 33.71
CA ASP C 114 -1.22 5.76 34.13
C ASP C 114 -2.68 5.44 34.45
N GLN C 115 -3.55 6.43 34.42
CA GLN C 115 -4.98 6.18 34.58
C GLN C 115 -5.72 6.04 33.23
N PHE C 116 -4.95 5.90 32.14
CA PHE C 116 -5.51 5.70 30.79
C PHE C 116 -5.05 4.35 30.19
N PRO C 117 -5.61 3.24 30.70
CA PRO C 117 -5.17 1.88 30.36
C PRO C 117 -5.74 1.30 29.05
N ILE C 118 -6.60 2.04 28.36
CA ILE C 118 -7.36 1.44 27.28
C ILE C 118 -6.49 1.33 26.03
N ASP C 119 -6.58 0.17 25.39
CA ASP C 119 -5.89 -0.10 24.13
C ASP C 119 -6.26 0.88 23.02
N VAL C 120 -5.30 1.17 22.14
CA VAL C 120 -5.59 1.83 20.87
C VAL C 120 -6.72 1.12 20.11
N PHE C 121 -6.71 -0.22 20.07
CA PHE C 121 -7.66 -0.94 19.22
C PHE C 121 -8.98 -1.21 19.97
N GLN C 122 -9.63 -0.11 20.31
CA GLN C 122 -10.90 -0.07 21.04
C GLN C 122 -12.02 0.25 20.05
N THR C 123 -13.22 0.50 20.56
CA THR C 123 -14.32 0.92 19.71
C THR C 123 -13.88 2.12 18.84
N GLY C 124 -14.24 2.07 17.57
CA GLY C 124 -13.64 2.97 16.60
C GLY C 124 -14.02 4.43 16.66
N SER C 125 -14.92 4.80 17.58
CA SER C 125 -15.28 6.20 17.82
C SER C 125 -14.41 6.83 18.90
N GLY C 126 -13.67 5.99 19.61
CA GLY C 126 -12.95 6.43 20.80
C GLY C 126 -13.86 6.65 22.00
N THR C 127 -15.06 6.07 21.95
CA THR C 127 -16.00 6.16 23.08
C THR C 127 -15.33 5.77 24.39
N SER C 128 -14.57 4.67 24.39
CA SER C 128 -13.97 4.21 25.63
C SER C 128 -12.95 5.20 26.19
N SER C 129 -12.11 5.78 25.33
CA SER C 129 -11.15 6.78 25.83
C SER C 129 -11.86 8.08 26.23
N ASN C 130 -12.94 8.45 25.54
CA ASN C 130 -13.70 9.61 26.00
C ASN C 130 -14.26 9.36 27.42
N MET C 131 -14.88 8.20 27.66
CA MET C 131 -15.38 7.89 29.00
C MET C 131 -14.23 7.73 30.01
N ASN C 132 -13.07 7.27 29.55
CA ASN C 132 -11.88 7.20 30.40
C ASN C 132 -11.59 8.59 30.99
N THR C 133 -11.67 9.61 30.13
CA THR C 133 -11.39 10.97 30.56
C THR C 133 -12.51 11.46 31.50
N ASN C 134 -13.76 11.20 31.14
CA ASN C 134 -14.91 11.58 31.99
C ASN C 134 -14.84 10.97 33.37
N GLU C 135 -14.52 9.68 33.42
CA GLU C 135 -14.51 8.93 34.68
C GLU C 135 -13.33 9.33 35.56
N VAL C 136 -12.17 9.53 34.94
CA VAL C 136 -11.00 9.94 35.72
C VAL C 136 -11.20 11.37 36.28
N ILE C 137 -11.77 12.24 35.48
CA ILE C 137 -12.08 13.60 35.94
C ILE C 137 -13.05 13.55 37.13
N ALA C 138 -14.12 12.77 36.99
CA ALA C 138 -15.08 12.56 38.08
C ALA C 138 -14.41 12.08 39.37
N SER C 139 -13.49 11.13 39.26
CA SER C 139 -12.80 10.62 40.44
C SER C 139 -11.87 11.66 41.07
N ILE C 140 -11.16 12.44 40.25
CA ILE C 140 -10.28 13.48 40.77
C ILE C 140 -11.10 14.50 41.53
N ALA C 141 -12.22 14.93 40.94
CA ALA C 141 -13.06 15.96 41.55
C ALA C 141 -13.69 15.48 42.86
N ALA C 142 -13.92 14.17 42.97
CA ALA C 142 -14.44 13.57 44.20
C ALA C 142 -13.50 13.74 45.39
N LYS C 143 -12.19 13.77 45.12
CA LYS C 143 -11.21 13.91 46.19
C LYS C 143 -11.16 15.34 46.74
N GLY C 144 -11.65 16.29 45.97
CA GLY C 144 -11.77 17.67 46.43
C GLY C 144 -13.18 18.03 46.87
N GLY C 145 -14.04 17.02 46.99
CA GLY C 145 -15.38 17.19 47.54
C GLY C 145 -16.50 17.54 46.58
N VAL C 146 -16.26 17.46 45.28
CA VAL C 146 -17.31 17.79 44.32
C VAL C 146 -17.80 16.51 43.63
N THR C 147 -19.12 16.36 43.51
CA THR C 147 -19.69 15.16 42.88
C THR C 147 -20.08 15.44 41.43
N LEU C 148 -19.40 14.76 40.51
CA LEU C 148 -19.65 14.92 39.07
C LEU C 148 -20.11 13.61 38.44
N HIS C 149 -21.19 13.68 37.69
CA HIS C 149 -21.61 12.55 36.87
C HIS C 149 -20.78 12.56 35.59
N PRO C 150 -20.12 11.44 35.28
CA PRO C 150 -19.24 11.38 34.11
C PRO C 150 -19.97 11.73 32.80
N ASN C 151 -21.20 11.26 32.64
CA ASN C 151 -22.00 11.63 31.47
C ASN C 151 -22.67 13.00 31.61
N ASP C 152 -23.44 13.18 32.68
CA ASP C 152 -24.34 14.34 32.76
C ASP C 152 -23.56 15.66 32.94
N ASP C 153 -22.46 15.61 33.68
CA ASP C 153 -21.64 16.81 33.96
C ASP C 153 -20.39 16.93 33.09
N VAL C 154 -19.49 15.96 33.18
CA VAL C 154 -18.20 16.06 32.48
C VAL C 154 -18.33 16.03 30.97
N ASN C 155 -19.35 15.30 30.50
CA ASN C 155 -19.62 15.13 29.07
C ASN C 155 -20.78 15.98 28.60
N MET C 156 -21.14 17.00 29.39
CA MET C 156 -22.24 17.87 29.00
C MET C 156 -21.97 18.53 27.65
N SER C 157 -22.99 18.56 26.78
CA SER C 157 -22.94 19.17 25.45
C SER C 157 -22.02 18.43 24.47
N GLN C 158 -21.59 17.22 24.82
CA GLN C 158 -20.57 16.50 24.05
C GLN C 158 -20.95 15.08 23.63
N SER C 159 -20.26 14.59 22.61
CA SER C 159 -20.30 13.18 22.19
C SER C 159 -18.84 12.72 22.04
N SER C 160 -18.60 11.42 22.05
CA SER C 160 -17.29 10.94 21.63
C SER C 160 -17.10 11.26 20.17
N ASN C 161 -18.21 11.32 19.43
CA ASN C 161 -18.15 11.41 17.97
C ASN C 161 -17.70 12.76 17.47
N ASP C 162 -17.83 13.78 18.30
CA ASP C 162 -17.16 15.03 17.93
C ASP C 162 -15.92 15.28 18.78
N THR C 163 -15.90 14.84 20.04
CA THR C 163 -14.73 15.15 20.87
C THR C 163 -13.49 14.30 20.55
N PHE C 164 -13.64 13.01 20.21
CA PHE C 164 -12.43 12.23 19.97
C PHE C 164 -11.75 12.63 18.64
N PRO C 165 -12.51 12.79 17.55
CA PRO C 165 -11.84 13.37 16.37
C PRO C 165 -11.26 14.78 16.61
N THR C 166 -11.95 15.60 17.40
CA THR C 166 -11.43 16.93 17.72
C THR C 166 -10.09 16.82 18.45
N ALA C 167 -10.02 15.99 19.49
CA ALA C 167 -8.76 15.76 20.21
C ALA C 167 -7.68 15.26 19.26
N THR C 168 -8.06 14.39 18.33
CA THR C 168 -7.10 13.84 17.36
C THR C 168 -6.53 14.91 16.43
N HIS C 169 -7.42 15.76 15.90
CA HIS C 169 -6.97 16.81 14.99
C HIS C 169 -6.20 17.93 15.70
N ILE C 170 -6.54 18.19 16.96
CA ILE C 170 -5.72 19.10 17.78
C ILE C 170 -4.28 18.56 17.89
N ALA C 171 -4.15 17.30 18.26
CA ALA C 171 -2.84 16.70 18.41
C ALA C 171 -2.06 16.72 17.10
N ALA C 172 -2.74 16.40 15.99
CA ALA C 172 -2.08 16.32 14.68
C ALA C 172 -1.67 17.71 14.18
N THR C 173 -2.55 18.69 14.39
CA THR C 173 -2.27 20.06 14.02
C THR C 173 -1.10 20.60 14.82
N GLU C 174 -1.14 20.38 16.13
CA GLU C 174 0.00 20.72 16.99
C GLU C 174 1.30 20.03 16.53
N ALA C 175 1.21 18.76 16.18
CA ALA C 175 2.41 18.02 15.74
C ALA C 175 2.97 18.65 14.49
N ALA C 176 2.09 19.04 13.58
CA ALA C 176 2.51 19.59 12.31
C ALA C 176 3.17 20.96 12.51
N VAL C 177 2.48 21.83 13.25
CA VAL C 177 2.88 23.24 13.30
C VAL C 177 4.03 23.45 14.28
N ALA C 178 3.92 22.83 15.46
CA ALA C 178 4.88 23.12 16.54
C ALA C 178 6.10 22.20 16.53
N HIS C 179 6.02 21.07 15.82
CA HIS C 179 7.11 20.10 15.90
C HIS C 179 7.70 19.72 14.54
N LEU C 180 6.87 19.23 13.62
CA LEU C 180 7.42 18.79 12.32
C LEU C 180 7.96 19.93 11.46
N ILE C 181 7.17 20.98 11.27
CA ILE C 181 7.66 22.03 10.39
C ILE C 181 8.99 22.63 10.91
N PRO C 182 9.09 22.94 12.22
CA PRO C 182 10.40 23.42 12.68
C PRO C 182 11.55 22.39 12.50
N ALA C 183 11.26 21.10 12.61
CA ALA C 183 12.29 20.10 12.42
C ALA C 183 12.72 20.05 10.95
N LEU C 184 11.75 20.14 10.05
CA LEU C 184 12.08 20.17 8.61
C LEU C 184 12.86 21.43 8.28
N GLN C 185 12.50 22.55 8.91
N GLN C 185 12.47 22.53 8.92
CA GLN C 185 13.24 23.78 8.62
CA GLN C 185 13.15 23.82 8.75
C GLN C 185 14.69 23.62 9.11
C GLN C 185 14.64 23.67 9.14
N GLN C 186 14.90 22.97 10.24
CA GLN C 186 16.27 22.71 10.69
C GLN C 186 17.05 21.86 9.66
N LEU C 187 16.39 20.83 9.11
CA LEU C 187 17.02 19.99 8.10
C LEU C 187 17.27 20.76 6.81
N HIS C 188 16.28 21.55 6.39
CA HIS C 188 16.47 22.35 5.20
C HIS C 188 17.69 23.26 5.36
N ASP C 189 17.79 23.88 6.52
CA ASP C 189 18.87 24.84 6.72
C ASP C 189 20.27 24.15 6.72
N ALA C 190 20.34 22.92 7.22
CA ALA C 190 21.60 22.17 7.23
C ALA C 190 21.96 21.77 5.81
N LEU C 191 20.96 21.31 5.05
CA LEU C 191 21.16 21.00 3.62
C LEU C 191 21.58 22.25 2.83
N ALA C 192 20.89 23.36 3.08
CA ALA C 192 21.19 24.60 2.37
C ALA C 192 22.61 25.13 2.66
N ALA C 193 23.07 24.95 3.89
CA ALA C 193 24.41 25.40 4.29
C ALA C 193 25.46 24.61 3.56
N LYS C 194 25.23 23.31 3.43
CA LYS C 194 26.11 22.47 2.61
C LYS C 194 26.09 22.86 1.13
N ALA C 195 24.92 23.23 0.60
CA ALA C 195 24.86 23.64 -0.80
C ALA C 195 25.72 24.90 -0.99
N LEU C 196 25.64 25.82 -0.02
CA LEU C 196 26.49 27.02 -0.08
C LEU C 196 27.98 26.65 0.09
N ASP C 197 28.34 25.95 1.16
CA ASP C 197 29.74 25.53 1.39
C ASP C 197 30.36 24.76 0.23
N TRP C 198 29.56 23.98 -0.48
CA TRP C 198 30.09 23.07 -1.49
C TRP C 198 29.78 23.55 -2.89
N HIS C 199 29.48 24.85 -3.00
CA HIS C 199 29.05 25.44 -4.25
C HIS C 199 30.01 25.19 -5.42
N THR C 200 31.32 25.07 -5.15
CA THR C 200 32.23 24.85 -6.26
C THR C 200 32.98 23.53 -6.17
N VAL C 201 32.46 22.60 -5.38
CA VAL C 201 33.06 21.27 -5.31
C VAL C 201 32.53 20.43 -6.46
N VAL C 202 33.26 20.45 -7.56
CA VAL C 202 32.82 19.78 -8.77
C VAL C 202 33.03 18.27 -8.64
N LYS C 203 32.16 17.51 -9.30
CA LYS C 203 32.15 16.05 -9.28
C LYS C 203 31.42 15.56 -10.53
N SER C 204 31.43 14.25 -10.78
CA SER C 204 30.68 13.74 -11.91
C SER C 204 29.22 13.55 -11.49
N GLY C 205 28.31 14.06 -12.31
CA GLY C 205 26.91 13.73 -12.16
C GLY C 205 26.73 12.26 -12.52
N ARG C 206 25.66 11.66 -12.04
CA ARG C 206 25.37 10.28 -12.42
C ARG C 206 23.88 10.16 -12.77
N THR C 207 23.61 9.55 -13.92
CA THR C 207 22.24 9.29 -14.31
C THR C 207 22.12 7.82 -14.71
N HIS C 208 21.05 7.16 -14.28
CA HIS C 208 20.92 5.71 -14.44
C HIS C 208 22.06 4.97 -13.74
N LEU C 209 22.73 5.64 -12.79
CA LEU C 209 23.96 5.19 -12.10
C LEU C 209 25.23 5.23 -12.96
N MET C 210 25.12 5.77 -14.18
CA MET C 210 26.25 5.79 -15.12
C MET C 210 26.86 7.19 -15.21
N ASP C 211 28.15 7.25 -15.59
CA ASP C 211 28.89 8.52 -15.68
C ASP C 211 28.20 9.58 -16.54
N ALA C 212 27.92 10.74 -15.95
CA ALA C 212 27.23 11.79 -16.67
C ALA C 212 28.10 13.05 -16.71
N VAL C 213 27.51 14.21 -17.02
CA VAL C 213 28.28 15.47 -17.05
C VAL C 213 28.48 16.03 -15.66
N PRO C 214 29.37 17.04 -15.52
CA PRO C 214 29.66 17.50 -14.15
C PRO C 214 28.51 18.21 -13.45
N VAL C 215 28.51 18.07 -12.13
CA VAL C 215 27.66 18.85 -11.24
C VAL C 215 28.55 19.25 -10.08
N THR C 216 28.05 20.10 -9.19
CA THR C 216 28.77 20.26 -7.94
C THR C 216 27.99 19.57 -6.84
N LEU C 217 28.70 19.18 -5.79
CA LEU C 217 28.08 18.66 -4.58
C LEU C 217 27.06 19.68 -4.08
N GLY C 218 27.42 20.96 -4.15
CA GLY C 218 26.52 22.02 -3.75
C GLY C 218 25.19 22.00 -4.50
N GLN C 219 25.24 21.75 -5.80
CA GLN C 219 24.01 21.69 -6.62
C GLN C 219 23.13 20.55 -6.18
N GLU C 220 23.74 19.41 -5.90
CA GLU C 220 22.97 18.26 -5.44
C GLU C 220 22.29 18.56 -4.12
N PHE C 221 23.01 19.19 -3.21
CA PHE C 221 22.43 19.50 -1.93
C PHE C 221 21.40 20.61 -2.02
N SER C 222 21.49 21.45 -3.04
CA SER C 222 20.41 22.43 -3.25
C SER C 222 19.11 21.71 -3.69
N GLY C 223 19.26 20.63 -4.46
CA GLY C 223 18.14 19.77 -4.80
C GLY C 223 17.51 19.15 -3.56
N TYR C 224 18.34 18.59 -2.67
CA TYR C 224 17.84 18.01 -1.41
C TYR C 224 17.13 19.07 -0.59
N ALA C 225 17.71 20.28 -0.51
CA ALA C 225 17.10 21.31 0.30
C ALA C 225 15.72 21.69 -0.28
N ARG C 226 15.63 21.78 -1.60
CA ARG C 226 14.34 22.06 -2.23
C ARG C 226 13.31 20.98 -1.87
N GLN C 227 13.73 19.71 -1.89
CA GLN C 227 12.77 18.65 -1.54
C GLN C 227 12.19 18.88 -0.13
N ILE C 228 13.03 19.30 0.81
CA ILE C 228 12.56 19.49 2.20
C ILE C 228 11.72 20.77 2.29
N GLU C 229 12.16 21.83 1.61
CA GLU C 229 11.36 23.06 1.50
C GLU C 229 9.96 22.79 0.94
N ALA C 230 9.91 22.03 -0.14
CA ALA C 230 8.65 21.60 -0.75
C ALA C 230 7.83 20.75 0.22
N GLY C 231 8.52 19.92 0.99
CA GLY C 231 7.90 19.16 2.08
C GLY C 231 7.19 20.05 3.08
N ILE C 232 7.84 21.17 3.45
CA ILE C 232 7.21 22.12 4.34
C ILE C 232 5.99 22.73 3.66
N GLU C 233 6.13 23.07 2.38
CA GLU C 233 4.99 23.60 1.64
C GLU C 233 3.81 22.62 1.60
N ARG C 234 4.11 21.32 1.55
CA ARG C 234 3.05 20.31 1.51
C ARG C 234 2.32 20.22 2.84
N VAL C 235 3.08 20.32 3.93
CA VAL C 235 2.47 20.25 5.25
C VAL C 235 1.61 21.50 5.45
N ARG C 236 2.14 22.67 5.09
CA ARG C 236 1.35 23.89 5.27
CA ARG C 236 1.39 23.93 5.21
C ARG C 236 0.08 23.88 4.41
N ALA C 237 0.14 23.28 3.23
CA ALA C 237 -1.03 23.27 2.34
C ALA C 237 -2.16 22.42 2.87
N CYS C 238 -1.87 21.45 3.74
CA CYS C 238 -2.94 20.58 4.28
C CYS C 238 -3.59 21.19 5.54
N LEU C 239 -2.94 22.20 6.13
CA LEU C 239 -3.41 22.73 7.42
C LEU C 239 -4.85 23.31 7.41
N PRO C 240 -5.28 23.95 6.30
CA PRO C 240 -6.66 24.45 6.32
C PRO C 240 -7.71 23.36 6.56
N ARG C 241 -7.41 22.11 6.23
CA ARG C 241 -8.36 21.03 6.51
C ARG C 241 -7.93 20.15 7.69
N LEU C 242 -6.62 19.98 7.93
CA LEU C 242 -6.17 19.25 9.11
C LEU C 242 -6.67 19.94 10.39
N GLY C 243 -6.64 21.28 10.40
CA GLY C 243 -7.04 22.00 11.60
C GLY C 243 -8.54 22.07 11.89
N GLU C 244 -9.36 21.58 10.97
CA GLU C 244 -10.82 21.57 11.16
C GLU C 244 -11.21 20.66 12.30
N LEU C 245 -12.01 21.18 13.22
CA LEU C 245 -12.46 20.41 14.36
C LEU C 245 -13.97 20.16 14.34
N ALA C 246 -14.36 18.95 14.73
CA ALA C 246 -15.76 18.52 14.74
C ALA C 246 -16.56 19.05 15.94
N ILE C 247 -15.86 19.62 16.94
CA ILE C 247 -16.48 19.95 18.23
C ILE C 247 -17.76 20.80 18.05
N GLY C 248 -18.85 20.39 18.71
CA GLY C 248 -20.13 21.05 18.56
C GLY C 248 -21.16 20.24 17.79
N GLY C 249 -20.69 19.28 16.99
CA GLY C 249 -21.57 18.47 16.17
C GLY C 249 -22.30 17.38 16.96
N THR C 250 -21.82 17.10 18.15
CA THR C 250 -22.29 16.02 19.03
C THR C 250 -22.48 14.66 18.32
N ALA C 251 -23.68 14.06 18.43
CA ALA C 251 -23.82 12.62 18.08
C ALA C 251 -23.57 12.32 16.60
N VAL C 252 -24.16 13.11 15.71
CA VAL C 252 -24.17 12.79 14.31
C VAL C 252 -23.81 14.00 13.42
N GLY C 253 -23.55 15.14 14.05
CA GLY C 253 -23.22 16.34 13.27
C GLY C 253 -24.30 17.41 13.31
N THR C 254 -25.45 17.07 13.89
CA THR C 254 -26.56 18.03 13.98
C THR C 254 -26.43 19.02 15.15
N GLY C 255 -25.55 18.74 16.12
CA GLY C 255 -25.39 19.64 17.25
C GLY C 255 -26.43 19.42 18.35
N LEU C 256 -27.24 18.38 18.20
CA LEU C 256 -28.25 18.03 19.22
C LEU C 256 -27.64 17.98 20.62
N ASN C 257 -28.32 18.60 21.59
CA ASN C 257 -27.92 18.65 23.00
C ASN C 257 -26.68 19.54 23.29
N ALA C 258 -26.29 20.32 22.30
CA ALA C 258 -25.29 21.37 22.51
C ALA C 258 -25.85 22.71 22.05
N PRO C 259 -25.40 23.80 22.70
CA PRO C 259 -25.72 25.15 22.23
C PRO C 259 -25.30 25.33 20.77
N ASP C 260 -26.03 26.13 20.02
CA ASP C 260 -25.75 26.32 18.61
C ASP C 260 -24.34 26.86 18.35
N ASP C 261 -23.78 27.55 19.33
CA ASP C 261 -22.47 28.16 19.16
C ASP C 261 -21.41 27.48 20.02
N PHE C 262 -21.70 26.26 20.47
CA PHE C 262 -20.75 25.53 21.31
C PHE C 262 -19.40 25.37 20.61
N GLY C 263 -19.46 25.01 19.33
CA GLY C 263 -18.25 24.83 18.54
C GLY C 263 -17.37 26.07 18.42
N VAL C 264 -17.96 27.17 17.96
CA VAL C 264 -17.18 28.39 17.82
C VAL C 264 -16.59 28.79 19.17
N ARG C 265 -17.35 28.62 20.26
CA ARG C 265 -16.84 29.04 21.56
C ARG C 265 -15.72 28.15 22.09
N VAL C 266 -15.86 26.84 21.91
CA VAL C 266 -14.81 25.94 22.38
C VAL C 266 -13.53 26.14 21.57
N VAL C 267 -13.67 26.28 20.25
CA VAL C 267 -12.51 26.51 19.41
C VAL C 267 -11.81 27.83 19.84
N ALA C 268 -12.57 28.86 20.18
CA ALA C 268 -11.95 30.13 20.62
C ALA C 268 -11.09 29.91 21.86
N VAL C 269 -11.60 29.13 22.82
CA VAL C 269 -10.84 28.79 24.03
C VAL C 269 -9.58 27.97 23.68
N LEU C 270 -9.73 27.07 22.73
CA LEU C 270 -8.62 26.22 22.31
C LEU C 270 -7.49 27.04 21.69
N VAL C 271 -7.87 27.92 20.77
CA VAL C 271 -6.91 28.78 20.10
C VAL C 271 -6.18 29.64 21.13
N ALA C 272 -6.93 30.16 22.09
CA ALA C 272 -6.35 31.04 23.10
C ALA C 272 -5.36 30.26 23.96
N GLN C 273 -5.69 29.03 24.29
CA GLN C 273 -4.85 28.26 25.18
C GLN C 273 -3.66 27.59 24.50
N THR C 274 -3.77 27.30 23.22
CA THR C 274 -2.68 26.59 22.55
C THR C 274 -1.80 27.51 21.69
N GLY C 275 -2.35 28.64 21.27
CA GLY C 275 -1.66 29.50 20.33
C GLY C 275 -1.78 29.01 18.89
N LEU C 276 -2.47 27.89 18.68
CA LEU C 276 -2.59 27.35 17.34
C LEU C 276 -3.75 27.98 16.59
N SER C 277 -3.47 29.04 15.85
CA SER C 277 -4.51 29.71 15.08
C SER C 277 -5.06 28.84 13.95
N GLU C 278 -4.38 27.73 13.63
CA GLU C 278 -4.84 26.83 12.57
C GLU C 278 -6.07 26.03 12.99
N LEU C 279 -6.35 25.95 14.27
CA LEU C 279 -7.57 25.27 14.73
C LEU C 279 -8.80 26.06 14.33
N ARG C 280 -9.79 25.40 13.78
CA ARG C 280 -10.98 26.10 13.32
C ARG C 280 -12.18 25.19 13.38
N THR C 281 -13.38 25.75 13.39
CA THR C 281 -14.58 24.93 13.29
C THR C 281 -14.67 24.32 11.90
N ALA C 282 -15.26 23.13 11.80
CA ALA C 282 -15.37 22.47 10.50
C ALA C 282 -16.26 23.23 9.51
N ALA C 283 -15.87 23.17 8.25
CA ALA C 283 -16.68 23.77 7.19
C ALA C 283 -18.07 23.15 7.12
N ASN C 284 -18.13 21.84 7.31
CA ASN C 284 -19.39 21.11 7.28
C ASN C 284 -19.37 20.09 8.40
N SER C 285 -20.35 20.16 9.30
CA SER C 285 -20.35 19.36 10.51
C SER C 285 -20.61 17.86 10.27
N PHE C 286 -21.19 17.51 9.12
CA PHE C 286 -21.45 16.11 8.83
C PHE C 286 -20.20 15.45 8.25
N GLU C 287 -19.58 16.12 7.29
CA GLU C 287 -18.29 15.70 6.74
C GLU C 287 -17.24 15.50 7.84
N ALA C 288 -17.29 16.35 8.86
CA ALA C 288 -16.28 16.32 9.93
C ALA C 288 -16.40 15.11 10.84
N GLN C 289 -17.53 14.42 10.80
CA GLN C 289 -17.71 13.24 11.63
C GLN C 289 -17.88 11.95 10.83
N ALA C 290 -18.44 12.06 9.63
CA ALA C 290 -18.66 10.89 8.75
C ALA C 290 -17.34 10.43 8.13
N ALA C 291 -16.34 11.29 8.18
CA ALA C 291 -15.08 11.05 7.48
C ALA C 291 -13.94 11.64 8.29
N ARG C 292 -12.75 11.12 8.03
CA ARG C 292 -11.51 11.62 8.62
C ARG C 292 -10.58 11.97 7.45
N ASP C 293 -11.16 12.55 6.39
CA ASP C 293 -10.42 12.81 5.13
C ASP C 293 -9.22 13.74 5.36
N GLY C 294 -9.30 14.64 6.34
CA GLY C 294 -8.15 15.52 6.63
C GLY C 294 -6.91 14.79 7.15
N LEU C 295 -7.12 13.67 7.86
CA LEU C 295 -6.00 12.85 8.28
C LEU C 295 -5.40 12.11 7.11
N VAL C 296 -6.25 11.62 6.21
CA VAL C 296 -5.77 10.99 4.98
C VAL C 296 -4.94 11.98 4.14
N GLU C 297 -5.50 13.17 3.95
CA GLU C 297 -4.81 14.26 3.26
C GLU C 297 -3.42 14.52 3.88
N ALA C 298 -3.39 14.77 5.18
CA ALA C 298 -2.12 15.05 5.86
C ALA C 298 -1.12 13.88 5.76
N SER C 299 -1.59 12.64 5.83
CA SER C 299 -0.66 11.50 5.70
C SER C 299 0.02 11.51 4.34
N GLY C 300 -0.71 11.94 3.31
CA GLY C 300 -0.15 12.06 1.98
C GLY C 300 1.04 13.02 1.94
N ALA C 301 0.94 14.14 2.65
CA ALA C 301 2.07 15.05 2.74
C ALA C 301 3.24 14.34 3.48
N LEU C 302 2.96 13.64 4.58
CA LEU C 302 4.03 12.93 5.32
C LEU C 302 4.69 11.84 4.46
N ARG C 303 3.86 11.14 3.68
CA ARG C 303 4.35 10.09 2.81
C ARG C 303 5.24 10.69 1.71
N THR C 304 4.85 11.85 1.20
CA THR C 304 5.69 12.49 0.20
C THR C 304 7.04 12.90 0.81
N ILE C 305 7.02 13.37 2.04
CA ILE C 305 8.25 13.72 2.75
C ILE C 305 9.11 12.47 2.94
N ALA C 306 8.49 11.34 3.29
CA ALA C 306 9.23 10.08 3.43
C ALA C 306 9.88 9.67 2.10
N VAL C 307 9.17 9.89 1.00
CA VAL C 307 9.70 9.63 -0.34
C VAL C 307 10.92 10.53 -0.61
N SER C 308 10.81 11.81 -0.26
CA SER C 308 11.95 12.72 -0.43
C SER C 308 13.15 12.31 0.44
N LEU C 309 12.88 11.98 1.70
CA LEU C 309 13.96 11.60 2.64
C LEU C 309 14.67 10.35 2.18
N THR C 310 13.93 9.44 1.54
CA THR C 310 14.53 8.20 1.07
C THR C 310 15.57 8.50 -0.01
N LYS C 311 15.23 9.40 -0.95
CA LYS C 311 16.16 9.79 -1.99
C LYS C 311 17.40 10.47 -1.36
N ILE C 312 17.17 11.41 -0.45
CA ILE C 312 18.31 12.15 0.14
C ILE C 312 19.23 11.21 0.93
N ALA C 313 18.65 10.41 1.82
CA ALA C 313 19.45 9.48 2.62
C ALA C 313 20.16 8.43 1.76
N ASN C 314 19.49 7.91 0.72
CA ASN C 314 20.13 6.92 -0.15
C ASN C 314 21.32 7.51 -0.86
N ASP C 315 21.16 8.73 -1.40
CA ASP C 315 22.29 9.38 -2.04
C ASP C 315 23.44 9.58 -1.08
N ILE C 316 23.12 10.00 0.14
CA ILE C 316 24.17 10.32 1.11
C ILE C 316 24.91 9.04 1.55
N ARG C 317 24.20 7.93 1.73
CA ARG C 317 24.97 6.74 2.08
C ARG C 317 25.77 6.19 0.89
N TRP C 318 25.29 6.37 -0.34
CA TRP C 318 26.09 5.97 -1.50
C TRP C 318 27.31 6.88 -1.69
N MET C 319 27.14 8.18 -1.47
CA MET C 319 28.31 9.06 -1.48
C MET C 319 29.33 8.69 -0.41
N GLY C 320 28.88 8.23 0.75
CA GLY C 320 29.80 7.82 1.80
C GLY C 320 30.34 6.41 1.66
N SER C 321 29.93 5.70 0.59
CA SER C 321 30.18 4.26 0.50
C SER C 321 31.64 3.86 0.31
N GLY C 322 31.98 2.68 0.80
CA GLY C 322 33.31 2.11 0.55
C GLY C 322 34.16 1.99 1.81
N PRO C 323 35.33 2.66 1.81
CA PRO C 323 35.80 3.57 0.77
C PRO C 323 36.31 2.88 -0.51
N LEU C 324 36.99 1.75 -0.36
CA LEU C 324 37.64 1.12 -1.50
C LEU C 324 36.63 0.55 -2.52
N THR C 325 35.56 -0.05 -2.03
CA THR C 325 34.60 -0.72 -2.89
C THR C 325 33.46 0.19 -3.33
N GLY C 326 33.48 1.45 -2.89
CA GLY C 326 32.34 2.33 -3.13
C GLY C 326 32.70 3.58 -3.89
N LEU C 327 31.91 4.63 -3.70
CA LEU C 327 32.16 5.91 -4.40
C LEU C 327 33.13 6.83 -3.63
N ALA C 328 33.15 6.72 -2.31
CA ALA C 328 34.09 7.44 -1.44
C ALA C 328 34.10 8.94 -1.69
N GLU C 329 32.94 9.50 -1.99
CA GLU C 329 32.81 10.93 -2.24
C GLU C 329 32.85 11.81 -1.00
N ILE C 330 32.25 11.35 0.09
CA ILE C 330 32.17 12.13 1.29
C ILE C 330 32.43 11.21 2.47
N GLN C 331 32.63 11.82 3.63
CA GLN C 331 32.75 11.06 4.86
C GLN C 331 31.65 11.47 5.83
N LEU C 332 30.91 10.49 6.34
CA LEU C 332 29.89 10.74 7.35
C LEU C 332 30.50 10.74 8.74
N PRO C 333 29.97 11.58 9.64
CA PRO C 333 30.38 11.56 11.05
C PRO C 333 30.16 10.16 11.63
N ASP C 334 31.15 9.70 12.38
CA ASP C 334 31.13 8.39 13.04
C ASP C 334 30.30 8.47 14.31
N LEU C 335 29.29 7.62 14.45
CA LEU C 335 28.43 7.67 15.63
C LEU C 335 28.51 6.38 16.46
N GLN C 336 29.02 5.30 15.87
CA GLN C 336 29.18 4.05 16.59
C GLN C 336 30.48 3.33 16.17
N PRO C 337 31.58 3.57 16.91
CA PRO C 337 31.74 4.51 18.02
C PRO C 337 32.16 5.92 17.55
N GLY C 344 39.36 4.62 8.93
CA GLY C 344 38.03 5.19 8.78
C GLY C 344 37.10 4.40 7.86
N LYS C 345 36.06 3.81 8.44
CA LYS C 345 34.99 3.14 7.67
C LYS C 345 33.71 3.13 8.53
N VAL C 346 32.98 4.24 8.50
CA VAL C 346 31.82 4.36 9.38
C VAL C 346 30.54 3.91 8.65
N ASN C 347 29.70 3.16 9.37
CA ASN C 347 28.44 2.71 8.80
C ASN C 347 27.48 3.89 8.72
N PRO C 348 26.66 3.95 7.66
CA PRO C 348 25.76 5.10 7.55
C PRO C 348 24.51 4.91 8.42
N VAL C 349 24.70 4.94 9.73
CA VAL C 349 23.59 4.55 10.62
C VAL C 349 22.42 5.53 10.62
N LEU C 350 22.66 6.83 10.44
CA LEU C 350 21.52 7.73 10.40
C LEU C 350 20.76 7.62 9.05
N PRO C 351 21.46 7.53 7.89
CA PRO C 351 20.69 7.20 6.69
C PRO C 351 19.85 5.93 6.83
N GLU C 352 20.34 4.92 7.54
CA GLU C 352 19.55 3.71 7.75
C GLU C 352 18.34 3.98 8.63
N ALA C 353 18.53 4.76 9.69
CA ALA C 353 17.38 5.15 10.51
C ALA C 353 16.37 5.96 9.71
N VAL C 354 16.86 6.87 8.88
CA VAL C 354 15.94 7.67 8.06
C VAL C 354 15.13 6.81 7.05
N THR C 355 15.79 5.89 6.34
CA THR C 355 15.08 5.10 5.34
C THR C 355 14.15 4.07 5.99
N GLN C 356 14.50 3.59 7.19
CA GLN C 356 13.57 2.74 7.93
C GLN C 356 12.37 3.55 8.42
N VAL C 357 12.61 4.75 8.92
CA VAL C 357 11.50 5.61 9.31
C VAL C 357 10.55 5.86 8.12
N ALA C 358 11.13 6.11 6.94
CA ALA C 358 10.34 6.38 5.74
C ALA C 358 9.46 5.16 5.38
N ALA C 359 10.04 3.97 5.45
CA ALA C 359 9.25 2.73 5.29
C ALA C 359 8.07 2.71 6.27
N GLN C 360 8.30 3.04 7.53
CA GLN C 360 7.22 3.05 8.50
C GLN C 360 6.12 4.06 8.14
N VAL C 361 6.52 5.26 7.73
CA VAL C 361 5.55 6.28 7.35
C VAL C 361 4.69 5.80 6.16
N ILE C 362 5.32 5.12 5.21
CA ILE C 362 4.61 4.58 4.05
C ILE C 362 3.59 3.51 4.49
N GLY C 363 3.99 2.64 5.42
CA GLY C 363 3.08 1.63 5.96
C GLY C 363 1.93 2.28 6.73
N ASN C 364 2.25 3.23 7.61
CA ASN C 364 1.24 3.94 8.39
C ASN C 364 0.23 4.66 7.49
N ASP C 365 0.74 5.21 6.39
CA ASP C 365 -0.06 5.94 5.43
C ASP C 365 -1.13 5.02 4.79
N ALA C 366 -0.74 3.79 4.44
CA ALA C 366 -1.69 2.81 3.91
C ALA C 366 -2.77 2.43 4.95
N ALA C 367 -2.37 2.23 6.19
CA ALA C 367 -3.35 1.96 7.27
C ALA C 367 -4.34 3.10 7.43
N ILE C 368 -3.84 4.31 7.38
CA ILE C 368 -4.67 5.49 7.54
C ILE C 368 -5.70 5.61 6.40
N ALA C 369 -5.26 5.44 5.16
CA ALA C 369 -6.15 5.56 4.03
C ALA C 369 -7.22 4.45 4.08
N TRP C 370 -6.81 3.27 4.55
CA TRP C 370 -7.73 2.13 4.66
C TRP C 370 -8.86 2.45 5.64
N GLY C 371 -8.50 2.96 6.81
CA GLY C 371 -9.49 3.37 7.79
C GLY C 371 -10.34 4.52 7.28
N GLY C 372 -9.70 5.45 6.59
CA GLY C 372 -10.37 6.63 6.09
C GLY C 372 -11.51 6.29 5.14
N ALA C 373 -11.32 5.24 4.34
CA ALA C 373 -12.26 4.98 3.26
C ALA C 373 -13.52 4.33 3.77
N ASN C 374 -13.44 3.76 4.97
CA ASN C 374 -14.45 2.80 5.40
C ASN C 374 -15.41 3.30 6.47
N GLY C 375 -15.66 4.60 6.50
CA GLY C 375 -16.77 5.16 7.28
C GLY C 375 -18.12 4.62 6.82
N ALA C 376 -19.15 4.80 7.64
CA ALA C 376 -20.51 4.47 7.23
C ALA C 376 -21.46 5.52 7.80
N PHE C 377 -22.26 6.12 6.93
CA PHE C 377 -23.29 7.06 7.34
C PHE C 377 -22.69 8.16 8.20
N GLU C 378 -23.15 8.32 9.44
CA GLU C 378 -22.84 9.52 10.18
C GLU C 378 -21.52 9.42 10.93
N LEU C 379 -20.77 8.33 10.74
CA LEU C 379 -19.55 8.17 11.53
C LEU C 379 -18.47 7.28 10.91
N ASN C 380 -17.24 7.80 10.87
CA ASN C 380 -16.11 6.95 10.57
C ASN C 380 -15.57 6.33 11.86
N VAL C 381 -15.57 4.99 11.94
CA VAL C 381 -15.21 4.29 13.18
C VAL C 381 -13.83 3.60 13.07
N TYR C 382 -12.88 4.35 12.56
CA TYR C 382 -11.49 3.89 12.52
C TYR C 382 -10.58 4.91 13.22
N ILE C 383 -11.14 5.75 14.11
CA ILE C 383 -10.40 6.93 14.55
C ILE C 383 -9.18 6.61 15.40
N PRO C 384 -9.31 5.73 16.41
CA PRO C 384 -8.11 5.46 17.22
C PRO C 384 -6.96 4.90 16.41
N MET C 385 -7.27 4.04 15.45
CA MET C 385 -6.22 3.45 14.61
C MET C 385 -5.60 4.55 13.70
N MET C 386 -6.44 5.39 13.10
CA MET C 386 -5.93 6.46 12.23
C MET C 386 -5.07 7.42 13.04
N ALA C 387 -5.53 7.70 14.25
CA ALA C 387 -4.82 8.63 15.14
C ALA C 387 -3.45 8.06 15.49
N ARG C 388 -3.42 6.78 15.84
CA ARG C 388 -2.14 6.14 16.21
C ARG C 388 -1.13 6.34 15.09
N ASN C 389 -1.57 6.03 13.88
CA ASN C 389 -0.63 6.05 12.77
C ASN C 389 -0.20 7.45 12.33
N ILE C 390 -1.11 8.41 12.30
CA ILE C 390 -0.74 9.75 11.82
C ILE C 390 0.14 10.44 12.84
N LEU C 391 -0.17 10.26 14.12
CA LEU C 391 0.64 10.89 15.17
C LEU C 391 2.02 10.25 15.22
N GLU C 392 2.10 8.93 15.05
CA GLU C 392 3.41 8.30 14.98
C GLU C 392 4.19 8.81 13.78
N SER C 393 3.54 8.93 12.63
CA SER C 393 4.28 9.40 11.45
C SER C 393 4.83 10.82 11.69
N PHE C 394 4.04 11.71 12.31
CA PHE C 394 4.55 13.05 12.63
C PHE C 394 5.79 12.96 13.54
N LYS C 395 5.70 12.15 14.60
CA LYS C 395 6.78 11.98 15.58
C LYS C 395 8.06 11.42 14.96
N LEU C 396 7.94 10.33 14.21
CA LEU C 396 9.11 9.73 13.57
C LEU C 396 9.83 10.70 12.64
N LEU C 397 9.07 11.37 11.78
CA LEU C 397 9.68 12.32 10.86
C LEU C 397 10.31 13.50 11.58
N THR C 398 9.63 13.97 12.63
CA THR C 398 10.12 15.10 13.41
C THR C 398 11.47 14.73 14.02
N ASN C 399 11.50 13.60 14.72
CA ASN C 399 12.69 13.24 15.47
C ASN C 399 13.82 12.82 14.57
N VAL C 400 13.54 12.06 13.52
CA VAL C 400 14.63 11.61 12.67
C VAL C 400 15.17 12.75 11.82
N SER C 401 14.34 13.75 11.50
CA SER C 401 14.84 14.86 10.68
C SER C 401 15.86 15.72 11.44
N ARG C 402 15.58 15.98 12.71
N ARG C 402 15.57 15.98 12.70
CA ARG C 402 16.50 16.74 13.57
CA ARG C 402 16.50 16.71 13.57
C ARG C 402 17.81 15.97 13.78
C ARG C 402 17.80 15.96 13.75
N LEU C 403 17.71 14.66 14.01
CA LEU C 403 18.91 13.85 14.17
C LEU C 403 19.76 13.82 12.91
N PHE C 404 19.10 13.66 11.78
CA PHE C 404 19.73 13.60 10.46
C PHE C 404 20.46 14.91 10.18
N ALA C 405 19.78 16.01 10.47
CA ALA C 405 20.33 17.35 10.24
C ALA C 405 21.57 17.58 11.11
N GLN C 406 21.44 17.28 12.40
CA GLN C 406 22.45 17.63 13.39
C GLN C 406 23.62 16.67 13.44
N ARG C 407 23.33 15.39 13.23
CA ARG C 407 24.34 14.39 13.52
C ARG C 407 24.89 13.69 12.28
N CYS C 408 24.41 14.10 11.11
CA CYS C 408 24.92 13.53 9.87
C CYS C 408 25.24 14.66 8.90
N ILE C 409 24.20 15.36 8.44
CA ILE C 409 24.38 16.42 7.44
C ILE C 409 25.42 17.48 7.88
N ALA C 410 25.25 18.05 9.08
CA ALA C 410 26.11 19.16 9.51
C ALA C 410 27.61 18.81 9.46
N GLY C 411 27.97 17.59 9.85
CA GLY C 411 29.38 17.21 9.91
C GLY C 411 29.95 16.46 8.71
N LEU C 412 29.22 16.42 7.61
CA LEU C 412 29.71 15.75 6.41
C LEU C 412 30.96 16.45 5.90
N THR C 413 31.96 15.70 5.46
CA THR C 413 33.13 16.32 4.82
C THR C 413 33.35 15.75 3.42
N ALA C 414 33.70 16.62 2.48
CA ALA C 414 33.84 16.23 1.07
C ALA C 414 35.28 15.89 0.68
N ASN C 415 35.47 14.82 -0.10
CA ASN C 415 36.79 14.49 -0.59
C ASN C 415 37.05 15.23 -1.89
N VAL C 416 37.47 16.48 -1.76
CA VAL C 416 37.37 17.42 -2.85
C VAL C 416 38.21 17.01 -4.07
N GLU C 417 39.42 16.48 -3.83
CA GLU C 417 40.32 16.20 -4.95
C GLU C 417 39.90 14.94 -5.69
N HIS C 418 39.43 13.96 -4.92
CA HIS C 418 38.81 12.77 -5.48
C HIS C 418 37.62 13.14 -6.38
N LEU C 419 36.76 14.02 -5.89
CA LEU C 419 35.57 14.42 -6.65
C LEU C 419 35.93 15.08 -7.98
N ARG C 420 36.92 15.96 -7.96
CA ARG C 420 37.36 16.60 -9.20
C ARG C 420 37.93 15.58 -10.17
N ARG C 421 38.71 14.63 -9.67
CA ARG C 421 39.19 13.56 -10.53
C ARG C 421 38.06 12.74 -11.19
N LEU C 422 36.99 12.48 -10.43
CA LEU C 422 35.82 11.78 -11.00
C LEU C 422 35.15 12.62 -12.09
N ALA C 423 34.91 13.90 -11.80
CA ALA C 423 34.37 14.82 -12.80
C ALA C 423 35.17 14.79 -14.11
N GLU C 424 36.50 14.85 -13.99
CA GLU C 424 37.38 14.86 -15.16
C GLU C 424 37.40 13.55 -15.92
N SER C 425 37.12 12.45 -15.24
CA SER C 425 37.26 11.17 -15.91
C SER C 425 35.98 10.70 -16.63
N SER C 426 34.84 11.32 -16.36
CA SER C 426 33.63 10.85 -17.05
C SER C 426 33.71 11.02 -18.57
N PRO C 427 33.46 9.95 -19.32
CA PRO C 427 33.49 10.09 -20.80
C PRO C 427 32.41 11.05 -21.30
N SER C 428 31.41 11.32 -20.47
CA SER C 428 30.32 12.18 -20.89
C SER C 428 30.72 13.65 -20.93
N ILE C 429 31.94 13.99 -20.52
CA ILE C 429 32.37 15.39 -20.65
C ILE C 429 32.59 15.78 -22.10
N VAL C 430 32.49 14.80 -23.01
CA VAL C 430 32.47 15.11 -24.45
C VAL C 430 31.21 15.89 -24.88
N THR C 431 30.16 15.85 -24.06
CA THR C 431 28.86 16.43 -24.41
C THR C 431 28.86 17.91 -24.90
N PRO C 432 29.64 18.81 -24.26
CA PRO C 432 29.57 20.18 -24.79
C PRO C 432 30.17 20.37 -26.19
N LEU C 433 30.81 19.33 -26.73
CA LEU C 433 31.36 19.40 -28.08
C LEU C 433 30.32 19.06 -29.15
N ASN C 434 29.09 18.72 -28.72
CA ASN C 434 28.03 18.33 -29.66
C ASN C 434 27.80 19.36 -30.78
N SER C 435 27.77 20.64 -30.41
CA SER C 435 27.46 21.67 -31.41
C SER C 435 28.60 21.83 -32.42
N ALA C 436 29.78 21.33 -32.08
CA ALA C 436 30.96 21.53 -32.91
C ALA C 436 31.25 20.33 -33.79
N ILE C 437 31.09 19.11 -33.25
CA ILE C 437 31.39 17.91 -34.03
C ILE C 437 30.19 16.99 -34.26
N GLY C 438 29.05 17.31 -33.66
CA GLY C 438 27.84 16.53 -33.84
C GLY C 438 27.76 15.33 -32.91
N TYR C 439 26.54 14.84 -32.66
CA TYR C 439 26.31 13.75 -31.72
C TYR C 439 27.07 12.47 -32.06
N GLU C 440 27.04 12.08 -33.33
CA GLU C 440 27.64 10.80 -33.71
C GLU C 440 29.17 10.77 -33.58
N GLU C 441 29.87 11.85 -33.94
CA GLU C 441 31.33 11.84 -33.79
C GLU C 441 31.69 11.92 -32.32
N ALA C 442 30.91 12.67 -31.55
CA ALA C 442 31.16 12.78 -30.11
C ALA C 442 31.05 11.39 -29.45
N ALA C 443 30.09 10.60 -29.90
CA ALA C 443 29.92 9.23 -29.39
C ALA C 443 31.16 8.40 -29.70
N ALA C 444 31.69 8.57 -30.91
CA ALA C 444 32.90 7.85 -31.32
C ALA C 444 34.08 8.27 -30.45
N VAL C 445 34.14 9.55 -30.10
CA VAL C 445 35.18 10.02 -29.22
C VAL C 445 35.07 9.33 -27.86
N ALA C 446 33.87 9.34 -27.28
CA ALA C 446 33.73 8.80 -25.93
C ALA C 446 34.14 7.34 -25.89
N LYS C 447 33.75 6.60 -26.92
CA LYS C 447 33.99 5.16 -26.96
C LYS C 447 35.46 4.83 -27.12
N GLN C 448 36.14 5.59 -27.96
CA GLN C 448 37.58 5.39 -28.15
C GLN C 448 38.36 5.77 -26.89
N ALA C 449 37.97 6.88 -26.25
CA ALA C 449 38.63 7.29 -25.01
C ALA C 449 38.56 6.17 -23.98
N LEU C 450 37.40 5.54 -23.87
CA LEU C 450 37.21 4.43 -22.92
C LEU C 450 38.06 3.23 -23.33
N LYS C 451 38.03 2.90 -24.62
CA LYS C 451 38.75 1.75 -25.14
C LYS C 451 40.25 1.87 -24.90
N GLU C 452 40.79 3.06 -25.17
CA GLU C 452 42.23 3.27 -25.14
C GLU C 452 42.69 3.84 -23.81
N ARG C 453 41.75 4.01 -22.88
CA ARG C 453 42.03 4.61 -21.58
C ARG C 453 42.72 5.98 -21.74
N LYS C 454 42.14 6.84 -22.56
CA LYS C 454 42.63 8.20 -22.70
C LYS C 454 41.61 9.21 -22.19
N THR C 455 42.05 10.43 -21.90
CA THR C 455 41.11 11.49 -21.61
C THR C 455 40.31 11.81 -22.86
N ILE C 456 39.18 12.50 -22.69
CA ILE C 456 38.39 12.94 -23.84
C ILE C 456 39.23 13.92 -24.68
N ARG C 457 39.96 14.80 -24.00
CA ARG C 457 40.77 15.82 -24.70
C ARG C 457 41.79 15.15 -25.60
N GLN C 458 42.52 14.18 -25.03
CA GLN C 458 43.54 13.44 -25.76
C GLN C 458 42.93 12.67 -26.93
N THR C 459 41.73 12.15 -26.75
CA THR C 459 41.08 11.40 -27.81
C THR C 459 40.59 12.32 -28.95
N VAL C 460 40.13 13.51 -28.59
CA VAL C 460 39.69 14.48 -29.61
C VAL C 460 40.89 14.85 -30.49
N ILE C 461 42.03 15.10 -29.84
CA ILE C 461 43.29 15.37 -30.51
C ILE C 461 43.70 14.19 -31.41
N ASP C 462 43.79 13.00 -30.82
CA ASP C 462 44.25 11.80 -31.53
C ASP C 462 43.33 11.39 -32.69
N ARG C 463 42.09 11.87 -32.69
CA ARG C 463 41.18 11.57 -33.80
C ARG C 463 41.26 12.66 -34.88
N GLY C 464 42.17 13.62 -34.68
CA GLY C 464 42.41 14.66 -35.68
C GLY C 464 41.25 15.64 -35.85
N LEU C 465 40.63 16.01 -34.74
CA LEU C 465 39.43 16.86 -34.78
C LEU C 465 39.76 18.33 -34.51
N ILE C 466 40.93 18.58 -33.95
CA ILE C 466 41.43 19.94 -33.81
C ILE C 466 41.68 20.45 -35.23
N GLY C 467 40.80 21.34 -35.69
CA GLY C 467 40.86 21.83 -37.06
C GLY C 467 40.09 23.11 -37.20
N ASP C 468 39.30 23.22 -38.27
CA ASP C 468 38.62 24.47 -38.60
C ASP C 468 37.49 24.78 -37.62
N ARG C 469 36.76 23.76 -37.20
CA ARG C 469 35.57 23.96 -36.37
C ARG C 469 35.77 23.54 -34.91
N LEU C 470 37.01 23.36 -34.49
CA LEU C 470 37.32 23.10 -33.09
C LEU C 470 38.81 23.33 -32.75
N SER C 471 39.08 24.19 -31.78
CA SER C 471 40.44 24.52 -31.39
C SER C 471 40.76 24.11 -29.95
N ILE C 472 42.03 24.16 -29.58
CA ILE C 472 42.44 23.83 -28.21
C ILE C 472 41.82 24.85 -27.25
N GLU C 473 41.73 26.10 -27.72
CA GLU C 473 41.11 27.16 -26.93
C GLU C 473 39.65 26.83 -26.63
N ASP C 474 38.95 26.29 -27.63
CA ASP C 474 37.57 25.83 -27.45
C ASP C 474 37.50 24.77 -26.35
N LEU C 475 38.45 23.84 -26.35
CA LEU C 475 38.46 22.76 -25.38
C LEU C 475 38.73 23.32 -23.98
N ASP C 476 39.65 24.28 -23.86
CA ASP C 476 39.94 24.84 -22.54
C ASP C 476 38.69 25.53 -21.97
N ARG C 477 37.90 26.10 -22.85
CA ARG C 477 36.67 26.76 -22.47
C ARG C 477 35.62 25.70 -22.10
N ARG C 478 35.44 24.75 -23.02
CA ARG C 478 34.30 23.85 -22.95
C ARG C 478 34.49 22.66 -22.01
N LEU C 479 35.74 22.19 -21.89
CA LEU C 479 35.99 20.97 -21.14
C LEU C 479 36.35 21.25 -19.68
N ASP C 480 36.41 22.53 -19.33
CA ASP C 480 36.55 22.96 -17.94
C ASP C 480 35.36 22.39 -17.16
N VAL C 481 35.61 21.42 -16.26
CA VAL C 481 34.48 20.68 -15.66
C VAL C 481 33.67 21.55 -14.70
N LEU C 482 34.31 22.45 -13.98
CA LEU C 482 33.57 23.33 -13.10
C LEU C 482 32.68 24.27 -13.95
N ALA C 483 33.21 24.78 -15.06
CA ALA C 483 32.42 25.65 -15.93
C ALA C 483 31.30 24.86 -16.61
N MET C 484 31.57 23.59 -16.90
CA MET C 484 30.58 22.69 -17.47
C MET C 484 29.40 22.46 -16.51
N ALA C 485 29.65 22.55 -15.22
CA ALA C 485 28.61 22.39 -14.20
C ALA C 485 27.75 23.64 -14.11
N LYS C 486 28.23 24.73 -14.73
CA LYS C 486 27.48 25.98 -14.82
C LYS C 486 26.99 26.45 -13.45
N ALA C 487 27.95 26.59 -12.54
CA ALA C 487 27.66 27.02 -11.18
C ALA C 487 27.75 28.54 -11.04
N ALA D 29 12.21 -6.10 -48.62
CA ALA D 29 11.28 -5.09 -49.12
C ALA D 29 10.26 -4.71 -48.05
N ASN D 30 10.09 -5.56 -47.04
CA ASN D 30 9.23 -5.24 -45.92
C ASN D 30 10.00 -4.57 -44.79
N TYR D 31 11.29 -4.31 -45.01
CA TYR D 31 12.10 -3.60 -44.03
C TYR D 31 13.13 -2.68 -44.70
N ARG D 32 13.67 -1.74 -43.93
CA ARG D 32 14.74 -0.87 -44.39
C ARG D 32 15.81 -0.74 -43.30
N ILE D 33 16.99 -0.27 -43.67
CA ILE D 33 18.08 -0.11 -42.71
C ILE D 33 18.15 1.32 -42.18
N GLU D 34 18.13 1.46 -40.86
CA GLU D 34 18.46 2.73 -40.23
C GLU D 34 19.68 2.50 -39.32
N HIS D 35 20.27 3.56 -38.78
CA HIS D 35 21.40 3.35 -37.91
C HIS D 35 21.39 4.30 -36.72
N ASP D 36 22.09 3.91 -35.67
CA ASP D 36 22.36 4.82 -34.56
C ASP D 36 23.81 4.62 -34.17
N THR D 37 24.26 5.19 -33.05
CA THR D 37 25.67 5.08 -32.68
C THR D 37 26.03 3.66 -32.22
N MET D 38 25.04 2.78 -32.14
CA MET D 38 25.30 1.41 -31.73
C MET D 38 25.35 0.47 -32.95
N GLY D 39 24.92 0.96 -34.10
CA GLY D 39 24.98 0.17 -35.31
C GLY D 39 23.74 0.21 -36.16
N GLU D 40 23.65 -0.73 -37.09
CA GLU D 40 22.54 -0.77 -38.04
C GLU D 40 21.36 -1.58 -37.51
N VAL D 41 20.16 -1.15 -37.88
CA VAL D 41 18.91 -1.78 -37.40
C VAL D 41 17.87 -1.94 -38.51
N ARG D 42 17.27 -3.12 -38.64
CA ARG D 42 16.16 -3.33 -39.57
C ARG D 42 14.85 -2.80 -39.00
N VAL D 43 14.21 -1.92 -39.77
CA VAL D 43 13.00 -1.24 -39.37
C VAL D 43 11.90 -1.54 -40.39
N PRO D 44 10.64 -1.77 -39.93
CA PRO D 44 9.55 -2.01 -40.88
C PRO D 44 9.52 -0.90 -41.93
N ALA D 45 9.32 -1.28 -43.20
CA ALA D 45 9.49 -0.32 -44.30
C ALA D 45 8.59 0.90 -44.18
N LYS D 46 7.34 0.69 -43.78
CA LYS D 46 6.37 1.78 -43.69
C LYS D 46 6.47 2.61 -42.40
N ALA D 47 7.21 2.13 -41.40
CA ALA D 47 7.27 2.82 -40.10
C ALA D 47 7.96 4.17 -40.19
N LEU D 48 7.41 5.17 -39.52
CA LEU D 48 8.05 6.50 -39.45
C LEU D 48 9.10 6.58 -38.35
N TRP D 49 9.15 5.58 -37.46
CA TRP D 49 10.22 5.59 -36.47
C TRP D 49 11.49 5.04 -37.10
N ARG D 50 12.60 5.15 -36.39
CA ARG D 50 13.87 4.69 -36.92
C ARG D 50 14.59 3.72 -35.98
N ALA D 51 15.92 3.78 -35.94
CA ALA D 51 16.70 2.72 -35.30
C ALA D 51 16.49 2.58 -33.78
N GLN D 52 16.45 3.68 -33.04
CA GLN D 52 16.42 3.58 -31.58
C GLN D 52 15.05 3.13 -31.12
N THR D 53 14.02 3.52 -31.86
CA THR D 53 12.66 3.10 -31.52
C THR D 53 12.52 1.62 -31.75
N GLN D 54 13.11 1.15 -32.85
CA GLN D 54 13.01 -0.26 -33.18
C GLN D 54 13.77 -1.10 -32.16
N ARG D 55 14.93 -0.63 -31.71
CA ARG D 55 15.64 -1.31 -30.63
C ARG D 55 14.73 -1.43 -29.39
N ALA D 56 14.02 -0.36 -29.07
CA ALA D 56 13.17 -0.33 -27.88
C ALA D 56 11.97 -1.27 -28.05
N VAL D 57 11.43 -1.34 -29.26
CA VAL D 57 10.37 -2.32 -29.55
C VAL D 57 10.82 -3.74 -29.18
N GLU D 58 12.10 -4.04 -29.43
CA GLU D 58 12.60 -5.39 -29.22
C GLU D 58 13.09 -5.61 -27.81
N ASN D 59 13.51 -4.54 -27.17
CA ASN D 59 14.02 -4.61 -25.81
C ASN D 59 12.91 -4.73 -24.76
N PHE D 60 11.75 -4.10 -25.01
CA PHE D 60 10.75 -4.02 -23.93
C PHE D 60 9.35 -4.59 -24.22
N PRO D 61 9.23 -5.77 -24.89
CA PRO D 61 7.85 -6.25 -25.03
C PRO D 61 7.32 -6.85 -23.72
N ILE D 62 6.71 -6.00 -22.91
CA ILE D 62 6.43 -6.35 -21.52
C ILE D 62 4.95 -6.25 -21.22
N SER D 63 4.35 -5.08 -21.40
CA SER D 63 2.92 -4.92 -21.07
C SER D 63 2.07 -4.93 -22.33
N GLY D 64 2.70 -4.65 -23.48
CA GLY D 64 1.98 -4.56 -24.75
C GLY D 64 1.16 -3.29 -24.91
N ARG D 65 1.40 -2.31 -24.05
CA ARG D 65 0.69 -1.02 -24.12
C ARG D 65 1.73 0.08 -24.12
N GLY D 66 1.49 1.11 -24.93
CA GLY D 66 2.40 2.22 -25.06
C GLY D 66 1.89 3.51 -24.46
N LEU D 67 2.48 4.64 -24.86
CA LEU D 67 2.03 5.92 -24.38
C LEU D 67 0.58 6.17 -24.74
N GLU D 68 -0.12 6.89 -23.88
CA GLU D 68 -1.49 7.30 -24.12
C GLU D 68 -1.56 8.53 -25.05
N ARG D 69 -2.73 8.73 -25.64
CA ARG D 69 -2.99 9.90 -26.49
C ARG D 69 -2.50 11.18 -25.82
N THR D 70 -2.81 11.39 -24.54
CA THR D 70 -2.44 12.63 -23.87
C THR D 70 -0.92 12.81 -23.75
N GLN D 71 -0.19 11.69 -23.61
CA GLN D 71 1.25 11.71 -23.49
C GLN D 71 1.90 12.05 -24.82
N ILE D 72 1.36 11.48 -25.89
CA ILE D 72 1.90 11.75 -27.21
C ILE D 72 1.62 13.20 -27.59
N ARG D 73 0.43 13.69 -27.21
N ARG D 73 0.45 13.70 -27.20
CA ARG D 73 0.09 15.10 -27.40
CA ARG D 73 0.13 15.10 -27.46
C ARG D 73 1.13 15.99 -26.75
C ARG D 73 1.10 16.03 -26.73
N ALA D 74 1.41 15.74 -25.47
CA ALA D 74 2.32 16.59 -24.70
C ALA D 74 3.73 16.54 -25.29
N LEU D 75 4.18 15.36 -25.72
CA LEU D 75 5.47 15.24 -26.38
C LEU D 75 5.54 16.06 -27.68
N GLY D 76 4.52 15.94 -28.53
CA GLY D 76 4.43 16.77 -29.72
C GLY D 76 4.43 18.27 -29.43
N LEU D 77 3.60 18.71 -28.48
CA LEU D 77 3.59 20.13 -28.12
C LEU D 77 4.97 20.60 -27.71
N LEU D 78 5.64 19.78 -26.91
CA LEU D 78 6.91 20.19 -26.34
C LEU D 78 8.01 20.29 -27.40
N LYS D 79 8.04 19.34 -28.34
CA LYS D 79 9.06 19.38 -29.40
C LYS D 79 8.87 20.59 -30.28
N GLY D 80 7.62 20.90 -30.61
CA GLY D 80 7.32 22.10 -31.37
C GLY D 80 7.78 23.37 -30.67
N ALA D 81 7.46 23.49 -29.38
CA ALA D 81 7.85 24.67 -28.60
C ALA D 81 9.36 24.80 -28.54
N CYS D 82 10.07 23.67 -28.35
CA CYS D 82 11.53 23.69 -28.32
C CYS D 82 12.12 24.20 -29.66
N ALA D 83 11.59 23.71 -30.77
CA ALA D 83 12.06 24.18 -32.09
C ALA D 83 11.79 25.67 -32.29
N GLN D 84 10.61 26.12 -31.89
CA GLN D 84 10.30 27.55 -31.93
C GLN D 84 11.35 28.38 -31.20
N VAL D 85 11.70 27.97 -29.98
CA VAL D 85 12.63 28.74 -29.18
C VAL D 85 14.05 28.67 -29.77
N ASN D 86 14.46 27.49 -30.25
CA ASN D 86 15.77 27.38 -30.90
C ASN D 86 15.89 28.28 -32.14
N SER D 87 14.80 28.36 -32.89
CA SER D 87 14.70 29.27 -34.03
C SER D 87 14.80 30.73 -33.59
N ASP D 88 14.01 31.09 -32.57
CA ASP D 88 13.99 32.44 -32.02
C ASP D 88 15.38 32.92 -31.64
N LEU D 89 16.16 32.01 -31.06
CA LEU D 89 17.50 32.33 -30.57
C LEU D 89 18.56 32.18 -31.67
N GLY D 90 18.14 31.88 -32.89
CA GLY D 90 19.07 31.72 -33.99
C GLY D 90 20.01 30.53 -33.89
N LEU D 91 19.58 29.48 -33.18
CA LEU D 91 20.41 28.28 -33.02
C LEU D 91 20.05 27.21 -34.01
N LEU D 92 18.87 27.37 -34.60
CA LEU D 92 18.35 26.40 -35.54
C LEU D 92 17.80 27.11 -36.76
N ALA D 93 18.22 26.66 -37.94
CA ALA D 93 17.77 27.24 -39.21
C ALA D 93 16.26 27.21 -39.29
N PRO D 94 15.66 28.32 -39.74
CA PRO D 94 14.22 28.53 -39.86
C PRO D 94 13.49 27.45 -40.65
N GLU D 95 14.09 26.94 -41.72
CA GLU D 95 13.34 25.98 -42.50
C GLU D 95 13.33 24.61 -41.79
N LYS D 96 14.41 24.32 -41.05
CA LYS D 96 14.45 23.13 -40.21
C LYS D 96 13.45 23.30 -39.07
N ALA D 97 13.46 24.46 -38.43
CA ALA D 97 12.52 24.71 -37.33
C ALA D 97 11.08 24.63 -37.81
N ASP D 98 10.81 25.21 -38.99
CA ASP D 98 9.45 25.13 -39.56
C ASP D 98 9.01 23.69 -39.80
N ALA D 99 9.93 22.87 -40.27
CA ALA D 99 9.59 21.49 -40.57
C ALA D 99 9.32 20.76 -39.24
N ILE D 100 10.14 21.01 -38.23
CA ILE D 100 9.90 20.39 -36.92
C ILE D 100 8.55 20.82 -36.35
N ILE D 101 8.32 22.14 -36.33
CA ILE D 101 7.06 22.67 -35.81
C ILE D 101 5.83 22.08 -36.51
N ALA D 102 5.92 21.85 -37.82
CA ALA D 102 4.77 21.29 -38.55
C ALA D 102 4.57 19.82 -38.22
N ALA D 103 5.68 19.07 -38.14
CA ALA D 103 5.59 17.65 -37.84
C ALA D 103 5.07 17.45 -36.41
N ALA D 104 5.61 18.24 -35.50
CA ALA D 104 5.23 18.17 -34.08
C ALA D 104 3.75 18.45 -33.92
N ALA D 105 3.22 19.35 -34.75
CA ALA D 105 1.81 19.69 -34.68
C ALA D 105 0.94 18.51 -35.11
N GLU D 106 1.42 17.77 -36.11
CA GLU D 106 0.70 16.57 -36.57
C GLU D 106 0.69 15.51 -35.45
N ILE D 107 1.84 15.33 -34.80
CA ILE D 107 1.95 14.38 -33.70
C ILE D 107 1.02 14.84 -32.56
N ALA D 108 1.07 16.12 -32.21
CA ALA D 108 0.26 16.64 -31.11
C ALA D 108 -1.23 16.40 -31.37
N ASP D 109 -1.60 16.51 -32.64
CA ASP D 109 -2.98 16.43 -33.09
C ASP D 109 -3.51 14.99 -33.17
N GLY D 110 -2.60 14.01 -33.15
CA GLY D 110 -3.03 12.62 -33.11
C GLY D 110 -2.98 11.86 -34.42
N GLN D 111 -2.36 12.45 -35.44
CA GLN D 111 -2.26 11.82 -36.74
C GLN D 111 -1.26 10.66 -36.79
N HIS D 112 -0.43 10.50 -35.77
CA HIS D 112 0.66 9.52 -35.85
C HIS D 112 0.81 8.63 -34.61
N ASP D 113 -0.27 8.41 -33.88
CA ASP D 113 -0.19 7.64 -32.66
C ASP D 113 0.27 6.20 -32.92
N ASP D 114 -0.06 5.69 -34.10
CA ASP D 114 0.33 4.33 -34.51
C ASP D 114 1.84 4.25 -34.78
N GLN D 115 2.52 5.38 -34.72
CA GLN D 115 3.95 5.43 -34.91
C GLN D 115 4.71 5.45 -33.60
N PHE D 116 4.01 5.22 -32.49
CA PHE D 116 4.62 5.20 -31.16
C PHE D 116 4.43 3.82 -30.49
N PRO D 117 5.23 2.84 -30.92
CA PRO D 117 5.04 1.42 -30.53
C PRO D 117 5.71 0.98 -29.23
N ILE D 118 6.44 1.88 -28.56
CA ILE D 118 7.27 1.49 -27.42
C ILE D 118 6.43 1.26 -26.17
N ASP D 119 6.76 0.19 -25.46
CA ASP D 119 6.14 -0.12 -24.18
C ASP D 119 6.31 0.99 -23.15
N VAL D 120 5.32 1.14 -22.29
CA VAL D 120 5.45 1.88 -21.04
C VAL D 120 6.70 1.45 -20.23
N PHE D 121 6.93 0.14 -20.15
CA PHE D 121 8.00 -0.38 -19.30
C PHE D 121 9.32 -0.39 -20.06
N GLN D 122 9.77 0.81 -20.40
CA GLN D 122 11.00 1.04 -21.16
C GLN D 122 12.09 1.60 -20.22
N THR D 123 13.22 2.10 -20.75
CA THR D 123 14.20 2.79 -19.88
C THR D 123 13.49 3.86 -19.06
N GLY D 124 13.90 4.01 -17.80
CA GLY D 124 13.10 4.75 -16.84
C GLY D 124 13.17 6.26 -16.99
N SER D 125 13.98 6.72 -17.94
CA SER D 125 14.04 8.15 -18.28
C SER D 125 13.04 8.53 -19.37
N GLY D 126 12.48 7.52 -20.02
CA GLY D 126 11.69 7.76 -21.22
C GLY D 126 12.56 8.11 -22.43
N THR D 127 13.85 7.79 -22.38
CA THR D 127 14.73 8.04 -23.53
C THR D 127 14.19 7.45 -24.83
N SER D 128 13.63 6.24 -24.78
CA SER D 128 13.16 5.61 -25.99
C SER D 128 11.99 6.37 -26.58
N SER D 129 11.02 6.76 -25.77
CA SER D 129 9.92 7.56 -26.29
C SER D 129 10.37 8.96 -26.74
N ASN D 130 11.37 9.54 -26.07
CA ASN D 130 11.88 10.83 -26.58
C ASN D 130 12.47 10.65 -27.99
N MET D 131 13.34 9.65 -28.15
CA MET D 131 13.88 9.33 -29.48
C MET D 131 12.81 8.88 -30.48
N ASN D 132 11.75 8.24 -29.98
CA ASN D 132 10.60 7.93 -30.82
C ASN D 132 10.03 9.20 -31.46
N THR D 133 9.83 10.22 -30.64
CA THR D 133 9.33 11.50 -31.11
C THR D 133 10.33 12.19 -32.08
N ASN D 134 11.62 12.16 -31.74
CA ASN D 134 12.68 12.71 -32.58
C ASN D 134 12.75 12.03 -33.95
N GLU D 135 12.70 10.70 -33.95
CA GLU D 135 12.80 9.93 -35.18
C GLU D 135 11.58 10.10 -36.09
N VAL D 136 10.39 10.11 -35.49
CA VAL D 136 9.17 10.25 -36.28
C VAL D 136 9.10 11.68 -36.90
N ILE D 137 9.42 12.69 -36.11
CA ILE D 137 9.57 14.05 -36.68
C ILE D 137 10.59 14.09 -37.84
N ALA D 138 11.73 13.42 -37.68
CA ALA D 138 12.72 13.41 -38.77
C ALA D 138 12.13 12.76 -40.03
N SER D 139 11.41 11.66 -39.86
CA SER D 139 10.80 10.98 -41.01
C SER D 139 9.68 11.79 -41.68
N ILE D 140 8.90 12.52 -40.88
CA ILE D 140 7.81 13.34 -41.41
C ILE D 140 8.39 14.51 -42.20
N ALA D 141 9.48 15.07 -41.69
CA ALA D 141 10.12 16.20 -42.34
C ALA D 141 10.76 15.79 -43.67
N ALA D 142 11.36 14.61 -43.70
CA ALA D 142 12.01 14.09 -44.89
C ALA D 142 11.03 13.97 -46.06
N LYS D 143 9.77 13.72 -45.74
CA LYS D 143 8.73 13.63 -46.75
C LYS D 143 8.48 14.95 -47.45
N GLY D 144 8.80 16.05 -46.75
CA GLY D 144 8.67 17.38 -47.31
C GLY D 144 10.01 17.94 -47.73
N GLY D 145 10.96 17.05 -47.95
CA GLY D 145 12.27 17.42 -48.47
C GLY D 145 13.16 18.19 -47.52
N VAL D 146 12.99 18.01 -46.20
CA VAL D 146 13.92 18.62 -45.26
C VAL D 146 14.64 17.54 -44.45
N THR D 147 15.96 17.61 -44.42
CA THR D 147 16.74 16.62 -43.68
C THR D 147 17.01 17.07 -42.25
N LEU D 148 16.50 16.29 -41.30
CA LEU D 148 16.74 16.56 -39.89
C LEU D 148 17.45 15.39 -39.22
N HIS D 149 18.44 15.70 -38.42
CA HIS D 149 19.07 14.68 -37.60
C HIS D 149 18.25 14.58 -36.31
N PRO D 150 17.80 13.37 -35.95
CA PRO D 150 17.00 13.23 -34.73
C PRO D 150 17.66 13.80 -33.49
N ASN D 151 18.97 13.60 -33.32
CA ASN D 151 19.70 14.18 -32.19
C ASN D 151 20.04 15.66 -32.39
N ASP D 152 20.81 15.95 -33.43
CA ASP D 152 21.43 17.26 -33.57
C ASP D 152 20.42 18.38 -33.81
N ASP D 153 19.33 18.08 -34.54
CA ASP D 153 18.27 19.05 -34.86
C ASP D 153 16.99 18.95 -34.01
N VAL D 154 16.31 17.81 -34.06
CA VAL D 154 15.01 17.72 -33.40
C VAL D 154 15.18 17.74 -31.88
N ASN D 155 16.31 17.24 -31.41
CA ASN D 155 16.62 17.20 -29.97
C ASN D 155 17.53 18.33 -29.52
N MET D 156 17.71 19.36 -30.38
CA MET D 156 18.61 20.46 -30.01
C MET D 156 18.23 21.14 -28.70
N SER D 157 19.22 21.35 -27.83
CA SER D 157 19.08 22.01 -26.52
C SER D 157 18.34 21.17 -25.48
N GLN D 158 18.17 19.88 -25.76
CA GLN D 158 17.30 19.02 -24.95
C GLN D 158 17.97 17.75 -24.44
N SER D 159 17.37 17.18 -23.39
CA SER D 159 17.67 15.82 -22.94
C SER D 159 16.35 15.09 -22.79
N SER D 160 16.38 13.77 -22.73
CA SER D 160 15.20 13.03 -22.32
C SER D 160 14.90 13.39 -20.87
N ASN D 161 15.96 13.70 -20.12
CA ASN D 161 15.84 13.85 -18.69
C ASN D 161 15.11 15.09 -18.25
N ASP D 162 15.06 16.12 -19.11
CA ASP D 162 14.17 17.24 -18.80
C ASP D 162 12.89 17.17 -19.65
N THR D 163 12.98 16.69 -20.88
CA THR D 163 11.75 16.71 -21.69
C THR D 163 10.73 15.63 -21.33
N PHE D 164 11.16 14.41 -21.04
CA PHE D 164 10.14 13.39 -20.70
C PHE D 164 9.37 13.74 -19.40
N PRO D 165 10.06 14.12 -18.32
CA PRO D 165 9.23 14.54 -17.19
C PRO D 165 8.45 15.83 -17.44
N THR D 166 8.96 16.70 -18.31
CA THR D 166 8.19 17.90 -18.67
C THR D 166 6.89 17.50 -19.36
N ALA D 167 6.99 16.60 -20.35
CA ALA D 167 5.78 16.17 -21.06
C ALA D 167 4.82 15.46 -20.10
N THR D 168 5.38 14.69 -19.16
CA THR D 168 4.55 14.03 -18.14
C THR D 168 3.80 15.04 -17.26
N HIS D 169 4.51 16.04 -16.75
CA HIS D 169 3.88 17.03 -15.89
C HIS D 169 2.92 17.95 -16.69
N ILE D 170 3.21 18.20 -17.97
CA ILE D 170 2.24 18.93 -18.80
C ILE D 170 0.92 18.13 -18.86
N ALA D 171 1.07 16.85 -19.17
CA ALA D 171 -0.10 16.00 -19.30
C ALA D 171 -0.85 15.89 -17.98
N ALA D 172 -0.13 15.78 -16.87
CA ALA D 172 -0.78 15.67 -15.54
C ALA D 172 -1.48 16.95 -15.14
N THR D 173 -0.84 18.09 -15.39
CA THR D 173 -1.43 19.37 -15.06
C THR D 173 -2.70 19.62 -15.88
N GLU D 174 -2.62 19.32 -17.16
CA GLU D 174 -3.77 19.46 -18.03
C GLU D 174 -4.94 18.56 -17.58
N ALA D 175 -4.61 17.33 -17.21
CA ALA D 175 -5.61 16.41 -16.68
C ALA D 175 -6.26 16.98 -15.42
N ALA D 176 -5.47 17.57 -14.53
CA ALA D 176 -6.03 18.10 -13.29
C ALA D 176 -6.95 19.29 -13.56
N VAL D 177 -6.46 20.24 -14.34
CA VAL D 177 -7.11 21.55 -14.47
C VAL D 177 -8.26 21.53 -15.45
N ALA D 178 -8.05 20.90 -16.59
CA ALA D 178 -9.04 20.96 -17.67
C ALA D 178 -10.03 19.81 -17.63
N HIS D 179 -9.75 18.76 -16.88
CA HIS D 179 -10.63 17.59 -16.92
C HIS D 179 -11.14 17.17 -15.53
N LEU D 180 -10.24 16.94 -14.58
CA LEU D 180 -10.66 16.43 -13.29
C LEU D 180 -11.40 17.46 -12.46
N ILE D 181 -10.87 18.67 -12.34
CA ILE D 181 -11.56 19.65 -11.50
C ILE D 181 -12.99 19.94 -12.03
N PRO D 182 -13.18 20.13 -13.34
CA PRO D 182 -14.57 20.31 -13.82
C PRO D 182 -15.48 19.11 -13.56
N ALA D 183 -14.91 17.90 -13.64
CA ALA D 183 -15.68 16.68 -13.39
C ALA D 183 -16.07 16.62 -11.92
N LEU D 184 -15.15 16.95 -11.04
CA LEU D 184 -15.48 16.99 -9.61
C LEU D 184 -16.48 18.09 -9.29
N GLN D 185 -16.35 19.22 -9.97
CA GLN D 185 -17.32 20.30 -9.73
C GLN D 185 -18.72 19.85 -10.12
N GLN D 186 -18.81 19.11 -11.22
CA GLN D 186 -20.10 18.60 -11.67
C GLN D 186 -20.70 17.63 -10.65
N LEU D 187 -19.86 16.77 -10.06
CA LEU D 187 -20.34 15.86 -9.03
C LEU D 187 -20.71 16.64 -7.77
N HIS D 188 -19.88 17.59 -7.36
CA HIS D 188 -20.23 18.43 -6.24
C HIS D 188 -21.60 19.07 -6.42
N ASP D 189 -21.80 19.65 -7.58
CA ASP D 189 -23.05 20.36 -7.87
C ASP D 189 -24.25 19.42 -7.81
N ALA D 190 -24.11 18.20 -8.34
CA ALA D 190 -25.22 17.23 -8.27
C ALA D 190 -25.53 16.83 -6.83
N LEU D 191 -24.50 16.63 -6.02
CA LEU D 191 -24.69 16.29 -4.61
C LEU D 191 -25.29 17.46 -3.85
N ALA D 192 -24.81 18.67 -4.12
CA ALA D 192 -25.33 19.87 -3.45
C ALA D 192 -26.80 20.08 -3.79
N ALA D 193 -27.16 19.78 -5.02
CA ALA D 193 -28.55 19.91 -5.47
C ALA D 193 -29.47 18.98 -4.68
N LYS D 194 -29.03 17.75 -4.43
CA LYS D 194 -29.79 16.82 -3.58
C LYS D 194 -29.84 17.27 -2.15
N ALA D 195 -28.74 17.84 -1.65
CA ALA D 195 -28.73 18.34 -0.27
C ALA D 195 -29.82 19.41 -0.09
N LEU D 196 -30.01 20.23 -1.12
CA LEU D 196 -31.09 21.22 -1.12
C LEU D 196 -32.49 20.57 -1.25
N ASP D 197 -32.67 19.71 -2.26
CA ASP D 197 -33.94 19.04 -2.50
C ASP D 197 -34.42 18.31 -1.25
N TRP D 198 -33.48 17.72 -0.51
CA TRP D 198 -33.83 16.81 0.58
C TRP D 198 -33.57 17.44 1.94
N HIS D 199 -33.55 18.77 1.99
CA HIS D 199 -33.14 19.48 3.20
C HIS D 199 -34.01 19.13 4.41
N THR D 200 -35.28 18.84 4.17
CA THR D 200 -36.13 18.48 5.30
C THR D 200 -36.62 17.02 5.27
N VAL D 201 -35.99 16.17 4.45
CA VAL D 201 -36.36 14.74 4.44
C VAL D 201 -35.69 14.02 5.61
N VAL D 202 -36.41 13.90 6.72
CA VAL D 202 -35.87 13.39 7.96
C VAL D 202 -35.74 11.86 7.89
N LYS D 203 -34.72 11.33 8.57
CA LYS D 203 -34.45 9.89 8.62
C LYS D 203 -33.66 9.61 9.87
N SER D 204 -33.45 8.33 10.18
CA SER D 204 -32.56 8.02 11.31
C SER D 204 -31.08 8.13 10.93
N GLY D 205 -30.33 8.84 11.75
CA GLY D 205 -28.88 8.77 11.68
C GLY D 205 -28.44 7.35 12.04
N ARG D 206 -27.28 6.93 11.55
CA ARG D 206 -26.67 5.67 11.95
C ARG D 206 -25.22 5.91 12.30
N THR D 207 -24.82 5.47 13.48
CA THR D 207 -23.40 5.51 13.88
C THR D 207 -23.01 4.12 14.35
N HIS D 208 -21.85 3.62 13.93
CA HIS D 208 -21.48 2.21 14.19
C HIS D 208 -22.46 1.22 13.55
N LEU D 209 -23.18 1.68 12.54
CA LEU D 209 -24.27 0.94 11.87
C LEU D 209 -25.53 0.81 12.74
N MET D 210 -25.54 1.47 13.90
CA MET D 210 -26.66 1.32 14.85
C MET D 210 -27.53 2.58 14.89
N ASP D 211 -28.77 2.39 15.35
CA ASP D 211 -29.79 3.44 15.35
C ASP D 211 -29.32 4.68 16.12
N ALA D 212 -29.27 5.83 15.47
CA ALA D 212 -28.83 7.04 16.15
C ALA D 212 -29.97 8.07 16.12
N VAL D 213 -29.64 9.33 16.38
CA VAL D 213 -30.63 10.42 16.37
C VAL D 213 -30.91 10.88 14.95
N PRO D 214 -32.01 11.66 14.75
CA PRO D 214 -32.39 12.06 13.39
C PRO D 214 -31.38 12.95 12.68
N VAL D 215 -31.31 12.74 11.36
CA VAL D 215 -30.62 13.62 10.43
C VAL D 215 -31.56 13.78 9.24
N THR D 216 -31.27 14.70 8.34
CA THR D 216 -32.01 14.69 7.11
C THR D 216 -31.13 14.13 6.01
N LEU D 217 -31.76 13.52 5.03
CA LEU D 217 -31.08 13.06 3.84
C LEU D 217 -30.26 14.20 3.25
N GLY D 218 -30.79 15.42 3.28
CA GLY D 218 -30.09 16.58 2.77
C GLY D 218 -28.80 16.89 3.52
N GLN D 219 -28.84 16.78 4.84
CA GLN D 219 -27.63 16.98 5.63
C GLN D 219 -26.52 16.00 5.23
N GLU D 220 -26.91 14.75 4.98
CA GLU D 220 -25.90 13.75 4.64
C GLU D 220 -25.27 14.11 3.32
N PHE D 221 -26.10 14.57 2.37
CA PHE D 221 -25.61 14.85 1.04
C PHE D 221 -24.79 16.13 1.07
N SER D 222 -25.03 16.98 2.08
CA SER D 222 -24.21 18.19 2.23
C SER D 222 -22.81 17.79 2.71
N GLY D 223 -22.74 16.71 3.49
CA GLY D 223 -21.46 16.10 3.87
C GLY D 223 -20.74 15.54 2.66
N TYR D 224 -21.43 14.77 1.82
CA TYR D 224 -20.81 14.26 0.59
C TYR D 224 -20.30 15.40 -0.28
N ALA D 225 -21.13 16.42 -0.48
CA ALA D 225 -20.74 17.53 -1.32
C ALA D 225 -19.46 18.20 -0.78
N ARG D 226 -19.37 18.37 0.54
CA ARG D 226 -18.18 18.99 1.11
C ARG D 226 -16.95 18.10 0.86
N GLN D 227 -17.09 16.77 0.93
CA GLN D 227 -15.94 15.92 0.62
C GLN D 227 -15.38 16.16 -0.78
N ILE D 228 -16.28 16.32 -1.75
CA ILE D 228 -15.87 16.54 -3.12
C ILE D 228 -15.31 17.96 -3.26
N GLU D 229 -15.91 18.91 -2.56
CA GLU D 229 -15.41 20.30 -2.57
C GLU D 229 -13.99 20.35 -2.00
N ALA D 230 -13.77 19.62 -0.91
CA ALA D 230 -12.44 19.54 -0.30
C ALA D 230 -11.48 18.81 -1.23
N GLY D 231 -12.01 17.85 -1.99
CA GLY D 231 -11.22 17.16 -3.00
C GLY D 231 -10.68 18.14 -4.06
N ILE D 232 -11.54 19.04 -4.51
CA ILE D 232 -11.09 20.07 -5.45
C ILE D 232 -10.03 20.96 -4.79
N GLU D 233 -10.25 21.35 -3.54
CA GLU D 233 -9.24 22.14 -2.80
C GLU D 233 -7.91 21.41 -2.74
N ARG D 234 -7.96 20.09 -2.57
CA ARG D 234 -6.76 19.26 -2.48
C ARG D 234 -6.02 19.22 -3.81
N VAL D 235 -6.77 19.12 -4.91
CA VAL D 235 -6.14 19.11 -6.24
C VAL D 235 -5.52 20.49 -6.49
N ARG D 236 -6.26 21.54 -6.18
CA ARG D 236 -5.78 22.91 -6.40
CA ARG D 236 -5.73 22.88 -6.45
C ARG D 236 -4.49 23.18 -5.61
N ALA D 237 -4.43 22.65 -4.39
CA ALA D 237 -3.26 22.84 -3.53
C ALA D 237 -1.98 22.18 -4.05
N CYS D 238 -2.09 21.17 -4.92
CA CYS D 238 -0.86 20.51 -5.40
C CYS D 238 -0.33 21.14 -6.70
N LEU D 239 -1.15 21.98 -7.33
CA LEU D 239 -0.80 22.52 -8.66
C LEU D 239 0.51 23.35 -8.69
N PRO D 240 0.82 24.11 -7.63
CA PRO D 240 2.09 24.85 -7.71
C PRO D 240 3.29 23.96 -7.92
N ARG D 241 3.23 22.69 -7.52
CA ARG D 241 4.37 21.80 -7.72
C ARG D 241 4.12 20.77 -8.82
N LEU D 242 2.85 20.35 -9.03
CA LEU D 242 2.52 19.51 -10.19
C LEU D 242 2.89 20.21 -11.49
N GLY D 243 2.62 21.51 -11.52
CA GLY D 243 2.85 22.28 -12.72
C GLY D 243 4.31 22.62 -12.99
N GLU D 244 5.22 22.29 -12.07
CA GLU D 244 6.64 22.58 -12.31
C GLU D 244 7.20 21.67 -13.36
N LEU D 245 7.98 22.28 -14.27
CA LEU D 245 8.50 21.60 -15.44
C LEU D 245 10.02 21.68 -15.41
N ALA D 246 10.65 20.56 -15.73
CA ALA D 246 12.11 20.47 -15.73
C ALA D 246 12.77 21.09 -16.97
N ILE D 247 11.99 21.43 -17.99
CA ILE D 247 12.55 21.83 -19.29
C ILE D 247 13.62 22.94 -19.16
N GLY D 248 14.75 22.71 -19.82
CA GLY D 248 15.90 23.59 -19.71
C GLY D 248 17.06 23.06 -18.89
N GLY D 249 16.82 22.05 -18.03
CA GLY D 249 17.85 21.49 -17.16
C GLY D 249 18.77 20.51 -17.87
N THR D 250 18.34 20.08 -19.05
CA THR D 250 18.98 19.08 -19.92
C THR D 250 19.45 17.86 -19.12
N ALA D 251 20.72 17.48 -19.25
CA ALA D 251 21.12 16.13 -18.82
C ALA D 251 20.99 15.87 -17.31
N VAL D 252 21.37 16.84 -16.48
CA VAL D 252 21.47 16.59 -15.04
C VAL D 252 20.86 17.71 -14.22
N GLY D 253 20.35 18.74 -14.90
CA GLY D 253 19.80 19.88 -14.17
C GLY D 253 20.65 21.15 -14.29
N THR D 254 21.85 21.02 -14.84
CA THR D 254 22.74 22.19 -14.99
C THR D 254 22.40 23.08 -16.19
N GLY D 255 21.65 22.58 -17.16
CA GLY D 255 21.35 23.39 -18.33
C GLY D 255 22.41 23.32 -19.42
N LEU D 256 23.41 22.45 -19.24
CA LEU D 256 24.43 22.25 -20.27
C LEU D 256 23.87 21.98 -21.67
N ASN D 257 24.42 22.69 -22.66
CA ASN D 257 24.02 22.61 -24.09
C ASN D 257 22.66 23.22 -24.37
N ALA D 258 22.15 23.99 -23.42
CA ALA D 258 20.94 24.74 -23.66
C ALA D 258 21.20 26.20 -23.30
N PRO D 259 20.53 27.15 -24.00
CA PRO D 259 20.54 28.57 -23.70
C PRO D 259 20.09 28.80 -22.27
N ASP D 260 20.65 29.79 -21.59
CA ASP D 260 20.33 30.03 -20.18
C ASP D 260 18.85 30.31 -19.92
N ASP D 261 18.15 30.87 -20.91
CA ASP D 261 16.72 31.11 -20.72
C ASP D 261 15.83 30.13 -21.51
N PHE D 262 16.36 28.97 -21.87
CA PHE D 262 15.61 28.02 -22.69
C PHE D 262 14.31 27.65 -21.99
N GLY D 263 14.42 27.27 -20.73
CA GLY D 263 13.29 26.81 -19.93
C GLY D 263 12.18 27.83 -19.90
N VAL D 264 12.47 29.07 -19.51
CA VAL D 264 11.42 30.05 -19.36
C VAL D 264 10.77 30.40 -20.70
N ARG D 265 11.55 30.36 -21.78
CA ARG D 265 11.02 30.70 -23.11
C ARG D 265 10.11 29.59 -23.61
N VAL D 266 10.53 28.35 -23.39
CA VAL D 266 9.69 27.22 -23.78
C VAL D 266 8.40 27.17 -22.98
N VAL D 267 8.48 27.43 -21.67
CA VAL D 267 7.27 27.41 -20.86
C VAL D 267 6.28 28.50 -21.35
N ALA D 268 6.79 29.69 -21.66
CA ALA D 268 5.91 30.76 -22.18
C ALA D 268 5.16 30.32 -23.45
N VAL D 269 5.85 29.65 -24.37
CA VAL D 269 5.20 29.16 -25.58
C VAL D 269 4.11 28.12 -25.22
N LEU D 270 4.41 27.26 -24.25
CA LEU D 270 3.47 26.19 -23.87
C LEU D 270 2.25 26.78 -23.19
N VAL D 271 2.48 27.73 -22.30
CA VAL D 271 1.36 28.39 -21.63
C VAL D 271 0.48 29.07 -22.65
N ALA D 272 1.10 29.74 -23.63
CA ALA D 272 0.35 30.45 -24.67
C ALA D 272 -0.47 29.49 -25.52
N GLN D 273 0.12 28.35 -25.88
CA GLN D 273 -0.59 27.38 -26.71
C GLN D 273 -1.64 26.58 -25.98
N THR D 274 -1.38 26.21 -24.74
CA THR D 274 -2.34 25.36 -24.02
C THR D 274 -3.35 26.16 -23.20
N GLY D 275 -3.04 27.42 -22.90
CA GLY D 275 -3.87 28.16 -21.96
C GLY D 275 -3.73 27.73 -20.50
N LEU D 276 -2.72 26.91 -20.21
CA LEU D 276 -2.52 26.40 -18.85
C LEU D 276 -1.53 27.25 -18.08
N SER D 277 -2.07 28.22 -17.34
CA SER D 277 -1.27 29.16 -16.60
C SER D 277 -0.54 28.51 -15.42
N GLU D 278 -0.95 27.29 -15.05
CA GLU D 278 -0.33 26.56 -13.94
C GLU D 278 1.03 25.99 -14.31
N LEU D 279 1.37 25.99 -15.58
CA LEU D 279 2.69 25.48 -15.97
C LEU D 279 3.75 26.51 -15.62
N ARG D 280 4.87 26.06 -15.08
CA ARG D 280 5.94 26.98 -14.64
C ARG D 280 7.30 26.30 -14.69
N THR D 281 8.39 27.06 -14.79
CA THR D 281 9.69 26.44 -14.66
C THR D 281 9.86 25.97 -13.21
N ALA D 282 10.67 24.95 -13.02
CA ALA D 282 10.88 24.39 -11.69
C ALA D 282 11.62 25.37 -10.77
N ALA D 283 11.26 25.41 -9.49
CA ALA D 283 12.00 26.24 -8.53
C ALA D 283 13.48 25.82 -8.43
N ASN D 284 13.76 24.52 -8.50
CA ASN D 284 15.13 24.04 -8.43
C ASN D 284 15.33 22.99 -9.52
N SER D 285 16.29 23.22 -10.40
CA SER D 285 16.42 22.40 -11.60
C SER D 285 16.94 20.97 -11.29
N PHE D 286 17.62 20.82 -10.17
CA PHE D 286 18.14 19.51 -9.75
C PHE D 286 17.04 18.66 -9.14
N GLU D 287 16.28 19.23 -8.22
CA GLU D 287 15.10 18.56 -7.66
C GLU D 287 14.11 18.12 -8.76
N ALA D 288 13.98 18.94 -9.80
CA ALA D 288 12.99 18.65 -10.85
C ALA D 288 13.35 17.46 -11.72
N GLN D 289 14.60 17.00 -11.62
CA GLN D 289 15.03 15.86 -12.43
C GLN D 289 15.45 14.67 -11.58
N ALA D 290 16.00 14.96 -10.40
CA ALA D 290 16.43 13.89 -9.48
C ALA D 290 15.24 13.23 -8.79
N ALA D 291 14.09 13.89 -8.81
CA ALA D 291 12.90 13.37 -8.12
C ALA D 291 11.68 13.68 -8.96
N ARG D 292 10.60 12.97 -8.67
CA ARG D 292 9.30 13.20 -9.26
C ARG D 292 8.29 13.40 -8.12
N ASP D 293 8.71 14.15 -7.10
CA ASP D 293 7.93 14.32 -5.87
C ASP D 293 6.59 14.99 -6.13
N GLY D 294 6.51 15.83 -7.17
CA GLY D 294 5.25 16.44 -7.55
C GLY D 294 4.16 15.44 -8.00
N LEU D 295 4.58 14.35 -8.64
CA LEU D 295 3.63 13.30 -9.04
C LEU D 295 3.16 12.55 -7.80
N VAL D 296 4.09 12.30 -6.87
CA VAL D 296 3.75 11.63 -5.60
C VAL D 296 2.77 12.48 -4.80
N GLU D 297 3.05 13.77 -4.71
CA GLU D 297 2.15 14.70 -4.03
C GLU D 297 0.76 14.68 -4.67
N ALA D 298 0.71 14.83 -6.00
CA ALA D 298 -0.57 14.88 -6.71
C ALA D 298 -1.36 13.55 -6.51
N SER D 299 -0.66 12.44 -6.53
CA SER D 299 -1.33 11.13 -6.38
C SER D 299 -1.99 11.03 -5.02
N GLY D 300 -1.35 11.61 -4.01
CA GLY D 300 -1.92 11.69 -2.68
C GLY D 300 -3.25 12.43 -2.64
N ALA D 301 -3.38 13.53 -3.37
CA ALA D 301 -4.69 14.18 -3.52
C ALA D 301 -5.71 13.25 -4.21
N LEU D 302 -5.30 12.56 -5.26
CA LEU D 302 -6.24 11.66 -5.97
C LEU D 302 -6.65 10.51 -5.08
N ARG D 303 -5.71 10.01 -4.28
CA ARG D 303 -5.99 8.90 -3.35
C ARG D 303 -7.00 9.37 -2.29
N THR D 304 -6.84 10.60 -1.82
CA THR D 304 -7.78 11.16 -0.82
C THR D 304 -9.19 11.26 -1.44
N ILE D 305 -9.26 11.69 -2.70
CA ILE D 305 -10.54 11.76 -3.43
C ILE D 305 -11.15 10.35 -3.57
N ALA D 306 -10.31 9.35 -3.83
CA ALA D 306 -10.79 7.96 -3.93
C ALA D 306 -11.38 7.48 -2.59
N VAL D 307 -10.70 7.85 -1.51
CA VAL D 307 -11.18 7.57 -0.17
C VAL D 307 -12.56 8.23 0.10
N SER D 308 -12.70 9.51 -0.28
CA SER D 308 -14.00 10.17 -0.18
C SER D 308 -15.08 9.49 -1.01
N LEU D 309 -14.72 9.15 -2.24
CA LEU D 309 -15.68 8.58 -3.17
C LEU D 309 -16.16 7.23 -2.66
N THR D 310 -15.24 6.51 -2.03
CA THR D 310 -15.58 5.18 -1.51
C THR D 310 -16.69 5.29 -0.44
N LYS D 311 -16.52 6.25 0.46
CA LYS D 311 -17.52 6.52 1.52
C LYS D 311 -18.86 6.91 0.87
N ILE D 312 -18.82 7.85 -0.06
CA ILE D 312 -20.05 8.33 -0.70
C ILE D 312 -20.78 7.21 -1.45
N ALA D 313 -20.05 6.45 -2.25
CA ALA D 313 -20.64 5.39 -3.05
C ALA D 313 -21.16 4.25 -2.18
N ASN D 314 -20.44 3.93 -1.11
N ASN D 314 -20.45 3.93 -1.10
CA ASN D 314 -20.88 2.88 -0.20
CA ASN D 314 -20.91 2.84 -0.23
C ASN D 314 -22.17 3.23 0.50
C ASN D 314 -22.17 3.21 0.54
N ASP D 315 -22.24 4.44 1.03
CA ASP D 315 -23.46 4.93 1.67
C ASP D 315 -24.63 4.85 0.68
N ILE D 316 -24.39 5.27 -0.56
CA ILE D 316 -25.48 5.34 -1.53
C ILE D 316 -25.95 3.93 -1.88
N ARG D 317 -25.04 2.98 -2.07
CA ARG D 317 -25.52 1.63 -2.37
C ARG D 317 -26.18 1.02 -1.14
N TRP D 318 -25.73 1.33 0.07
CA TRP D 318 -26.45 0.82 1.23
C TRP D 318 -27.82 1.48 1.36
N MET D 319 -27.93 2.76 1.03
CA MET D 319 -29.25 3.39 1.11
C MET D 319 -30.22 2.76 0.11
N GLY D 320 -29.69 2.32 -1.04
CA GLY D 320 -30.54 1.72 -2.05
C GLY D 320 -30.75 0.22 -1.86
N SER D 321 -30.17 -0.36 -0.80
CA SER D 321 -30.15 -1.82 -0.66
C SER D 321 -31.54 -2.43 -0.45
N GLY D 322 -31.68 -3.68 -0.88
CA GLY D 322 -32.87 -4.46 -0.59
C GLY D 322 -33.66 -4.84 -1.83
N PRO D 323 -34.95 -4.46 -1.88
CA PRO D 323 -35.63 -3.63 -0.86
C PRO D 323 -36.02 -4.33 0.45
N LEU D 324 -36.41 -5.60 0.40
CA LEU D 324 -36.86 -6.28 1.62
C LEU D 324 -35.75 -6.54 2.63
N THR D 325 -34.57 -6.90 2.15
CA THR D 325 -33.49 -7.35 3.05
C THR D 325 -32.57 -6.20 3.44
N GLY D 326 -32.85 -5.02 2.89
CA GLY D 326 -31.93 -3.90 3.08
C GLY D 326 -32.57 -2.69 3.73
N LEU D 327 -32.01 -1.51 3.47
CA LEU D 327 -32.45 -0.29 4.14
C LEU D 327 -33.57 0.38 3.34
N ALA D 328 -33.54 0.23 2.01
CA ALA D 328 -34.63 0.68 1.12
C ALA D 328 -34.95 2.16 1.33
N GLU D 329 -33.90 2.97 1.50
CA GLU D 329 -34.07 4.40 1.80
C GLU D 329 -34.26 5.23 0.54
N ILE D 330 -33.61 4.82 -0.54
CA ILE D 330 -33.65 5.54 -1.79
C ILE D 330 -33.68 4.55 -2.94
N GLN D 331 -34.00 5.07 -4.12
N GLN D 331 -34.03 5.04 -4.12
CA GLN D 331 -34.03 4.29 -5.35
CA GLN D 331 -34.02 4.24 -5.34
C GLN D 331 -32.98 4.81 -6.32
C GLN D 331 -33.00 4.79 -6.32
N LEU D 332 -32.10 3.93 -6.79
CA LEU D 332 -31.11 4.33 -7.80
C LEU D 332 -31.70 4.18 -9.19
N PRO D 333 -31.33 5.08 -10.11
CA PRO D 333 -31.74 4.89 -11.51
C PRO D 333 -31.23 3.56 -12.06
N ASP D 334 -32.11 2.86 -12.79
CA ASP D 334 -31.78 1.58 -13.38
C ASP D 334 -30.97 1.82 -14.65
N LEU D 335 -29.83 1.17 -14.79
CA LEU D 335 -28.97 1.34 -15.96
C LEU D 335 -28.86 0.06 -16.80
N GLN D 336 -29.17 -1.08 -16.17
CA GLN D 336 -29.08 -2.38 -16.84
C GLN D 336 -30.11 -3.37 -16.30
N PRO D 337 -31.24 -3.54 -17.01
CA PRO D 337 -31.64 -2.71 -18.16
C PRO D 337 -32.71 -1.68 -17.80
N LYS D 345 -35.73 -4.12 -8.74
CA LYS D 345 -34.50 -4.43 -8.00
C LYS D 345 -33.27 -4.11 -8.86
N VAL D 346 -32.82 -2.87 -8.78
CA VAL D 346 -31.74 -2.44 -9.62
C VAL D 346 -30.42 -2.59 -8.84
N ASN D 347 -29.43 -3.22 -9.48
CA ASN D 347 -28.11 -3.32 -8.86
C ASN D 347 -27.40 -1.96 -8.89
N PRO D 348 -26.65 -1.63 -7.82
CA PRO D 348 -25.98 -0.34 -7.75
C PRO D 348 -24.70 -0.35 -8.62
N VAL D 349 -24.87 -0.39 -9.93
CA VAL D 349 -23.69 -0.63 -10.78
C VAL D 349 -22.74 0.56 -10.80
N LEU D 350 -23.25 1.78 -10.70
CA LEU D 350 -22.33 2.91 -10.72
C LEU D 350 -21.58 3.01 -9.38
N PRO D 351 -22.27 2.81 -8.22
CA PRO D 351 -21.44 2.74 -7.00
C PRO D 351 -20.36 1.65 -7.06
N GLU D 352 -20.64 0.54 -7.72
CA GLU D 352 -19.64 -0.50 -7.88
C GLU D 352 -18.49 -0.03 -8.77
N ALA D 353 -18.81 0.72 -9.81
CA ALA D 353 -17.76 1.24 -10.70
C ALA D 353 -16.91 2.24 -9.93
N VAL D 354 -17.56 3.12 -9.17
CA VAL D 354 -16.83 4.10 -8.37
C VAL D 354 -15.89 3.42 -7.35
N THR D 355 -16.38 2.41 -6.60
CA THR D 355 -15.52 1.82 -5.57
C THR D 355 -14.37 0.99 -6.18
N GLN D 356 -14.62 0.36 -7.33
CA GLN D 356 -13.55 -0.33 -8.05
C GLN D 356 -12.51 0.67 -8.60
N VAL D 357 -12.98 1.78 -9.14
CA VAL D 357 -12.04 2.82 -9.60
C VAL D 357 -11.19 3.30 -8.40
N ALA D 358 -11.82 3.52 -7.25
CA ALA D 358 -11.10 3.98 -6.09
C ALA D 358 -9.99 3.00 -5.69
N ALA D 359 -10.30 1.71 -5.71
CA ALA D 359 -9.30 0.68 -5.44
C ALA D 359 -8.13 0.79 -6.41
N GLN D 360 -8.42 1.04 -7.69
CA GLN D 360 -7.37 1.15 -8.68
C GLN D 360 -6.48 2.39 -8.39
N VAL D 361 -7.12 3.47 -7.95
CA VAL D 361 -6.39 4.72 -7.67
C VAL D 361 -5.45 4.50 -6.49
N ILE D 362 -5.93 3.76 -5.50
CA ILE D 362 -5.12 3.44 -4.33
C ILE D 362 -3.92 2.57 -4.72
N GLY D 363 -4.17 1.59 -5.57
CA GLY D 363 -3.09 0.75 -6.08
C GLY D 363 -2.08 1.57 -6.86
N ASN D 364 -2.58 2.38 -7.79
CA ASN D 364 -1.71 3.19 -8.63
C ASN D 364 -0.87 4.12 -7.79
N ASP D 365 -1.49 4.65 -6.73
CA ASP D 365 -0.83 5.57 -5.83
C ASP D 365 0.35 4.89 -5.14
N ALA D 366 0.20 3.62 -4.76
CA ALA D 366 1.33 2.91 -4.13
C ALA D 366 2.47 2.69 -5.14
N ALA D 367 2.13 2.38 -6.39
CA ALA D 367 3.15 2.21 -7.46
C ALA D 367 3.91 3.52 -7.67
N ILE D 368 3.17 4.62 -7.65
CA ILE D 368 3.76 5.94 -7.84
C ILE D 368 4.77 6.33 -6.74
N ALA D 369 4.36 6.13 -5.48
CA ALA D 369 5.23 6.46 -4.34
C ALA D 369 6.49 5.60 -4.36
N TRP D 370 6.33 4.34 -4.73
CA TRP D 370 7.44 3.40 -4.83
C TRP D 370 8.46 3.88 -5.87
N GLY D 371 7.99 4.25 -7.06
CA GLY D 371 8.91 4.78 -8.06
C GLY D 371 9.51 6.09 -7.60
N GLY D 372 8.70 6.93 -6.96
CA GLY D 372 9.14 8.26 -6.53
C GLY D 372 10.32 8.19 -5.56
N ALA D 373 10.33 7.19 -4.69
CA ALA D 373 11.34 7.11 -3.64
C ALA D 373 12.70 6.69 -4.15
N ASN D 374 12.72 6.05 -5.31
CA ASN D 374 13.89 5.29 -5.72
C ASN D 374 14.76 5.90 -6.82
N GLY D 375 14.77 7.22 -6.88
CA GLY D 375 15.74 7.93 -7.71
C GLY D 375 17.16 7.74 -7.21
N ALA D 376 18.14 8.06 -8.05
CA ALA D 376 19.52 8.04 -7.60
C ALA D 376 20.23 9.23 -8.21
N PHE D 377 20.91 9.97 -7.35
CA PHE D 377 21.72 11.10 -7.80
C PHE D 377 20.93 12.03 -8.72
N GLU D 378 21.36 12.21 -9.96
CA GLU D 378 20.80 13.27 -10.80
C GLU D 378 19.53 12.90 -11.55
N LEU D 379 19.04 11.67 -11.39
CA LEU D 379 17.86 11.27 -12.15
C LEU D 379 16.98 10.24 -11.45
N ASN D 380 15.68 10.51 -11.42
CA ASN D 380 14.75 9.47 -11.04
C ASN D 380 14.36 8.69 -12.30
N VAL D 381 14.62 7.37 -12.29
CA VAL D 381 14.38 6.55 -13.49
C VAL D 381 13.16 5.63 -13.33
N TYR D 382 12.04 6.20 -12.89
CA TYR D 382 10.77 5.47 -12.83
C TYR D 382 9.70 6.26 -13.55
N ILE D 383 10.11 7.20 -14.42
CA ILE D 383 9.12 8.13 -14.96
C ILE D 383 8.00 7.50 -15.82
N PRO D 384 8.32 6.61 -16.79
CA PRO D 384 7.19 6.14 -17.59
C PRO D 384 6.15 5.36 -16.78
N MET D 385 6.60 4.58 -15.80
CA MET D 385 5.69 3.85 -14.90
C MET D 385 4.88 4.86 -14.06
N MET D 386 5.54 5.86 -13.51
CA MET D 386 4.84 6.84 -12.67
C MET D 386 3.86 7.61 -13.50
N ALA D 387 4.26 7.93 -14.73
CA ALA D 387 3.36 8.65 -15.66
C ALA D 387 2.14 7.80 -16.00
N ARG D 388 2.36 6.54 -16.33
CA ARG D 388 1.22 5.67 -16.65
C ARG D 388 0.18 5.73 -15.54
N ASN D 389 0.66 5.54 -14.32
CA ASN D 389 -0.23 5.43 -13.16
C ASN D 389 -0.91 6.71 -12.76
N ILE D 390 -0.18 7.84 -12.74
CA ILE D 390 -0.85 9.08 -12.33
C ILE D 390 -1.87 9.52 -13.38
N LEU D 391 -1.50 9.37 -14.65
CA LEU D 391 -2.42 9.78 -15.72
C LEU D 391 -3.64 8.87 -15.74
N GLU D 392 -3.45 7.57 -15.46
CA GLU D 392 -4.63 6.71 -15.38
C GLU D 392 -5.55 7.12 -14.23
N SER D 393 -4.98 7.36 -13.07
CA SER D 393 -5.78 7.81 -11.93
C SER D 393 -6.57 9.09 -12.24
N PHE D 394 -5.95 10.05 -12.89
CA PHE D 394 -6.69 11.25 -13.32
C PHE D 394 -7.89 10.86 -14.20
N LYS D 395 -7.62 10.03 -15.21
CA LYS D 395 -8.64 9.63 -16.17
C LYS D 395 -9.84 8.89 -15.52
N LEU D 396 -9.53 7.85 -14.74
CA LEU D 396 -10.60 7.12 -14.06
C LEU D 396 -11.47 7.99 -13.16
N LEU D 397 -10.83 8.84 -12.35
CA LEU D 397 -11.59 9.69 -11.44
C LEU D 397 -12.45 10.70 -12.22
N THR D 398 -11.88 11.25 -13.27
CA THR D 398 -12.60 12.20 -14.13
C THR D 398 -13.85 11.52 -14.72
N ASN D 399 -13.64 10.40 -15.40
CA ASN D 399 -14.77 9.80 -16.11
C ASN D 399 -15.82 9.19 -15.17
N VAL D 400 -15.40 8.55 -14.08
CA VAL D 400 -16.39 7.93 -13.22
C VAL D 400 -17.14 8.98 -12.39
N SER D 401 -16.52 10.12 -12.12
CA SER D 401 -17.17 11.19 -11.36
C SER D 401 -18.34 11.80 -12.17
N ARG D 402 -18.08 12.08 -13.44
CA ARG D 402 -19.14 12.55 -14.35
C ARG D 402 -20.29 11.53 -14.49
N LEU D 403 -19.94 10.26 -14.71
CA LEU D 403 -20.97 9.20 -14.83
C LEU D 403 -21.78 9.09 -13.54
N PHE D 404 -21.08 9.08 -12.41
CA PHE D 404 -21.71 9.01 -11.09
C PHE D 404 -22.68 10.18 -10.87
N ALA D 405 -22.23 11.38 -11.22
CA ALA D 405 -23.06 12.56 -11.06
C ALA D 405 -24.33 12.48 -11.90
N GLN D 406 -24.16 12.17 -13.18
CA GLN D 406 -25.24 12.30 -14.17
C GLN D 406 -26.19 11.13 -14.16
N ARG D 407 -25.63 9.94 -14.00
CA ARG D 407 -26.44 8.74 -14.18
C ARG D 407 -26.79 8.03 -12.90
N CYS D 408 -26.39 8.59 -11.77
CA CYS D 408 -26.75 7.98 -10.50
C CYS D 408 -27.27 9.05 -9.56
N ILE D 409 -26.43 10.00 -9.17
CA ILE D 409 -26.83 11.02 -8.20
C ILE D 409 -28.06 11.84 -8.66
N ALA D 410 -28.02 12.33 -9.89
CA ALA D 410 -29.07 13.24 -10.36
C ALA D 410 -30.47 12.59 -10.29
N GLY D 411 -30.56 11.29 -10.59
CA GLY D 411 -31.86 10.62 -10.60
C GLY D 411 -32.29 9.86 -9.35
N LEU D 412 -31.55 9.97 -8.25
CA LEU D 412 -31.93 9.31 -7.01
C LEU D 412 -33.30 9.81 -6.57
N THR D 413 -34.13 8.92 -6.03
CA THR D 413 -35.38 9.34 -5.44
C THR D 413 -35.48 8.79 -4.02
N ALA D 414 -35.99 9.61 -3.11
CA ALA D 414 -36.08 9.24 -1.70
C ALA D 414 -37.41 8.58 -1.39
N ASN D 415 -37.39 7.59 -0.53
CA ASN D 415 -38.62 7.00 -0.02
C ASN D 415 -39.01 7.75 1.27
N VAL D 416 -39.64 8.90 1.09
CA VAL D 416 -39.86 9.85 2.19
C VAL D 416 -40.62 9.29 3.40
N GLU D 417 -41.73 8.60 3.18
CA GLU D 417 -42.50 8.09 4.32
C GLU D 417 -41.73 7.03 5.09
N HIS D 418 -41.13 6.09 4.37
CA HIS D 418 -40.27 5.08 5.00
C HIS D 418 -39.16 5.73 5.85
N LEU D 419 -38.51 6.77 5.32
CA LEU D 419 -37.43 7.47 6.02
C LEU D 419 -37.92 8.14 7.31
N ARG D 420 -39.09 8.78 7.26
CA ARG D 420 -39.64 9.35 8.47
C ARG D 420 -39.99 8.27 9.51
N ARG D 421 -40.55 7.15 9.04
CA ARG D 421 -40.80 6.05 9.96
C ARG D 421 -39.49 5.55 10.62
N LEU D 422 -38.41 5.45 9.84
CA LEU D 422 -37.13 5.04 10.44
C LEU D 422 -36.70 6.02 11.54
N ALA D 423 -36.78 7.32 11.25
CA ALA D 423 -36.38 8.34 12.22
C ALA D 423 -37.14 8.18 13.54
N GLU D 424 -38.45 7.97 13.44
CA GLU D 424 -39.32 7.91 14.63
C GLU D 424 -39.16 6.61 15.39
N SER D 425 -38.60 5.60 14.73
CA SER D 425 -38.50 4.29 15.37
C SER D 425 -37.19 4.16 16.17
N SER D 426 -36.20 5.01 15.90
CA SER D 426 -34.91 4.87 16.60
C SER D 426 -35.07 5.10 18.09
N PRO D 427 -34.65 4.14 18.93
CA PRO D 427 -34.71 4.36 20.38
C PRO D 427 -33.82 5.52 20.85
N SER D 428 -32.86 5.92 20.02
CA SER D 428 -31.94 6.98 20.41
C SER D 428 -32.61 8.36 20.40
N ILE D 429 -33.84 8.44 19.92
CA ILE D 429 -34.57 9.72 19.93
C ILE D 429 -34.92 10.13 21.37
N VAL D 430 -34.63 9.25 22.33
CA VAL D 430 -34.72 9.60 23.76
C VAL D 430 -33.63 10.61 24.18
N THR D 431 -32.65 10.79 23.32
CA THR D 431 -31.46 11.56 23.67
C THR D 431 -31.75 13.02 24.11
N PRO D 432 -32.67 13.73 23.44
CA PRO D 432 -32.83 15.11 23.91
C PRO D 432 -33.52 15.21 25.29
N LEU D 433 -33.90 14.09 25.89
CA LEU D 433 -34.47 14.14 27.24
C LEU D 433 -33.39 14.11 28.31
N ASN D 434 -32.12 14.00 27.89
CA ASN D 434 -31.00 13.89 28.84
C ASN D 434 -30.99 14.98 29.91
N SER D 435 -31.23 16.23 29.51
CA SER D 435 -31.15 17.35 30.46
C SER D 435 -32.30 17.33 31.47
N ALA D 436 -33.36 16.58 31.17
CA ALA D 436 -34.55 16.55 32.04
C ALA D 436 -34.58 15.30 32.93
N ILE D 437 -34.12 14.16 32.45
CA ILE D 437 -34.22 12.94 33.25
C ILE D 437 -32.86 12.29 33.51
N GLY D 438 -31.81 12.84 32.90
CA GLY D 438 -30.46 12.33 33.13
C GLY D 438 -30.16 11.14 32.22
N TYR D 439 -28.88 10.95 31.91
CA TYR D 439 -28.44 9.89 30.99
C TYR D 439 -28.90 8.50 31.43
N GLU D 440 -28.77 8.20 32.71
CA GLU D 440 -29.04 6.83 33.17
C GLU D 440 -30.52 6.46 33.05
N GLU D 441 -31.42 7.37 33.38
CA GLU D 441 -32.84 7.07 33.21
C GLU D 441 -33.24 6.98 31.74
N ALA D 442 -32.74 7.90 30.91
CA ALA D 442 -33.03 7.84 29.48
C ALA D 442 -32.59 6.48 28.91
N ALA D 443 -31.52 5.91 29.46
CA ALA D 443 -31.02 4.60 29.02
C ALA D 443 -32.04 3.51 29.35
N ALA D 444 -32.61 3.60 30.54
CA ALA D 444 -33.66 2.67 30.96
C ALA D 444 -34.88 2.83 30.04
N VAL D 445 -35.20 4.05 29.65
CA VAL D 445 -36.32 4.28 28.74
C VAL D 445 -36.10 3.60 27.39
N ALA D 446 -34.93 3.83 26.78
CA ALA D 446 -34.61 3.22 25.48
C ALA D 446 -34.70 1.69 25.56
N LYS D 447 -34.17 1.13 26.64
CA LYS D 447 -34.14 -0.32 26.82
C LYS D 447 -35.54 -0.89 26.92
N GLN D 448 -36.43 -0.20 27.62
CA GLN D 448 -37.79 -0.74 27.80
C GLN D 448 -38.64 -0.58 26.53
N ALA D 449 -38.44 0.51 25.81
CA ALA D 449 -39.13 0.73 24.56
C ALA D 449 -38.84 -0.42 23.58
N LEU D 450 -37.57 -0.77 23.46
CA LEU D 450 -37.13 -1.88 22.60
C LEU D 450 -37.75 -3.21 23.02
N LYS D 451 -37.62 -3.49 24.30
CA LYS D 451 -38.15 -4.70 24.89
C LYS D 451 -39.65 -4.87 24.64
N GLU D 452 -40.43 -3.80 24.82
CA GLU D 452 -41.88 -3.92 24.75
C GLU D 452 -42.43 -3.56 23.37
N ARG D 453 -41.53 -3.25 22.44
CA ARG D 453 -41.92 -2.87 21.08
C ARG D 453 -42.82 -1.64 21.08
N LYS D 454 -42.53 -0.69 21.97
CA LYS D 454 -43.24 0.59 22.06
C LYS D 454 -42.39 1.78 21.64
N THR D 455 -43.07 2.87 21.28
CA THR D 455 -42.39 4.13 21.03
C THR D 455 -41.72 4.64 22.29
N ILE D 456 -40.74 5.53 22.12
CA ILE D 456 -40.11 6.19 23.26
C ILE D 456 -41.12 7.04 24.06
N ARG D 457 -42.01 7.72 23.35
CA ARG D 457 -43.01 8.57 24.00
C ARG D 457 -43.86 7.76 24.96
N GLN D 458 -44.38 6.61 24.50
CA GLN D 458 -45.24 5.80 25.34
C GLN D 458 -44.46 5.29 26.55
N THR D 459 -43.21 4.90 26.32
CA THR D 459 -42.36 4.37 27.39
C THR D 459 -42.04 5.40 28.46
N VAL D 460 -41.83 6.66 28.05
CA VAL D 460 -41.58 7.72 29.03
C VAL D 460 -42.80 7.83 29.94
N ILE D 461 -43.97 7.79 29.31
CA ILE D 461 -45.25 7.84 30.01
C ILE D 461 -45.39 6.62 30.92
N ASP D 462 -45.26 5.42 30.35
CA ASP D 462 -45.35 4.16 31.13
C ASP D 462 -44.44 4.12 32.36
N ARG D 463 -43.30 4.81 32.30
CA ARG D 463 -42.35 4.80 33.42
C ARG D 463 -42.63 5.93 34.40
N GLY D 464 -43.78 6.60 34.20
CA GLY D 464 -44.21 7.67 35.08
C GLY D 464 -43.21 8.81 35.18
N LEU D 465 -42.69 9.24 34.03
CA LEU D 465 -41.68 10.29 34.04
C LEU D 465 -42.28 11.68 33.79
N ILE D 466 -43.56 11.74 33.43
CA ILE D 466 -44.23 13.03 33.30
C ILE D 466 -44.41 13.60 34.70
N GLY D 467 -43.86 14.79 34.92
CA GLY D 467 -43.85 15.39 36.25
C GLY D 467 -43.49 16.86 36.17
N ASP D 468 -42.98 17.42 37.26
CA ASP D 468 -42.66 18.84 37.27
C ASP D 468 -41.47 19.10 36.36
N ARG D 469 -40.60 18.10 36.22
CA ARG D 469 -39.36 18.26 35.44
C ARG D 469 -39.52 17.91 33.96
N LEU D 470 -40.70 17.44 33.56
CA LEU D 470 -40.99 17.13 32.16
C LEU D 470 -42.49 17.02 31.89
N SER D 471 -43.05 18.04 31.23
CA SER D 471 -44.46 18.06 30.90
C SER D 471 -44.71 17.26 29.63
N ILE D 472 -45.96 16.92 29.37
CA ILE D 472 -46.28 16.14 28.18
C ILE D 472 -46.06 17.02 26.94
N GLU D 473 -46.19 18.33 27.12
CA GLU D 473 -45.99 19.27 26.02
C GLU D 473 -44.50 19.41 25.71
N ASP D 474 -43.68 19.40 26.76
CA ASP D 474 -42.22 19.41 26.58
C ASP D 474 -41.76 18.10 25.91
N LEU D 475 -42.26 16.97 26.39
CA LEU D 475 -41.95 15.67 25.81
C LEU D 475 -42.24 15.63 24.30
N ASP D 476 -43.43 16.08 23.91
CA ASP D 476 -43.79 16.03 22.49
C ASP D 476 -43.03 17.06 21.68
N ARG D 477 -42.54 18.10 22.35
CA ARG D 477 -41.72 19.10 21.67
C ARG D 477 -40.34 18.50 21.38
N ARG D 478 -39.77 17.85 22.40
CA ARG D 478 -38.42 17.32 22.34
C ARG D 478 -38.30 16.09 21.42
N LEU D 479 -39.41 15.39 21.19
CA LEU D 479 -39.37 14.17 20.40
C LEU D 479 -39.75 14.35 18.94
N ASP D 480 -40.04 15.58 18.51
CA ASP D 480 -40.29 15.82 17.09
C ASP D 480 -39.00 15.56 16.31
N VAL D 481 -39.02 14.54 15.46
CA VAL D 481 -37.77 14.10 14.83
C VAL D 481 -37.21 15.12 13.84
N LEU D 482 -38.05 15.79 13.07
CA LEU D 482 -37.53 16.79 12.15
C LEU D 482 -36.86 17.90 12.95
N ALA D 483 -37.51 18.35 14.01
CA ALA D 483 -36.92 19.40 14.85
C ALA D 483 -35.61 18.91 15.48
N MET D 484 -35.58 17.65 15.87
CA MET D 484 -34.41 17.05 16.49
C MET D 484 -33.22 17.01 15.52
N ALA D 485 -33.51 16.99 14.22
CA ALA D 485 -32.48 17.02 13.18
C ALA D 485 -31.85 18.40 13.03
N LYS D 486 -32.52 19.43 13.54
CA LYS D 486 -31.98 20.80 13.53
C LYS D 486 -31.48 21.24 12.18
N ALA D 487 -32.31 21.06 11.15
CA ALA D 487 -31.95 21.52 9.81
C ALA D 487 -32.03 23.05 9.73
N GLU D 488 -30.97 23.70 9.25
CA GLU D 488 -30.86 25.16 9.33
C GLU D 488 -31.78 25.88 8.32
N GLN D 489 -32.06 27.16 8.58
CA GLN D 489 -32.89 27.96 7.67
C GLN D 489 -32.14 28.23 6.35
N LEU D 490 -32.85 28.12 5.23
CA LEU D 490 -32.24 28.23 3.91
C LEU D 490 -32.00 29.68 3.49
#